data_7LK4
#
_entry.id   7LK4
#
_cell.length_a   57.170
_cell.length_b   271.800
_cell.length_c   74.040
_cell.angle_alpha   90.000
_cell.angle_beta   91.790
_cell.angle_gamma   90.000
#
_symmetry.space_group_name_H-M   'P 1 21 1'
#
loop_
_entity.id
_entity.type
_entity.pdbx_description
1 polymer 'Bcl-2 homologous antagonist/killer'
2 polymer '7D10 antibody VL fragment'
3 polymer '7D10 antibody VH fragment'
4 non-polymer (4S)-2-METHYL-2,4-PENTANEDIOL
5 water water
#
loop_
_entity_poly.entity_id
_entity_poly.type
_entity_poly.pdbx_seq_one_letter_code
_entity_poly.pdbx_strand_id
1 'polypeptide(L)'
;SEEQVAQDTEEVFRSYVFYRHQQEQEAEGVAAPADPEMVTLPLQPSSTMGQVGRQLAIIGDDINRRYDSEFQTMLQHAQP
TAENAYEYFTKIATSLFESGINWGRVVALLGFGYRLALHVYQHGLTGFLGQVTRFVVDFMLHHSIARWIAQRGGWVAALN
LGNG
;
P,Q,R,S
2 'polypeptide(L)'
;GSDVQMTQSPSYLAASPGESVSISCKATENINTYLAWYQAKPGKTTKLLLYSGSTLQSGTPSRFSGSGSGTDFTLTISSL
EPEDFAVYYCQQHNEYPLTFGSGTKLEIK
;
A,C,E,G
3 'polypeptide(L)'
;GSEVELVESGGDLVQPGRSLKLSCAASGFTFSNLAMAWVRQTPTKGLEWVASISPAGITTYYRDSVKGRFTISRDNARNT
QYLQMDSLRSEDTATYYCARHTGKSSFFDYWGQGVMVTVSSGSENLYFQ
;
B,D,F,H
#
loop_
_chem_comp.id
_chem_comp.type
_chem_comp.name
_chem_comp.formula
MPD non-polymer (4S)-2-METHYL-2,4-PENTANEDIOL 'C6 H14 O2'
#
# COMPACT_ATOMS: atom_id res chain seq x y z
N SER A 1 -10.45 9.47 -21.84
CA SER A 1 -10.77 8.06 -21.99
C SER A 1 -9.51 7.20 -21.98
N GLU A 2 -9.67 5.94 -21.55
CA GLU A 2 -8.57 4.98 -21.60
C GLU A 2 -8.06 4.79 -23.01
N GLU A 3 -8.94 4.98 -24.00
CA GLU A 3 -8.56 4.86 -25.40
C GLU A 3 -7.61 5.97 -25.84
N GLN A 4 -7.76 7.17 -25.29
CA GLN A 4 -6.91 8.27 -25.71
C GLN A 4 -5.47 8.08 -25.25
N VAL A 5 -5.28 7.75 -23.96
CA VAL A 5 -3.93 7.62 -23.41
C VAL A 5 -3.18 6.42 -24.00
N ALA A 6 -3.88 5.36 -24.37
CA ALA A 6 -3.21 4.15 -24.83
C ALA A 6 -2.35 4.41 -26.07
N GLN A 7 -2.90 5.04 -27.10
CA GLN A 7 -2.15 5.26 -28.32
C GLN A 7 -1.33 6.55 -28.29
N ASP A 8 -1.77 7.56 -27.56
CA ASP A 8 -1.01 8.80 -27.44
C ASP A 8 0.37 8.57 -26.81
N THR A 9 0.54 7.47 -26.08
CA THR A 9 1.85 7.15 -25.50
C THR A 9 2.90 6.98 -26.59
N GLU A 10 2.50 6.44 -27.75
CA GLU A 10 3.45 6.21 -28.84
C GLU A 10 4.12 7.51 -29.27
N GLU A 11 3.34 8.60 -29.38
CA GLU A 11 3.92 9.88 -29.75
C GLU A 11 4.64 10.53 -28.58
N VAL A 12 4.10 10.40 -27.36
CA VAL A 12 4.74 10.99 -26.20
C VAL A 12 6.07 10.30 -25.91
N PHE A 13 6.11 8.96 -26.04
CA PHE A 13 7.33 8.23 -25.72
C PHE A 13 8.39 8.42 -26.79
N ARG A 14 8.00 8.32 -28.06
CA ARG A 14 8.97 8.49 -29.15
C ARG A 14 9.58 9.88 -29.12
N SER A 15 8.80 10.89 -28.75
CA SER A 15 9.35 12.23 -28.57
C SER A 15 10.12 12.35 -27.27
N TYR A 16 9.78 11.53 -26.27
CA TYR A 16 10.50 11.59 -24.99
C TYR A 16 11.92 11.08 -25.14
N VAL A 17 12.08 9.92 -25.81
CA VAL A 17 13.41 9.34 -25.95
C VAL A 17 14.28 10.17 -26.87
N PHE A 18 13.67 10.89 -27.81
CA PHE A 18 14.45 11.74 -28.71
C PHE A 18 15.05 12.92 -27.96
N TYR A 19 14.23 13.64 -27.18
CA TYR A 19 14.73 14.78 -26.43
C TYR A 19 15.58 14.34 -25.23
N ARG A 20 15.32 13.16 -24.68
CA ARG A 20 16.17 12.62 -23.63
C ARG A 20 17.58 12.33 -24.13
N HIS A 21 17.71 11.92 -25.39
CA HIS A 21 19.03 11.68 -25.97
C HIS A 21 19.69 12.99 -26.39
N GLN A 22 18.89 13.99 -26.78
CA GLN A 22 19.43 15.26 -27.25
C GLN A 22 20.09 16.05 -26.11
N GLN A 23 19.74 15.77 -24.86
CA GLN A 23 20.34 16.46 -23.74
C GLN A 23 21.44 15.66 -23.04
N GLU A 24 21.50 14.35 -23.24
CA GLU A 24 22.53 13.55 -22.61
C GLU A 24 23.90 13.70 -23.26
N GLN A 25 23.96 14.19 -24.49
CA GLN A 25 25.23 14.45 -25.16
C GLN A 25 25.36 15.92 -25.56
N GLU A 26 24.70 16.81 -24.86
CA GLU A 26 24.78 18.22 -25.18
C GLU A 26 26.16 18.79 -24.80
N ALA A 27 26.31 20.09 -25.08
CA ALA A 27 27.56 20.83 -24.92
C ALA A 27 27.71 21.32 -23.48
N GLU A 28 27.99 20.40 -22.56
CA GLU A 28 28.28 20.79 -21.18
C GLU A 28 29.38 21.85 -21.16
N GLY A 29 29.00 23.10 -21.44
CA GLY A 29 29.95 24.16 -21.73
C GLY A 29 29.76 24.71 -23.13
N VAL A 30 30.87 25.14 -23.74
CA VAL A 30 30.83 25.58 -25.13
C VAL A 30 30.94 24.38 -26.05
N ALA A 31 30.20 24.41 -27.15
CA ALA A 31 30.16 23.28 -28.07
C ALA A 31 31.40 23.21 -28.95
N ALA A 32 31.87 21.99 -29.19
CA ALA A 32 32.92 21.76 -30.16
C ALA A 32 32.43 22.12 -31.56
N PRO A 33 33.34 22.30 -32.51
CA PRO A 33 32.93 22.52 -33.90
C PRO A 33 31.98 21.42 -34.38
N ALA A 34 30.82 21.83 -34.88
CA ALA A 34 29.79 20.90 -35.32
C ALA A 34 29.42 21.17 -36.77
N ASP A 35 29.13 20.11 -37.50
CA ASP A 35 28.71 20.18 -38.89
C ASP A 35 27.26 20.62 -39.01
N PRO A 36 26.90 21.35 -40.08
CA PRO A 36 25.53 21.79 -40.32
C PRO A 36 24.55 20.62 -40.43
N PRO A 45 6.33 17.23 -35.06
CA PRO A 45 6.98 17.40 -33.75
C PRO A 45 6.47 18.61 -32.99
N SER A 46 5.47 19.29 -33.56
N SER A 46 5.47 19.28 -33.55
CA SER A 46 4.87 20.47 -32.95
CA SER A 46 4.87 20.47 -32.95
C SER A 46 3.42 20.22 -32.55
C SER A 46 3.42 20.23 -32.54
N SER A 47 3.08 18.98 -32.22
CA SER A 47 1.74 18.64 -31.79
C SER A 47 1.65 18.68 -30.27
N THR A 48 0.46 18.39 -29.73
CA THR A 48 0.28 18.41 -28.28
C THR A 48 1.03 17.27 -27.62
N MET A 49 0.81 16.05 -28.09
CA MET A 49 1.51 14.89 -27.52
C MET A 49 2.97 14.87 -27.91
N GLY A 50 3.33 15.45 -29.06
CA GLY A 50 4.74 15.53 -29.42
C GLY A 50 5.54 16.45 -28.52
N GLN A 51 4.90 17.51 -28.01
CA GLN A 51 5.58 18.42 -27.10
C GLN A 51 5.56 17.92 -25.66
N VAL A 52 4.55 17.13 -25.29
CA VAL A 52 4.49 16.57 -23.94
C VAL A 52 5.72 15.71 -23.66
N GLY A 53 6.15 14.92 -24.66
CA GLY A 53 7.36 14.13 -24.48
C GLY A 53 8.58 14.99 -24.21
N ARG A 54 8.59 16.22 -24.72
CA ARG A 54 9.69 17.14 -24.45
C ARG A 54 9.57 17.76 -23.07
N GLN A 55 8.35 18.17 -22.67
CA GLN A 55 8.19 18.83 -21.38
C GLN A 55 8.59 17.92 -20.22
N LEU A 56 8.33 16.61 -20.35
CA LEU A 56 8.74 15.68 -19.31
C LEU A 56 10.20 15.26 -19.42
N ALA A 57 10.78 15.37 -20.62
CA ALA A 57 12.18 14.97 -20.80
C ALA A 57 13.15 15.99 -20.18
N ILE A 58 12.72 17.24 -20.02
CA ILE A 58 13.57 18.28 -19.45
C ILE A 58 13.32 18.45 -17.96
N HIS A 77 0.25 23.61 -1.79
CA HIS A 77 -1.12 23.53 -2.29
C HIS A 77 -2.11 23.80 -1.17
N ALA A 78 -2.22 22.84 -0.24
CA ALA A 78 -3.12 22.97 0.89
C ALA A 78 -2.65 23.99 1.91
N GLN A 79 -1.38 24.43 1.83
CA GLN A 79 -0.77 25.38 2.77
C GLN A 79 -0.97 24.89 4.20
N PRO A 80 -0.10 24.02 4.72
CA PRO A 80 -0.33 23.45 6.05
C PRO A 80 -0.27 24.51 7.15
N THR A 81 -0.89 24.20 8.29
CA THR A 81 -0.96 25.15 9.39
C THR A 81 -0.15 24.63 10.59
N ALA A 82 -0.52 25.05 11.80
CA ALA A 82 0.21 24.63 13.00
C ALA A 82 -0.63 23.76 13.93
N GLU A 83 -1.75 24.26 14.45
CA GLU A 83 -2.55 23.61 15.49
C GLU A 83 -3.13 22.19 15.08
N ASN A 84 -2.80 21.60 13.92
CA ASN A 84 -3.28 20.29 13.50
C ASN A 84 -2.38 19.76 12.40
N ALA A 85 -1.09 19.99 12.53
CA ALA A 85 -0.13 19.68 11.47
C ALA A 85 0.26 18.21 11.47
N TYR A 86 0.58 17.65 12.65
CA TYR A 86 1.15 16.31 12.72
C TYR A 86 0.28 15.25 12.07
N GLU A 87 -1.04 15.42 12.07
CA GLU A 87 -1.90 14.46 11.39
C GLU A 87 -1.65 14.46 9.88
N TYR A 88 -1.52 15.65 9.28
CA TYR A 88 -1.31 15.77 7.84
C TYR A 88 0.11 15.41 7.43
N PHE A 89 1.08 15.51 8.34
CA PHE A 89 2.49 15.25 7.98
C PHE A 89 2.78 13.76 7.84
N THR A 90 2.47 12.98 8.89
CA THR A 90 2.81 11.56 8.86
C THR A 90 2.05 10.81 7.76
N LYS A 91 0.87 11.29 7.38
CA LYS A 91 0.14 10.65 6.29
C LYS A 91 0.88 10.83 4.96
N ILE A 92 1.41 12.02 4.71
CA ILE A 92 2.11 12.28 3.45
C ILE A 92 3.45 11.55 3.42
N ALA A 93 4.18 11.57 4.54
CA ALA A 93 5.49 10.93 4.57
C ALA A 93 5.40 9.44 4.28
N THR A 94 4.36 8.78 4.77
CA THR A 94 4.16 7.36 4.48
C THR A 94 3.78 7.13 3.02
N SER A 95 3.12 8.11 2.40
CA SER A 95 2.66 7.98 1.02
C SER A 95 3.81 7.92 0.02
N LEU A 96 5.05 8.17 0.45
CA LEU A 96 6.19 8.05 -0.45
C LEU A 96 6.59 6.61 -0.71
N PHE A 97 6.23 5.69 0.18
CA PHE A 97 6.64 4.30 0.07
C PHE A 97 5.49 3.37 -0.31
N GLU A 98 4.25 3.82 -0.22
CA GLU A 98 3.10 2.98 -0.50
C GLU A 98 2.94 2.75 -2.00
N SER A 99 2.27 1.65 -2.33
CA SER A 99 1.94 1.36 -3.71
C SER A 99 0.92 2.37 -4.23
N GLY A 100 1.12 2.82 -5.46
CA GLY A 100 0.24 3.81 -6.06
C GLY A 100 0.86 4.40 -7.30
N ILE A 101 0.14 5.35 -7.88
CA ILE A 101 0.54 6.00 -9.12
C ILE A 101 0.53 7.51 -8.91
N ASN A 102 1.68 8.15 -9.10
CA ASN A 102 1.78 9.60 -9.18
C ASN A 102 2.47 9.97 -10.48
N TRP A 103 2.46 11.27 -10.78
CA TRP A 103 3.05 11.75 -12.04
C TRP A 103 4.55 11.49 -12.10
N GLY A 104 5.22 11.53 -10.95
CA GLY A 104 6.65 11.26 -10.94
C GLY A 104 6.98 9.84 -11.37
N ARG A 105 6.23 8.86 -10.86
CA ARG A 105 6.47 7.47 -11.22
C ARG A 105 6.17 7.20 -12.69
N VAL A 106 5.22 7.93 -13.27
CA VAL A 106 4.91 7.77 -14.68
C VAL A 106 6.06 8.27 -15.55
N VAL A 107 6.63 9.43 -15.20
CA VAL A 107 7.78 9.94 -15.93
C VAL A 107 8.97 9.02 -15.72
N ALA A 108 9.14 8.50 -14.51
CA ALA A 108 10.21 7.53 -14.25
C ALA A 108 10.03 6.28 -15.11
N LEU A 109 8.78 5.87 -15.33
CA LEU A 109 8.53 4.74 -16.22
C LEU A 109 8.95 5.07 -17.65
N LEU A 110 8.67 6.29 -18.12
CA LEU A 110 9.14 6.71 -19.43
C LEU A 110 10.66 6.68 -19.50
N GLY A 111 11.33 7.24 -18.49
CA GLY A 111 12.78 7.22 -18.47
C GLY A 111 13.37 5.82 -18.51
N PHE A 112 12.66 4.85 -17.91
CA PHE A 112 13.11 3.46 -18.01
C PHE A 112 13.04 2.96 -19.44
N GLY A 113 12.00 3.37 -20.18
CA GLY A 113 11.93 3.02 -21.59
C GLY A 113 13.06 3.64 -22.40
N TYR A 114 13.46 4.85 -22.03
CA TYR A 114 14.63 5.46 -22.65
C TYR A 114 15.88 4.63 -22.39
N ARG A 115 16.13 4.31 -21.12
CA ARG A 115 17.27 3.46 -20.79
C ARG A 115 17.12 2.07 -21.40
N LEU A 116 15.89 1.64 -21.65
CA LEU A 116 15.68 0.36 -22.32
C LEU A 116 16.03 0.45 -23.80
N ALA A 117 15.46 1.44 -24.50
CA ALA A 117 15.71 1.56 -25.93
C ALA A 117 17.17 1.88 -26.21
N LEU A 118 17.82 2.69 -25.38
CA LEU A 118 19.21 3.05 -25.60
C LEU A 118 20.16 1.90 -25.31
N HIS A 119 20.18 1.45 -24.05
CA HIS A 119 21.18 0.46 -23.63
C HIS A 119 21.00 -0.89 -24.33
N VAL A 120 19.81 -1.19 -24.83
CA VAL A 120 19.61 -2.44 -25.56
C VAL A 120 19.96 -2.27 -27.03
N TYR A 121 19.87 -1.04 -27.57
CA TYR A 121 20.35 -0.78 -28.92
C TYR A 121 21.85 -0.99 -29.01
N GLN A 122 22.58 -0.59 -27.96
CA GLN A 122 24.03 -0.77 -27.95
C GLN A 122 24.39 -2.26 -27.96
N HIS A 123 23.80 -3.03 -27.06
CA HIS A 123 24.12 -4.45 -26.91
C HIS A 123 23.16 -5.35 -27.68
N GLY A 124 22.39 -4.78 -28.61
CA GLY A 124 21.47 -5.57 -29.41
C GLY A 124 21.79 -5.58 -30.89
N LEU A 125 21.26 -6.58 -31.60
CA LEU A 125 21.56 -6.72 -33.02
C LEU A 125 20.87 -5.67 -33.87
N THR A 126 19.79 -5.05 -33.39
CA THR A 126 19.01 -4.13 -34.20
C THR A 126 18.63 -2.91 -33.36
N GLY A 127 17.93 -1.97 -34.00
CA GLY A 127 17.35 -0.84 -33.31
C GLY A 127 16.01 -1.18 -32.71
N PHE A 128 15.88 -1.04 -31.39
CA PHE A 128 14.70 -1.52 -30.67
C PHE A 128 13.92 -0.33 -30.12
N LEU A 129 13.25 0.38 -31.03
CA LEU A 129 12.35 1.46 -30.65
C LEU A 129 10.89 1.04 -30.78
N GLY A 130 10.51 0.42 -31.89
CA GLY A 130 9.13 0.00 -32.08
C GLY A 130 8.72 -1.13 -31.15
N GLN A 131 9.62 -2.09 -30.92
CA GLN A 131 9.31 -3.20 -30.04
C GLN A 131 9.35 -2.81 -28.56
N VAL A 132 9.89 -1.64 -28.23
CA VAL A 132 9.97 -1.19 -26.84
C VAL A 132 8.76 -0.34 -26.46
N THR A 133 8.29 0.50 -27.38
CA THR A 133 7.05 1.24 -27.14
C THR A 133 5.88 0.29 -26.88
N ARG A 134 5.86 -0.86 -27.54
CA ARG A 134 4.87 -1.88 -27.24
C ARG A 134 5.01 -2.36 -25.80
N PHE A 135 6.25 -2.59 -25.35
CA PHE A 135 6.49 -3.04 -23.98
C PHE A 135 6.04 -2.00 -22.96
N VAL A 136 6.13 -0.71 -23.29
CA VAL A 136 5.74 0.34 -22.36
C VAL A 136 4.22 0.47 -22.30
N VAL A 137 3.57 0.48 -23.47
CA VAL A 137 2.12 0.63 -23.53
C VAL A 137 1.44 -0.55 -22.85
N ASP A 138 1.94 -1.77 -23.10
CA ASP A 138 1.36 -2.96 -22.49
C ASP A 138 1.38 -2.87 -20.97
N PHE A 139 2.51 -2.42 -20.41
CA PHE A 139 2.63 -2.34 -18.95
C PHE A 139 1.68 -1.29 -18.40
N MET A 140 1.57 -0.13 -19.06
CA MET A 140 0.64 0.90 -18.61
C MET A 140 -0.80 0.44 -18.72
N LEU A 141 -1.16 -0.20 -19.84
CA LEU A 141 -2.52 -0.65 -20.06
C LEU A 141 -2.94 -1.69 -19.01
N HIS A 142 -2.05 -2.64 -18.71
CA HIS A 142 -2.34 -3.69 -17.74
C HIS A 142 -2.53 -3.10 -16.35
N HIS A 143 -1.47 -2.55 -15.77
CA HIS A 143 -1.47 -2.15 -14.37
C HIS A 143 -2.27 -0.86 -14.12
N SER A 144 -3.32 -0.63 -14.92
CA SER A 144 -4.26 0.46 -14.73
C SER A 144 -3.61 1.84 -14.77
N ILE A 145 -2.36 1.93 -15.24
CA ILE A 145 -1.67 3.21 -15.30
C ILE A 145 -2.26 4.09 -16.40
N ALA A 146 -2.54 3.51 -17.56
CA ALA A 146 -3.12 4.26 -18.68
C ALA A 146 -4.48 4.84 -18.30
N ARG A 147 -5.29 4.07 -17.58
CA ARG A 147 -6.58 4.59 -17.12
C ARG A 147 -6.38 5.68 -16.06
N TRP A 148 -5.39 5.51 -15.19
CA TRP A 148 -5.10 6.53 -14.18
C TRP A 148 -4.77 7.86 -14.85
N ILE A 149 -3.99 7.82 -15.93
CA ILE A 149 -3.66 9.04 -16.65
C ILE A 149 -4.92 9.61 -17.31
N ALA A 150 -5.76 8.75 -17.85
CA ALA A 150 -6.99 9.20 -18.50
C ALA A 150 -7.92 9.88 -17.50
N GLN A 151 -7.99 9.37 -16.28
CA GLN A 151 -8.86 9.95 -15.27
C GLN A 151 -8.37 11.31 -14.78
N ARG A 152 -7.15 11.70 -15.13
CA ARG A 152 -6.64 13.03 -14.82
C ARG A 152 -6.83 14.00 -15.98
N GLY A 153 -7.41 13.53 -17.09
CA GLY A 153 -7.63 14.35 -18.27
C GLY A 153 -6.88 13.86 -19.48
N GLY A 154 -5.74 13.19 -19.27
CA GLY A 154 -4.86 12.70 -20.31
C GLY A 154 -3.44 13.15 -20.04
N TRP A 155 -2.57 12.92 -21.03
CA TRP A 155 -1.16 13.32 -20.89
C TRP A 155 -1.01 14.82 -20.71
N VAL A 156 -1.98 15.61 -21.18
CA VAL A 156 -1.90 17.07 -21.11
C VAL A 156 -2.03 17.57 -19.67
N ALA A 157 -2.21 16.65 -18.73
CA ALA A 157 -2.42 17.00 -17.33
C ALA A 157 -1.13 16.98 -16.50
N ALA A 158 0.02 16.76 -17.14
CA ALA A 158 1.27 16.67 -16.40
C ALA A 158 1.90 18.03 -16.15
N LEU A 159 1.65 19.00 -17.04
CA LEU A 159 2.28 20.31 -16.94
C LEU A 159 1.43 21.27 -16.10
N ASN A 160 1.23 20.88 -14.84
CA ASN A 160 0.49 21.71 -13.90
C ASN A 160 1.07 21.61 -12.50
N SER B 1 0.96 5.09 26.21
CA SER B 1 2.18 5.30 25.43
C SER B 1 2.51 4.07 24.58
N GLU B 2 3.21 4.30 23.47
CA GLU B 2 3.64 3.19 22.62
C GLU B 2 4.52 2.21 23.39
N GLU B 3 5.27 2.69 24.38
CA GLU B 3 6.05 1.79 25.21
C GLU B 3 5.14 0.97 26.14
N GLN B 4 4.04 1.58 26.60
CA GLN B 4 3.10 0.87 27.46
C GLN B 4 2.36 -0.22 26.70
N VAL B 5 1.81 0.13 25.53
CA VAL B 5 1.03 -0.83 24.75
C VAL B 5 1.91 -1.97 24.26
N ALA B 6 3.21 -1.69 24.02
CA ALA B 6 4.14 -2.72 23.59
C ALA B 6 4.19 -3.86 24.60
N GLN B 7 4.22 -3.53 25.89
CA GLN B 7 4.33 -4.54 26.93
C GLN B 7 2.99 -5.21 27.23
N ASP B 8 1.88 -4.47 27.08
CA ASP B 8 0.57 -5.07 27.26
C ASP B 8 0.28 -6.14 26.23
N THR B 9 0.95 -6.09 25.07
CA THR B 9 0.73 -7.10 24.04
C THR B 9 1.08 -8.51 24.53
N GLU B 10 2.10 -8.63 25.38
CA GLU B 10 2.51 -9.96 25.86
C GLU B 10 1.37 -10.68 26.56
N GLU B 11 0.63 -9.98 27.41
CA GLU B 11 -0.52 -10.60 28.07
C GLU B 11 -1.71 -10.73 27.13
N VAL B 12 -1.93 -9.72 26.28
CA VAL B 12 -3.04 -9.76 25.34
C VAL B 12 -2.85 -10.88 24.33
N PHE B 13 -1.61 -11.10 23.88
CA PHE B 13 -1.36 -12.10 22.85
C PHE B 13 -1.54 -13.52 23.40
N ARG B 14 -0.97 -13.80 24.57
CA ARG B 14 -1.14 -15.13 25.15
C ARG B 14 -2.61 -15.39 25.47
N SER B 15 -3.34 -14.37 25.93
CA SER B 15 -4.75 -14.54 26.20
C SER B 15 -5.55 -14.67 24.90
N TYR B 16 -5.06 -14.07 23.82
CA TYR B 16 -5.74 -14.21 22.53
C TYR B 16 -5.55 -15.61 21.97
N VAL B 17 -4.31 -16.11 21.94
CA VAL B 17 -4.05 -17.41 21.36
C VAL B 17 -4.61 -18.53 22.23
N PHE B 18 -4.72 -18.30 23.55
CA PHE B 18 -5.29 -19.32 24.43
C PHE B 18 -6.78 -19.49 24.17
N TYR B 19 -7.53 -18.39 24.17
CA TYR B 19 -8.96 -18.50 23.95
C TYR B 19 -9.29 -18.81 22.49
N ARG B 20 -8.44 -18.38 21.55
CA ARG B 20 -8.61 -18.81 20.17
C ARG B 20 -8.36 -20.30 20.01
N HIS B 21 -7.45 -20.86 20.82
CA HIS B 21 -7.19 -22.30 20.76
C HIS B 21 -8.29 -23.09 21.46
N GLN B 22 -8.89 -22.52 22.52
CA GLN B 22 -9.94 -23.22 23.23
C GLN B 22 -11.21 -23.36 22.41
N GLN B 23 -11.38 -22.53 21.37
CA GLN B 23 -12.55 -22.63 20.51
C GLN B 23 -12.28 -23.42 19.24
N GLU B 24 -11.02 -23.57 18.84
CA GLU B 24 -10.69 -24.36 17.66
C GLU B 24 -10.70 -25.86 17.96
N GLN B 25 -10.66 -26.24 19.23
CA GLN B 25 -10.78 -27.65 19.64
C GLN B 25 -12.02 -27.85 20.49
N GLU B 26 -13.07 -27.06 20.25
CA GLU B 26 -14.31 -27.18 20.99
C GLU B 26 -14.98 -28.52 20.66
N ALA B 27 -16.17 -28.71 21.22
CA ALA B 27 -16.81 -30.01 21.13
C ALA B 27 -17.47 -30.23 19.78
N GLU B 28 -18.18 -29.22 19.27
CA GLU B 28 -18.85 -29.28 17.98
C GLU B 28 -19.72 -30.53 17.91
N GLY B 29 -20.87 -30.48 18.57
CA GLY B 29 -21.69 -31.65 18.81
C GLY B 29 -21.74 -31.95 20.29
N VAL B 30 -21.89 -33.22 20.64
CA VAL B 30 -21.81 -33.64 22.04
C VAL B 30 -20.36 -33.89 22.40
N ALA B 31 -19.97 -33.50 23.61
CA ALA B 31 -18.59 -33.62 24.03
C ALA B 31 -18.24 -35.06 24.39
N ALA B 32 -17.02 -35.48 24.04
CA ALA B 32 -16.52 -36.78 24.46
C ALA B 32 -16.37 -36.81 25.97
N PRO B 33 -16.25 -38.00 26.57
CA PRO B 33 -15.98 -38.10 28.00
C PRO B 33 -14.76 -37.27 28.40
N ALA B 34 -14.94 -36.40 29.38
CA ALA B 34 -13.89 -35.48 29.81
C ALA B 34 -13.62 -35.68 31.30
N ASP B 35 -12.36 -35.51 31.66
CA ASP B 35 -11.96 -35.65 33.06
C ASP B 35 -12.42 -34.45 33.87
N PRO B 36 -12.77 -34.65 35.14
CA PRO B 36 -13.18 -33.51 35.98
C PRO B 36 -12.06 -32.48 36.09
N GLU B 37 -12.45 -31.21 36.14
CA GLU B 37 -11.50 -30.10 36.25
C GLU B 37 -11.29 -29.80 37.72
N MET B 38 -10.27 -30.45 38.31
CA MET B 38 -9.95 -30.27 39.71
C MET B 38 -9.03 -29.07 39.91
N SER B 46 -6.85 -13.98 34.68
CA SER B 46 -7.96 -13.07 34.90
C SER B 46 -7.47 -11.66 35.18
N SER B 47 -7.44 -10.83 34.14
CA SER B 47 -6.98 -9.46 34.26
C SER B 47 -7.62 -8.63 33.15
N THR B 48 -7.28 -7.34 33.11
CA THR B 48 -7.84 -6.45 32.09
C THR B 48 -7.31 -6.81 30.70
N MET B 49 -5.99 -6.94 30.57
CA MET B 49 -5.43 -7.34 29.28
C MET B 49 -5.69 -8.81 28.98
N GLY B 50 -5.85 -9.64 30.02
CA GLY B 50 -6.18 -11.03 29.80
C GLY B 50 -7.59 -11.23 29.27
N GLN B 51 -8.52 -10.36 29.66
CA GLN B 51 -9.89 -10.48 29.19
C GLN B 51 -10.09 -9.84 27.82
N VAL B 52 -9.30 -8.82 27.49
CA VAL B 52 -9.36 -8.22 26.16
C VAL B 52 -9.02 -9.27 25.10
N GLY B 53 -8.03 -10.11 25.37
CA GLY B 53 -7.68 -11.19 24.46
C GLY B 53 -8.83 -12.15 24.20
N ARG B 54 -9.72 -12.33 25.17
CA ARG B 54 -10.85 -13.22 24.96
C ARG B 54 -11.90 -12.57 24.06
N GLN B 55 -12.20 -11.29 24.32
CA GLN B 55 -13.24 -10.60 23.54
C GLN B 55 -12.88 -10.54 22.06
N LEU B 56 -11.60 -10.43 21.73
CA LEU B 56 -11.20 -10.44 20.33
C LEU B 56 -11.13 -11.86 19.77
N ALA B 57 -10.99 -12.87 20.61
CA ALA B 57 -10.93 -14.26 20.14
C ALA B 57 -12.29 -14.78 19.74
N ILE B 58 -13.37 -14.21 20.27
CA ILE B 58 -14.72 -14.68 20.00
C ILE B 58 -15.36 -13.86 18.89
N ILE B 59 -15.03 -12.58 18.83
CA ILE B 59 -15.61 -11.70 17.83
C ILE B 59 -14.81 -11.73 16.54
N GLN B 76 -22.93 4.54 10.80
CA GLN B 76 -23.76 4.23 11.96
C GLN B 76 -23.73 5.38 12.96
N HIS B 77 -22.57 6.03 13.06
CA HIS B 77 -22.41 7.17 13.97
C HIS B 77 -23.19 8.38 13.47
N ALA B 78 -22.78 8.94 12.32
CA ALA B 78 -23.44 10.12 11.77
C ALA B 78 -24.86 9.83 11.28
N GLN B 79 -25.27 8.57 11.24
CA GLN B 79 -26.58 8.14 10.77
C GLN B 79 -26.86 8.66 9.37
N PRO B 80 -26.31 8.01 8.35
CA PRO B 80 -26.50 8.48 6.98
C PRO B 80 -27.94 8.28 6.51
N THR B 81 -28.32 9.12 5.55
CA THR B 81 -29.64 9.06 4.94
C THR B 81 -29.48 8.80 3.44
N ALA B 82 -30.41 9.30 2.63
CA ALA B 82 -30.34 9.18 1.19
C ALA B 82 -30.12 10.52 0.51
N GLU B 83 -29.90 11.58 1.30
CA GLU B 83 -29.68 12.92 0.77
C GLU B 83 -28.19 13.22 0.62
N ASN B 84 -27.45 13.19 1.72
CA ASN B 84 -26.00 13.38 1.74
C ASN B 84 -25.27 12.04 1.77
N ALA B 85 -25.79 11.05 1.05
CA ALA B 85 -25.26 9.69 1.13
C ALA B 85 -24.00 9.52 0.29
N TYR B 86 -24.03 9.97 -0.96
CA TYR B 86 -22.94 9.68 -1.90
C TYR B 86 -21.60 10.20 -1.38
N GLU B 87 -21.61 11.30 -0.64
CA GLU B 87 -20.37 11.76 -0.01
C GLU B 87 -19.89 10.77 1.04
N TYR B 88 -20.81 10.28 1.87
CA TYR B 88 -20.47 9.34 2.93
C TYR B 88 -20.24 7.92 2.40
N PHE B 89 -20.82 7.57 1.25
CA PHE B 89 -20.69 6.20 0.74
C PHE B 89 -19.32 5.96 0.10
N THR B 90 -18.95 6.78 -0.89
CA THR B 90 -17.66 6.59 -1.56
C THR B 90 -16.51 6.81 -0.60
N LYS B 91 -16.71 7.61 0.45
CA LYS B 91 -15.68 7.81 1.46
C LYS B 91 -15.41 6.53 2.22
N ILE B 92 -16.44 5.79 2.59
CA ILE B 92 -16.26 4.55 3.34
C ILE B 92 -15.74 3.44 2.44
N ALA B 93 -16.25 3.35 1.21
CA ALA B 93 -15.85 2.27 0.30
C ALA B 93 -14.35 2.30 0.02
N THR B 94 -13.77 3.49 -0.11
CA THR B 94 -12.33 3.58 -0.33
C THR B 94 -11.55 3.17 0.90
N SER B 95 -12.12 3.34 2.09
CA SER B 95 -11.43 2.98 3.33
C SER B 95 -11.22 1.48 3.48
N LEU B 96 -11.88 0.65 2.64
CA LEU B 96 -11.66 -0.78 2.70
C LEU B 96 -10.37 -1.18 2.00
N PHE B 97 -9.91 -0.38 1.04
CA PHE B 97 -8.73 -0.69 0.25
C PHE B 97 -7.55 0.22 0.52
N GLU B 98 -7.77 1.36 1.17
CA GLU B 98 -6.70 2.31 1.43
C GLU B 98 -5.79 1.80 2.55
N SER B 99 -4.55 2.28 2.55
CA SER B 99 -3.62 1.96 3.62
C SER B 99 -4.05 2.64 4.91
N GLY B 100 -3.93 1.91 6.01
CA GLY B 100 -4.31 2.44 7.30
C GLY B 100 -4.45 1.33 8.32
N ILE B 101 -4.82 1.74 9.54
CA ILE B 101 -4.95 0.82 10.66
C ILE B 101 -6.32 1.02 11.31
N ASN B 102 -7.10 -0.04 11.35
CA ASN B 102 -8.33 -0.10 12.14
C ASN B 102 -8.26 -1.29 13.08
N TRP B 103 -9.23 -1.38 13.99
CA TRP B 103 -9.21 -2.45 14.98
C TRP B 103 -9.32 -3.82 14.33
N GLY B 104 -10.02 -3.92 13.19
CA GLY B 104 -10.11 -5.19 12.50
C GLY B 104 -8.76 -5.69 12.02
N ARG B 105 -7.96 -4.79 11.42
CA ARG B 105 -6.63 -5.19 10.95
C ARG B 105 -5.71 -5.57 12.10
N VAL B 106 -5.91 -4.98 13.28
CA VAL B 106 -5.11 -5.35 14.44
C VAL B 106 -5.44 -6.77 14.87
N VAL B 107 -6.73 -7.12 14.89
CA VAL B 107 -7.13 -8.49 15.22
C VAL B 107 -6.63 -9.46 14.16
N ALA B 108 -6.67 -9.04 12.89
CA ALA B 108 -6.12 -9.87 11.83
C ALA B 108 -4.63 -10.13 12.04
N LEU B 109 -3.90 -9.12 12.53
CA LEU B 109 -2.50 -9.32 12.87
C LEU B 109 -2.35 -10.32 14.02
N LEU B 110 -3.21 -10.21 15.02
CA LEU B 110 -3.21 -11.19 16.11
C LEU B 110 -3.50 -12.59 15.58
N GLY B 111 -4.55 -12.72 14.75
CA GLY B 111 -4.87 -14.01 14.17
C GLY B 111 -3.74 -14.57 13.32
N PHE B 112 -2.98 -13.68 12.67
CA PHE B 112 -1.80 -14.13 11.94
C PHE B 112 -0.73 -14.68 12.88
N GLY B 113 -0.55 -14.04 14.05
CA GLY B 113 0.36 -14.58 15.04
C GLY B 113 -0.13 -15.89 15.61
N TYR B 114 -1.45 -16.01 15.80
CA TYR B 114 -2.03 -17.28 16.23
C TYR B 114 -1.79 -18.36 15.18
N ARG B 115 -2.14 -18.06 13.92
CA ARG B 115 -1.88 -19.00 12.85
C ARG B 115 -0.39 -19.27 12.68
N LEU B 116 0.45 -18.32 13.10
CA LEU B 116 1.90 -18.52 13.08
C LEU B 116 2.32 -19.50 14.16
N ALA B 117 1.81 -19.31 15.38
CA ALA B 117 2.19 -20.17 16.50
C ALA B 117 1.85 -21.63 16.22
N LEU B 118 0.78 -21.89 15.48
CA LEU B 118 0.43 -23.25 15.12
C LEU B 118 1.46 -23.82 14.15
N HIS B 119 1.66 -23.15 13.02
CA HIS B 119 2.55 -23.65 11.98
C HIS B 119 4.00 -23.75 12.44
N VAL B 120 4.39 -23.03 13.49
CA VAL B 120 5.77 -23.12 13.95
C VAL B 120 5.97 -24.26 14.95
N TYR B 121 4.93 -24.63 15.72
CA TYR B 121 5.06 -25.81 16.58
C TYR B 121 5.11 -27.08 15.75
N GLN B 122 4.26 -27.19 14.72
CA GLN B 122 4.22 -28.40 13.92
C GLN B 122 5.49 -28.58 13.10
N HIS B 123 5.87 -27.55 12.34
CA HIS B 123 7.00 -27.63 11.42
C HIS B 123 8.28 -27.05 12.01
N GLY B 124 8.33 -26.90 13.33
CA GLY B 124 9.52 -26.41 14.00
C GLY B 124 10.08 -27.49 14.93
N LEU B 125 11.35 -27.36 15.31
CA LEU B 125 11.97 -28.39 16.13
C LEU B 125 11.44 -28.41 17.56
N THR B 126 10.93 -27.28 18.04
CA THR B 126 10.48 -27.15 19.42
C THR B 126 9.21 -26.32 19.46
N GLY B 127 8.69 -26.08 20.66
CA GLY B 127 7.61 -25.13 20.81
C GLY B 127 8.16 -23.72 20.87
N PHE B 128 7.77 -22.89 19.91
CA PHE B 128 8.36 -21.57 19.67
C PHE B 128 7.28 -20.52 19.95
N LEU B 129 7.05 -20.24 21.23
CA LEU B 129 6.10 -19.22 21.65
C LEU B 129 6.77 -17.88 21.94
N GLY B 130 7.93 -17.90 22.61
CA GLY B 130 8.61 -16.65 22.91
C GLY B 130 9.07 -15.91 21.68
N GLN B 131 9.51 -16.65 20.65
CA GLN B 131 9.97 -16.03 19.42
C GLN B 131 8.84 -15.48 18.58
N VAL B 132 7.59 -15.81 18.90
CA VAL B 132 6.45 -15.33 18.13
C VAL B 132 5.90 -14.03 18.71
N THR B 133 5.85 -13.93 20.04
CA THR B 133 5.52 -12.65 20.67
C THR B 133 6.51 -11.57 20.26
N ARG B 134 7.78 -11.95 20.08
CA ARG B 134 8.76 -11.02 19.55
C ARG B 134 8.40 -10.57 18.14
N PHE B 135 8.01 -11.51 17.28
CA PHE B 135 7.65 -11.14 15.90
C PHE B 135 6.45 -10.22 15.87
N VAL B 136 5.52 -10.37 16.80
CA VAL B 136 4.34 -9.51 16.80
C VAL B 136 4.69 -8.13 17.33
N VAL B 137 5.41 -8.07 18.46
CA VAL B 137 5.79 -6.79 19.04
C VAL B 137 6.76 -6.05 18.12
N ASP B 138 7.74 -6.75 17.55
CA ASP B 138 8.72 -6.11 16.68
C ASP B 138 8.04 -5.47 15.48
N PHE B 139 7.12 -6.19 14.84
CA PHE B 139 6.41 -5.64 13.70
C PHE B 139 5.44 -4.54 14.13
N MET B 140 4.73 -4.77 15.23
CA MET B 140 3.78 -3.78 15.74
C MET B 140 4.48 -2.50 16.19
N LEU B 141 5.60 -2.64 16.91
CA LEU B 141 6.32 -1.46 17.39
C LEU B 141 6.80 -0.59 16.24
N HIS B 142 7.39 -1.22 15.22
CA HIS B 142 7.90 -0.48 14.06
C HIS B 142 6.78 0.16 13.26
N HIS B 143 5.92 -0.65 12.64
CA HIS B 143 5.00 -0.15 11.63
C HIS B 143 3.86 0.69 12.22
N SER B 144 4.16 1.43 13.30
CA SER B 144 3.28 2.42 13.91
C SER B 144 1.98 1.82 14.45
N ILE B 145 1.88 0.49 14.54
CA ILE B 145 0.67 -0.11 15.06
C ILE B 145 0.57 0.13 16.56
N ALA B 146 1.69 -0.01 17.28
CA ALA B 146 1.71 0.26 18.71
C ALA B 146 1.35 1.71 19.00
N ARG B 147 1.81 2.63 18.13
CA ARG B 147 1.47 4.04 18.30
C ARG B 147 -0.02 4.28 18.05
N TRP B 148 -0.58 3.63 17.02
CA TRP B 148 -2.00 3.80 16.71
C TRP B 148 -2.88 3.33 17.87
N ILE B 149 -2.55 2.19 18.47
CA ILE B 149 -3.35 1.68 19.58
C ILE B 149 -3.18 2.56 20.81
N ALA B 150 -1.94 3.01 21.08
CA ALA B 150 -1.71 3.83 22.26
C ALA B 150 -2.45 5.15 22.17
N GLN B 151 -2.50 5.77 20.99
CA GLN B 151 -3.15 7.06 20.81
C GLN B 151 -4.67 6.95 20.88
N ARG B 152 -5.24 5.75 20.85
CA ARG B 152 -6.68 5.56 20.98
C ARG B 152 -7.09 5.19 22.40
N GLY B 153 -6.14 5.13 23.34
CA GLY B 153 -6.41 4.82 24.73
C GLY B 153 -5.73 3.57 25.23
N GLY B 154 -5.51 2.59 24.35
CA GLY B 154 -4.87 1.35 24.70
C GLY B 154 -5.72 0.17 24.29
N TRP B 155 -5.27 -1.02 24.72
CA TRP B 155 -5.98 -2.25 24.43
C TRP B 155 -7.37 -2.27 25.06
N VAL B 156 -7.55 -1.51 26.14
CA VAL B 156 -8.79 -1.49 26.92
C VAL B 156 -9.95 -0.87 26.15
N ALA B 157 -9.72 -0.48 24.90
CA ALA B 157 -10.74 0.21 24.10
C ALA B 157 -11.01 -0.51 22.79
N ALA B 158 -10.73 -1.81 22.71
CA ALA B 158 -11.16 -2.62 21.58
C ALA B 158 -12.58 -3.13 21.74
N LEU B 159 -13.20 -2.91 22.90
CA LEU B 159 -14.55 -3.41 23.18
C LEU B 159 -15.57 -2.28 22.99
N ASN B 160 -15.55 -1.69 21.81
N ASN B 160 -15.57 -1.69 21.81
CA ASN B 160 -16.49 -0.61 21.47
CA ASN B 160 -16.52 -0.63 21.49
C ASN B 160 -17.13 -0.84 20.11
C ASN B 160 -17.14 -0.84 20.11
N SER C 1 23.74 -0.43 13.28
CA SER C 1 22.64 -0.69 14.22
C SER C 1 21.44 0.22 13.94
N GLU C 2 20.26 -0.27 14.30
CA GLU C 2 19.05 0.55 14.15
C GLU C 2 19.11 1.80 15.02
N GLU C 3 19.75 1.72 16.19
CA GLU C 3 19.89 2.89 17.04
C GLU C 3 20.92 3.86 16.49
N GLN C 4 21.97 3.35 15.85
CA GLN C 4 23.02 4.21 15.30
C GLN C 4 22.49 5.05 14.15
N VAL C 5 21.77 4.43 13.21
CA VAL C 5 21.24 5.16 12.07
C VAL C 5 20.26 6.23 12.52
N ALA C 6 19.55 5.97 13.62
CA ALA C 6 18.60 6.95 14.15
C ALA C 6 19.28 8.27 14.48
N GLN C 7 20.43 8.20 15.15
CA GLN C 7 21.12 9.43 15.55
C GLN C 7 21.96 10.02 14.41
N ASP C 8 22.47 9.18 13.51
CA ASP C 8 23.21 9.69 12.36
C ASP C 8 22.34 10.56 11.48
N THR C 9 21.01 10.39 11.54
CA THR C 9 20.11 11.22 10.77
C THR C 9 20.23 12.69 11.15
N GLU C 10 20.52 12.97 12.42
CA GLU C 10 20.60 14.35 12.89
C GLU C 10 21.63 15.15 12.11
N GLU C 11 22.81 14.59 11.89
CA GLU C 11 23.81 15.28 11.09
C GLU C 11 23.52 15.17 9.59
N VAL C 12 23.04 14.01 9.15
CA VAL C 12 22.76 13.82 7.72
C VAL C 12 21.65 14.75 7.25
N PHE C 13 20.62 14.93 8.08
CA PHE C 13 19.49 15.78 7.69
C PHE C 13 19.88 17.25 7.70
N ARG C 14 20.56 17.68 8.78
CA ARG C 14 20.99 19.08 8.86
C ARG C 14 21.98 19.42 7.77
N SER C 15 22.91 18.51 7.46
CA SER C 15 23.80 18.73 6.33
C SER C 15 23.08 18.63 4.99
N TYR C 16 21.91 17.99 4.96
CA TYR C 16 21.11 17.92 3.74
C TYR C 16 20.33 19.22 3.53
N VAL C 17 19.65 19.70 4.57
CA VAL C 17 18.84 20.89 4.42
C VAL C 17 19.70 22.14 4.25
N PHE C 18 20.94 22.13 4.76
CA PHE C 18 21.82 23.26 4.57
C PHE C 18 22.25 23.39 3.12
N TYR C 19 22.74 22.28 2.53
CA TYR C 19 23.16 22.33 1.13
C TYR C 19 21.96 22.39 0.19
N ARG C 20 20.81 21.84 0.60
CA ARG C 20 19.59 22.02 -0.19
C ARG C 20 19.17 23.47 -0.23
N HIS C 21 19.49 24.24 0.81
CA HIS C 21 19.18 25.66 0.84
C HIS C 21 20.18 26.48 0.01
N GLN C 22 21.44 26.04 -0.06
CA GLN C 22 22.44 26.79 -0.81
C GLN C 22 22.22 26.70 -2.31
N GLN C 23 21.52 25.68 -2.79
CA GLN C 23 21.30 25.53 -4.22
C GLN C 23 19.94 26.05 -4.66
N GLU C 24 19.01 26.24 -3.73
CA GLU C 24 17.72 26.80 -4.06
C GLU C 24 17.79 28.31 -4.28
N GLN C 25 18.91 28.94 -3.89
CA GLN C 25 19.14 30.35 -4.15
C GLN C 25 20.34 30.54 -5.07
N GLU C 26 20.58 29.55 -5.92
CA GLU C 26 21.64 29.64 -6.92
C GLU C 26 21.25 30.67 -7.98
N ALA C 27 22.09 30.81 -8.98
CA ALA C 27 21.85 31.86 -9.96
C ALA C 27 20.77 31.41 -10.96
N GLU C 28 20.26 32.39 -11.72
CA GLU C 28 19.29 32.16 -12.78
C GLU C 28 19.79 32.97 -13.98
N GLY C 29 20.74 32.37 -14.71
CA GLY C 29 21.54 33.09 -15.67
C GLY C 29 23.01 33.06 -15.27
N VAL C 30 23.71 34.14 -15.57
CA VAL C 30 25.09 34.24 -15.15
C VAL C 30 25.12 34.71 -13.69
N ALA C 31 26.02 34.14 -12.91
CA ALA C 31 26.11 34.44 -11.49
C ALA C 31 26.77 35.78 -11.23
N ALA C 32 26.27 36.50 -10.23
CA ALA C 32 26.90 37.72 -9.79
C ALA C 32 28.29 37.43 -9.23
N PRO C 33 29.15 38.44 -9.10
CA PRO C 33 30.46 38.23 -8.47
C PRO C 33 30.34 37.57 -7.10
N ALA C 34 31.08 36.48 -6.92
CA ALA C 34 31.03 35.69 -5.71
C ALA C 34 32.42 35.58 -5.10
N ASP C 35 32.47 35.54 -3.78
CA ASP C 35 33.73 35.42 -3.07
C ASP C 35 34.27 34.00 -3.21
N PRO C 36 35.59 33.84 -3.23
CA PRO C 36 36.17 32.49 -3.32
C PRO C 36 35.74 31.62 -2.15
N GLU C 37 35.66 30.30 -2.41
CA GLU C 37 35.16 29.38 -1.40
C GLU C 37 36.10 29.27 -0.20
N MET C 38 37.34 29.74 -0.34
CA MET C 38 38.30 29.70 0.75
C MET C 38 37.99 30.78 1.80
N SER C 46 33.18 19.07 8.68
CA SER C 46 32.88 18.16 7.58
C SER C 46 33.15 16.71 7.98
N SER C 47 32.27 16.16 8.80
CA SER C 47 32.40 14.78 9.27
C SER C 47 31.88 13.81 8.21
N THR C 48 31.89 12.52 8.54
CA THR C 48 31.43 11.50 7.60
C THR C 48 29.94 11.64 7.36
N MET C 49 29.15 11.75 8.42
CA MET C 49 27.71 11.96 8.25
C MET C 49 27.42 13.36 7.72
N GLY C 50 28.31 14.32 7.96
CA GLY C 50 28.15 15.65 7.41
C GLY C 50 28.31 15.70 5.90
N GLN C 51 29.14 14.81 5.35
CA GLN C 51 29.32 14.77 3.90
C GLN C 51 28.21 13.99 3.21
N VAL C 52 27.59 13.04 3.90
CA VAL C 52 26.46 12.31 3.33
C VAL C 52 25.34 13.27 2.96
N GLY C 53 25.08 14.26 3.83
CA GLY C 53 24.08 15.26 3.51
C GLY C 53 24.40 16.08 2.27
N ARG C 54 25.69 16.24 1.96
CA ARG C 54 26.08 17.00 0.78
C ARG C 54 25.86 16.20 -0.50
N GLN C 55 26.26 14.92 -0.50
CA GLN C 55 26.11 14.11 -1.71
C GLN C 55 24.65 13.93 -2.08
N LEU C 56 23.76 13.86 -1.10
CA LEU C 56 22.32 13.75 -1.30
C LEU C 56 21.65 15.09 -1.60
N ALA C 57 22.36 16.20 -1.38
CA ALA C 57 21.81 17.54 -1.52
C ALA C 57 21.41 17.90 -2.96
N ILE C 58 21.90 17.16 -3.95
CA ILE C 58 21.57 17.50 -5.33
C ILE C 58 20.28 16.75 -5.64
N ILE C 59 19.94 16.61 -6.93
CA ILE C 59 18.67 16.03 -7.35
C ILE C 59 17.53 16.93 -6.86
N GLY C 60 16.61 16.39 -6.08
CA GLY C 60 15.47 17.15 -5.61
C GLY C 60 14.15 16.58 -6.08
N ASP C 61 13.50 17.26 -7.03
CA ASP C 61 12.28 16.69 -7.62
C ASP C 61 12.60 15.72 -8.73
N ASP C 62 13.79 15.82 -9.32
CA ASP C 62 14.19 14.95 -10.41
C ASP C 62 14.81 13.68 -9.83
N ILE C 63 14.12 13.04 -8.88
CA ILE C 63 14.58 11.82 -8.24
C ILE C 63 14.84 10.76 -9.30
N ASN C 64 14.17 10.91 -10.45
CA ASN C 64 14.43 10.02 -11.58
C ASN C 64 15.89 10.11 -12.03
N ARG C 65 16.55 11.26 -11.81
CA ARG C 65 17.97 11.34 -12.12
C ARG C 65 18.79 10.36 -11.31
N ARG C 66 18.33 10.03 -10.09
CA ARG C 66 18.91 8.92 -9.35
C ARG C 66 18.44 7.59 -9.91
N TYR C 67 17.16 7.51 -10.30
CA TYR C 67 16.66 6.29 -10.94
C TYR C 67 17.30 6.07 -12.30
N ASP C 68 17.44 7.14 -13.09
CA ASP C 68 18.08 7.02 -14.41
C ASP C 68 19.53 6.56 -14.26
N SER C 69 20.26 7.12 -13.30
CA SER C 69 21.61 6.64 -13.04
C SER C 69 21.59 5.23 -12.45
N GLU C 70 20.61 4.94 -11.59
CA GLU C 70 20.46 3.59 -11.07
C GLU C 70 20.05 2.60 -12.16
N PHE C 71 19.44 3.08 -13.24
CA PHE C 71 19.16 2.21 -14.38
C PHE C 71 20.45 1.75 -15.04
N GLN C 72 21.30 2.70 -15.45
CA GLN C 72 22.56 2.36 -16.11
C GLN C 72 23.40 1.43 -15.24
N THR C 73 23.50 1.73 -13.94
CA THR C 73 24.29 0.89 -13.05
C THR C 73 23.64 -0.48 -12.84
N MET C 74 22.31 -0.55 -12.88
CA MET C 74 21.64 -1.84 -12.81
C MET C 74 21.74 -2.57 -14.14
N LEU C 75 21.63 -1.84 -15.25
CA LEU C 75 21.90 -2.43 -16.56
C LEU C 75 23.36 -2.84 -16.71
N GLN C 76 24.25 -2.30 -15.88
CA GLN C 76 25.65 -2.70 -15.88
C GLN C 76 25.93 -3.82 -14.89
N HIS C 77 25.12 -3.96 -13.84
CA HIS C 77 25.33 -5.02 -12.87
C HIS C 77 24.87 -6.37 -13.42
N ALA C 78 23.55 -6.56 -13.54
CA ALA C 78 23.05 -7.85 -14.03
C ALA C 78 23.27 -8.03 -15.53
N GLN C 79 23.59 -6.95 -16.26
CA GLN C 79 23.82 -6.97 -17.69
C GLN C 79 22.69 -7.69 -18.42
N PRO C 80 21.55 -7.04 -18.64
CA PRO C 80 20.43 -7.73 -19.27
C PRO C 80 20.71 -8.04 -20.73
N THR C 81 20.05 -9.09 -21.22
CA THR C 81 20.17 -9.51 -22.60
C THR C 81 18.79 -9.49 -23.27
N ALA C 82 18.58 -10.36 -24.25
CA ALA C 82 17.30 -10.50 -24.92
C ALA C 82 16.66 -11.85 -24.66
N GLU C 83 17.37 -12.78 -24.01
CA GLU C 83 16.82 -14.09 -23.69
C GLU C 83 15.88 -14.03 -22.50
N ASN C 84 16.34 -13.44 -21.39
CA ASN C 84 15.54 -13.28 -20.19
C ASN C 84 15.14 -11.83 -19.97
N ALA C 85 14.81 -11.13 -21.06
CA ALA C 85 14.56 -9.70 -20.98
C ALA C 85 13.15 -9.42 -20.45
N TYR C 86 12.13 -10.02 -21.07
CA TYR C 86 10.76 -9.69 -20.71
C TYR C 86 10.47 -10.00 -19.25
N GLU C 87 11.09 -11.06 -18.72
CA GLU C 87 10.98 -11.34 -17.29
C GLU C 87 11.70 -10.28 -16.47
N TYR C 88 12.90 -9.90 -16.90
CA TYR C 88 13.68 -8.89 -16.18
C TYR C 88 13.15 -7.48 -16.43
N PHE C 89 12.44 -7.26 -17.53
CA PHE C 89 11.93 -5.93 -17.84
C PHE C 89 10.71 -5.60 -16.99
N THR C 90 9.69 -6.46 -17.02
CA THR C 90 8.48 -6.19 -16.25
C THR C 90 8.73 -6.19 -14.75
N LYS C 91 9.76 -6.91 -14.30
CA LYS C 91 10.09 -6.90 -12.87
C LYS C 91 10.59 -5.53 -12.44
N ILE C 92 11.43 -4.90 -13.26
CA ILE C 92 11.95 -3.58 -12.91
C ILE C 92 10.86 -2.53 -13.05
N ALA C 93 10.06 -2.61 -14.12
CA ALA C 93 9.00 -1.63 -14.35
C ALA C 93 7.99 -1.65 -13.20
N THR C 94 7.67 -2.84 -12.68
CA THR C 94 6.77 -2.92 -11.54
C THR C 94 7.39 -2.37 -10.27
N SER C 95 8.73 -2.43 -10.16
CA SER C 95 9.41 -1.95 -8.97
C SER C 95 9.30 -0.43 -8.79
N LEU C 96 8.82 0.29 -9.80
CA LEU C 96 8.62 1.73 -9.65
C LEU C 96 7.34 2.06 -8.89
N PHE C 97 6.35 1.18 -8.91
CA PHE C 97 5.07 1.44 -8.28
C PHE C 97 4.78 0.59 -7.06
N GLU C 98 5.53 -0.48 -6.83
CA GLU C 98 5.21 -1.36 -5.71
C GLU C 98 5.58 -0.71 -4.38
N SER C 99 4.90 -1.16 -3.33
CA SER C 99 5.23 -0.72 -1.99
C SER C 99 6.59 -1.27 -1.56
N GLY C 100 7.39 -0.42 -0.96
CA GLY C 100 8.72 -0.83 -0.54
C GLY C 100 9.58 0.39 -0.25
N ILE C 101 10.84 0.10 0.07
CA ILE C 101 11.80 1.13 0.42
C ILE C 101 13.04 0.92 -0.45
N ASN C 102 13.38 1.93 -1.24
CA ASN C 102 14.64 1.99 -1.97
C ASN C 102 15.35 3.29 -1.63
N TRP C 103 16.60 3.40 -2.09
CA TRP C 103 17.40 4.57 -1.75
C TRP C 103 16.80 5.86 -2.29
N GLY C 104 16.13 5.80 -3.44
CA GLY C 104 15.49 6.97 -3.99
C GLY C 104 14.38 7.50 -3.10
N ARG C 105 13.52 6.61 -2.59
CA ARG C 105 12.42 7.02 -1.74
C ARG C 105 12.91 7.59 -0.41
N VAL C 106 14.05 7.13 0.08
CA VAL C 106 14.60 7.66 1.33
C VAL C 106 15.08 9.10 1.14
N VAL C 107 15.75 9.38 0.01
CA VAL C 107 16.19 10.74 -0.26
C VAL C 107 14.98 11.65 -0.46
N ALA C 108 13.93 11.15 -1.11
CA ALA C 108 12.70 11.92 -1.24
C ALA C 108 12.11 12.26 0.12
N LEU C 109 12.23 11.34 1.08
CA LEU C 109 11.78 11.63 2.44
C LEU C 109 12.59 12.77 3.06
N LEU C 110 13.90 12.78 2.82
CA LEU C 110 14.73 13.90 3.28
C LEU C 110 14.26 15.21 2.65
N GLY C 111 14.06 15.20 1.33
CA GLY C 111 13.57 16.38 0.65
C GLY C 111 12.23 16.86 1.17
N PHE C 112 11.38 15.94 1.61
CA PHE C 112 10.13 16.34 2.26
C PHE C 112 10.40 17.07 3.57
N GLY C 113 11.40 16.62 4.31
CA GLY C 113 11.79 17.33 5.52
C GLY C 113 12.33 18.72 5.23
N TYR C 114 13.02 18.88 4.10
CA TYR C 114 13.47 20.21 3.68
C TYR C 114 12.27 21.12 3.44
N ARG C 115 11.30 20.67 2.64
CA ARG C 115 10.07 21.44 2.45
C ARG C 115 9.28 21.59 3.75
N LEU C 116 9.46 20.67 4.69
CA LEU C 116 8.81 20.83 5.98
C LEU C 116 9.49 21.91 6.80
N ALA C 117 10.81 21.82 6.96
CA ALA C 117 11.53 22.81 7.76
C ALA C 117 11.46 24.20 7.13
N LEU C 118 11.53 24.27 5.80
CA LEU C 118 11.52 25.55 5.10
C LEU C 118 10.14 26.20 5.12
N HIS C 119 9.15 25.53 4.51
CA HIS C 119 7.85 26.15 4.30
C HIS C 119 7.12 26.45 5.62
N VAL C 120 7.49 25.77 6.71
CA VAL C 120 6.89 26.05 8.00
C VAL C 120 7.59 27.20 8.72
N TYR C 121 8.87 27.45 8.43
CA TYR C 121 9.53 28.62 9.00
C TYR C 121 8.88 29.91 8.51
N GLN C 122 8.46 29.95 7.25
CA GLN C 122 7.83 31.16 6.71
C GLN C 122 6.51 31.44 7.41
N HIS C 123 5.62 30.44 7.45
CA HIS C 123 4.28 30.58 8.00
C HIS C 123 4.18 30.11 9.44
N GLY C 124 5.30 29.99 10.14
CA GLY C 124 5.28 29.54 11.53
C GLY C 124 5.74 30.56 12.55
N LEU C 125 5.37 30.33 13.81
CA LEU C 125 5.68 31.27 14.88
C LEU C 125 7.16 31.30 15.23
N THR C 126 7.91 30.24 14.90
CA THR C 126 9.30 30.13 15.30
C THR C 126 10.13 29.60 14.15
N GLY C 127 11.44 29.47 14.39
CA GLY C 127 12.32 28.80 13.46
C GLY C 127 12.24 27.31 13.66
N PHE C 128 11.89 26.57 12.60
CA PHE C 128 11.55 25.16 12.73
C PHE C 128 12.62 24.30 12.07
N LEU C 129 13.78 24.23 12.72
CA LEU C 129 14.85 23.32 12.35
C LEU C 129 14.95 22.15 13.32
N GLY C 130 14.94 22.43 14.62
CA GLY C 130 15.03 21.37 15.61
C GLY C 130 13.79 20.49 15.68
N GLN C 131 12.62 21.10 15.53
CA GLN C 131 11.37 20.35 15.61
C GLN C 131 11.10 19.50 14.38
N VAL C 132 11.87 19.68 13.31
CA VAL C 132 11.67 18.89 12.09
C VAL C 132 12.53 17.64 12.11
N THR C 133 13.76 17.72 12.62
CA THR C 133 14.56 16.52 12.84
C THR C 133 13.84 15.56 13.77
N ARG C 134 13.08 16.10 14.74
CA ARG C 134 12.23 15.26 15.58
C ARG C 134 11.20 14.52 14.73
N PHE C 135 10.57 15.23 13.80
CA PHE C 135 9.59 14.60 12.91
C PHE C 135 10.23 13.53 12.03
N VAL C 136 11.50 13.74 11.66
CA VAL C 136 12.19 12.79 10.78
C VAL C 136 12.64 11.55 11.54
N VAL C 137 13.23 11.74 12.72
CA VAL C 137 13.72 10.60 13.49
C VAL C 137 12.56 9.71 13.92
N ASP C 138 11.47 10.31 14.38
CA ASP C 138 10.31 9.53 14.80
C ASP C 138 9.73 8.71 13.64
N PHE C 139 9.57 9.34 12.48
CA PHE C 139 8.99 8.64 11.34
C PHE C 139 9.92 7.57 10.78
N MET C 140 11.21 7.88 10.67
CA MET C 140 12.15 6.91 10.12
C MET C 140 12.28 5.69 11.03
N LEU C 141 12.38 5.91 12.34
CA LEU C 141 12.54 4.80 13.27
C LEU C 141 11.34 3.86 13.22
N HIS C 142 10.13 4.42 13.21
CA HIS C 142 8.92 3.61 13.16
C HIS C 142 8.81 2.82 11.87
N HIS C 143 8.63 3.50 10.75
CA HIS C 143 8.25 2.83 9.50
C HIS C 143 9.38 1.99 8.90
N SER C 144 10.22 1.42 9.76
CA SER C 144 11.26 0.46 9.40
C SER C 144 12.31 1.04 8.47
N ILE C 145 12.33 2.37 8.29
CA ILE C 145 13.32 2.99 7.42
C ILE C 145 14.71 2.92 8.05
N ALA C 146 14.79 3.20 9.35
CA ALA C 146 16.08 3.12 10.04
C ALA C 146 16.65 1.71 10.01
N ARG C 147 15.80 0.70 10.17
CA ARG C 147 16.27 -0.68 10.08
C ARG C 147 16.66 -1.02 8.65
N TRP C 148 15.88 -0.56 7.67
CA TRP C 148 16.20 -0.83 6.27
C TRP C 148 17.56 -0.24 5.91
N ILE C 149 17.84 0.98 6.37
CA ILE C 149 19.12 1.61 6.07
C ILE C 149 20.26 0.92 6.84
N ALA C 150 20.01 0.54 8.09
CA ALA C 150 21.05 -0.07 8.91
C ALA C 150 21.52 -1.41 8.33
N GLN C 151 20.60 -2.20 7.79
CA GLN C 151 20.96 -3.50 7.25
C GLN C 151 21.77 -3.41 5.96
N ARG C 152 21.88 -2.23 5.36
CA ARG C 152 22.71 -2.02 4.19
C ARG C 152 24.09 -1.47 4.53
N GLY C 153 24.39 -1.28 5.81
CA GLY C 153 25.68 -0.76 6.25
C GLY C 153 25.58 0.56 7.00
N GLY C 154 24.56 1.37 6.70
CA GLY C 154 24.38 2.66 7.30
C GLY C 154 24.19 3.72 6.24
N TRP C 155 24.19 4.98 6.68
CA TRP C 155 24.02 6.10 5.75
C TRP C 155 25.13 6.14 4.70
N VAL C 156 26.30 5.60 5.02
CA VAL C 156 27.43 5.61 4.09
C VAL C 156 27.16 4.69 2.91
N ALA C 157 26.09 4.97 2.17
CA ALA C 157 25.67 4.13 1.05
C ALA C 157 24.67 4.86 0.15
N SER D 1 -13.59 -10.45 -18.53
CA SER D 1 -13.35 -9.08 -18.95
C SER D 1 -13.94 -8.08 -17.95
N GLU D 2 -13.39 -6.86 -17.95
CA GLU D 2 -13.88 -5.81 -17.05
C GLU D 2 -15.35 -5.50 -17.31
N GLU D 3 -15.78 -5.57 -18.58
CA GLU D 3 -17.17 -5.27 -18.91
C GLU D 3 -18.11 -6.37 -18.46
N GLN D 4 -17.65 -7.63 -18.46
CA GLN D 4 -18.51 -8.74 -18.03
C GLN D 4 -18.65 -8.78 -16.52
N VAL D 5 -17.57 -8.47 -15.79
CA VAL D 5 -17.64 -8.45 -14.34
C VAL D 5 -18.64 -7.40 -13.85
N ALA D 6 -18.84 -6.33 -14.63
CA ALA D 6 -19.82 -5.32 -14.26
C ALA D 6 -21.22 -5.93 -14.18
N GLN D 7 -21.57 -6.80 -15.14
CA GLN D 7 -22.87 -7.44 -15.10
C GLN D 7 -22.89 -8.63 -14.14
N ASP D 8 -21.77 -9.33 -13.98
CA ASP D 8 -21.72 -10.43 -13.03
C ASP D 8 -21.86 -9.93 -11.59
N THR D 9 -21.37 -8.71 -11.31
CA THR D 9 -21.58 -8.12 -9.98
C THR D 9 -23.05 -7.89 -9.71
N GLU D 10 -23.83 -7.57 -10.75
CA GLU D 10 -25.27 -7.38 -10.59
C GLU D 10 -25.93 -8.64 -10.04
N GLU D 11 -25.57 -9.81 -10.59
CA GLU D 11 -26.17 -11.05 -10.10
C GLU D 11 -25.57 -11.45 -8.76
N VAL D 12 -24.27 -11.23 -8.57
CA VAL D 12 -23.63 -11.63 -7.32
C VAL D 12 -24.15 -10.81 -6.15
N PHE D 13 -24.36 -9.51 -6.36
CA PHE D 13 -24.73 -8.64 -5.25
C PHE D 13 -26.15 -8.89 -4.78
N ARG D 14 -27.12 -8.93 -5.71
CA ARG D 14 -28.50 -9.19 -5.32
C ARG D 14 -28.65 -10.58 -4.70
N SER D 15 -27.84 -11.54 -5.13
CA SER D 15 -27.82 -12.84 -4.46
C SER D 15 -27.07 -12.76 -3.13
N TYR D 16 -26.08 -11.88 -3.03
CA TYR D 16 -25.37 -11.71 -1.77
C TYR D 16 -26.27 -11.11 -0.70
N VAL D 17 -26.93 -9.99 -1.02
CA VAL D 17 -27.72 -9.28 -0.01
C VAL D 17 -28.95 -10.10 0.38
N PHE D 18 -29.44 -10.96 -0.52
CA PHE D 18 -30.60 -11.78 -0.18
C PHE D 18 -30.21 -12.92 0.76
N TYR D 19 -29.13 -13.64 0.43
CA TYR D 19 -28.71 -14.77 1.25
C TYR D 19 -28.00 -14.32 2.52
N ARG D 20 -27.34 -13.16 2.50
CA ARG D 20 -26.80 -12.60 3.73
C ARG D 20 -27.91 -12.15 4.66
N HIS D 21 -29.07 -11.81 4.10
CA HIS D 21 -30.23 -11.47 4.92
C HIS D 21 -30.99 -12.71 5.39
N GLN D 22 -30.93 -13.80 4.62
N GLN D 22 -30.94 -13.79 4.60
CA GLN D 22 -31.66 -15.00 5.00
CA GLN D 22 -31.66 -15.00 4.98
C GLN D 22 -31.03 -15.71 6.17
C GLN D 22 -31.02 -15.69 6.19
N GLN D 23 -29.69 -15.62 6.32
CA GLN D 23 -29.04 -16.23 7.46
C GLN D 23 -29.30 -15.44 8.75
N GLU D 24 -29.76 -14.19 8.64
CA GLU D 24 -30.24 -13.44 9.79
C GLU D 24 -31.63 -13.88 10.24
N GLN D 25 -32.29 -14.76 9.48
CA GLN D 25 -33.59 -15.29 9.83
C GLN D 25 -33.52 -16.74 10.29
N GLU D 26 -32.33 -17.23 10.60
CA GLU D 26 -32.16 -18.61 11.01
C GLU D 26 -32.62 -18.79 12.46
N ALA D 27 -32.57 -20.03 12.94
CA ALA D 27 -33.04 -20.36 14.27
C ALA D 27 -32.08 -19.84 15.32
N GLU D 28 -32.62 -19.09 16.29
CA GLU D 28 -31.86 -18.67 17.46
C GLU D 28 -32.17 -19.68 18.57
N GLY D 29 -31.43 -20.78 18.54
CA GLY D 29 -31.71 -21.94 19.36
C GLY D 29 -31.87 -23.19 18.51
N VAL D 30 -32.74 -24.08 18.95
CA VAL D 30 -33.03 -25.29 18.19
C VAL D 30 -34.02 -24.96 17.08
N ALA D 31 -33.79 -25.54 15.91
CA ALA D 31 -34.57 -25.19 14.73
C ALA D 31 -35.92 -25.90 14.73
N ALA D 32 -36.94 -25.21 14.21
CA ALA D 32 -38.24 -25.82 14.03
C ALA D 32 -38.16 -26.93 12.98
N PRO D 33 -39.17 -27.81 12.92
CA PRO D 33 -39.20 -28.80 11.86
C PRO D 33 -39.10 -28.15 10.47
N ALA D 34 -38.13 -28.61 9.69
CA ALA D 34 -37.86 -28.06 8.38
C ALA D 34 -38.03 -29.13 7.31
N ASP D 35 -38.48 -28.70 6.13
CA ASP D 35 -38.67 -29.60 5.02
C ASP D 35 -37.32 -30.05 4.47
N PRO D 36 -37.26 -31.23 3.85
CA PRO D 36 -35.99 -31.72 3.31
C PRO D 36 -35.47 -30.81 2.21
N GLU D 37 -34.14 -30.77 2.07
CA GLU D 37 -33.53 -29.99 0.99
C GLU D 37 -33.89 -30.57 -0.37
N MET D 38 -34.04 -31.90 -0.46
CA MET D 38 -34.48 -32.53 -1.70
C MET D 38 -35.81 -32.00 -2.19
N VAL D 39 -36.64 -31.47 -1.28
CA VAL D 39 -37.90 -30.85 -1.67
C VAL D 39 -37.83 -29.32 -1.67
N THR D 40 -36.86 -28.73 -0.95
CA THR D 40 -36.83 -27.29 -0.74
C THR D 40 -35.67 -26.58 -1.41
N LEU D 41 -34.56 -27.26 -1.68
CA LEU D 41 -33.39 -26.60 -2.24
C LEU D 41 -33.66 -25.85 -3.53
N PRO D 42 -34.43 -26.38 -4.52
CA PRO D 42 -34.80 -25.53 -5.66
C PRO D 42 -35.70 -24.38 -5.23
N LEU D 43 -35.14 -23.17 -5.17
CA LEU D 43 -35.84 -21.98 -4.71
C LEU D 43 -36.41 -22.16 -3.31
N SER D 46 -30.87 -20.37 -9.12
CA SER D 46 -29.58 -20.77 -8.56
C SER D 46 -28.52 -20.88 -9.64
N SER D 47 -28.03 -19.72 -10.11
CA SER D 47 -26.98 -19.68 -11.11
C SER D 47 -25.61 -19.66 -10.44
N THR D 48 -24.56 -19.63 -11.26
CA THR D 48 -23.21 -19.60 -10.70
C THR D 48 -22.94 -18.30 -9.97
N MET D 49 -23.21 -17.16 -10.62
CA MET D 49 -23.05 -15.88 -9.95
C MET D 49 -24.05 -15.72 -8.81
N GLY D 50 -25.19 -16.41 -8.88
CA GLY D 50 -26.11 -16.41 -7.76
C GLY D 50 -25.59 -17.19 -6.56
N GLN D 51 -24.83 -18.26 -6.82
CA GLN D 51 -24.29 -19.02 -5.70
C GLN D 51 -22.97 -18.44 -5.20
N VAL D 52 -22.21 -17.76 -6.07
CA VAL D 52 -21.02 -17.05 -5.62
C VAL D 52 -21.38 -16.03 -4.55
N GLY D 53 -22.50 -15.32 -4.74
CA GLY D 53 -22.96 -14.39 -3.72
C GLY D 53 -23.34 -15.07 -2.43
N ARG D 54 -23.81 -16.32 -2.50
CA ARG D 54 -24.14 -17.07 -1.30
C ARG D 54 -22.90 -17.55 -0.57
N GLN D 55 -21.92 -18.09 -1.32
CA GLN D 55 -20.69 -18.55 -0.68
C GLN D 55 -19.94 -17.40 -0.02
N LEU D 56 -20.04 -16.20 -0.59
CA LEU D 56 -19.45 -15.02 0.03
C LEU D 56 -20.36 -14.42 1.10
N ALA D 57 -21.63 -14.83 1.15
CA ALA D 57 -22.54 -14.29 2.16
C ALA D 57 -22.21 -14.77 3.57
N ILE D 58 -21.43 -15.85 3.71
CA ILE D 58 -21.03 -16.33 5.02
C ILE D 58 -19.82 -15.52 5.49
N ILE D 59 -19.31 -15.87 6.67
CA ILE D 59 -18.14 -15.24 7.29
C ILE D 59 -18.50 -13.84 7.77
N GLY D 60 -19.72 -13.42 7.51
CA GLY D 60 -20.38 -12.16 7.83
C GLY D 60 -19.45 -10.98 7.58
N ASP D 61 -19.60 -9.98 8.44
CA ASP D 61 -18.69 -8.85 8.43
C ASP D 61 -17.33 -9.19 9.02
N ASP D 62 -17.19 -10.34 9.68
CA ASP D 62 -15.90 -10.78 10.19
C ASP D 62 -15.07 -11.30 9.02
N ILE D 63 -14.52 -10.37 8.25
CA ILE D 63 -13.70 -10.73 7.09
C ILE D 63 -12.48 -11.51 7.53
N ASN D 64 -12.05 -11.33 8.78
CA ASN D 64 -10.89 -12.04 9.30
C ASN D 64 -11.12 -13.55 9.36
N ARG D 65 -12.37 -14.00 9.30
CA ARG D 65 -12.64 -15.43 9.27
C ARG D 65 -12.18 -16.08 7.98
N ARG D 66 -12.02 -15.30 6.90
CA ARG D 66 -11.51 -15.83 5.63
C ARG D 66 -9.99 -15.78 5.55
N TYR D 67 -9.36 -14.85 6.27
CA TYR D 67 -7.90 -14.78 6.27
C TYR D 67 -7.31 -16.00 6.97
N ASP D 68 -7.97 -16.50 8.01
CA ASP D 68 -7.47 -17.69 8.71
C ASP D 68 -7.46 -18.89 7.79
N SER D 69 -8.46 -19.02 6.92
CA SER D 69 -8.44 -20.06 5.90
C SER D 69 -7.37 -19.80 4.85
N GLU D 70 -7.10 -18.52 4.57
CA GLU D 70 -6.00 -18.18 3.66
C GLU D 70 -4.65 -18.36 4.36
N PHE D 71 -4.59 -18.02 5.66
CA PHE D 71 -3.36 -18.23 6.42
C PHE D 71 -2.98 -19.70 6.46
N GLN D 72 -3.98 -20.59 6.56
CA GLN D 72 -3.69 -22.02 6.51
C GLN D 72 -3.11 -22.42 5.17
N THR D 73 -3.68 -21.91 4.08
CA THR D 73 -3.18 -22.27 2.75
C THR D 73 -1.82 -21.64 2.47
N MET D 74 -1.65 -20.36 2.83
CA MET D 74 -0.37 -19.71 2.59
C MET D 74 0.76 -20.35 3.41
N LEU D 75 0.43 -20.93 4.56
CA LEU D 75 1.39 -21.69 5.34
C LEU D 75 1.46 -23.16 4.93
N GLN D 76 0.49 -23.64 4.16
CA GLN D 76 0.55 -24.99 3.60
C GLN D 76 1.08 -25.04 2.18
N HIS D 77 0.94 -23.95 1.42
CA HIS D 77 1.44 -23.92 0.05
C HIS D 77 2.95 -23.75 0.02
N ALA D 78 3.42 -22.55 0.35
CA ALA D 78 4.85 -22.29 0.31
C ALA D 78 5.61 -23.02 1.41
N GLN D 79 4.94 -23.31 2.53
CA GLN D 79 5.51 -24.01 3.68
C GLN D 79 6.77 -23.32 4.16
N PRO D 80 6.65 -22.21 4.87
CA PRO D 80 7.85 -21.53 5.38
C PRO D 80 8.45 -22.29 6.57
N THR D 81 9.73 -22.04 6.81
CA THR D 81 10.45 -22.66 7.92
C THR D 81 11.08 -21.61 8.82
N ALA D 82 12.15 -21.97 9.54
CA ALA D 82 12.87 -21.02 10.37
C ALA D 82 14.26 -20.73 9.80
N GLU D 83 14.31 -20.13 8.61
CA GLU D 83 15.60 -19.82 7.98
C GLU D 83 15.48 -18.53 7.18
N ASN D 84 14.37 -18.38 6.47
CA ASN D 84 14.06 -17.18 5.69
C ASN D 84 12.66 -16.69 6.05
N ALA D 85 12.31 -16.78 7.33
CA ALA D 85 10.94 -16.48 7.75
C ALA D 85 10.67 -14.98 7.84
N TYR D 86 11.59 -14.24 8.47
CA TYR D 86 11.32 -12.83 8.76
C TYR D 86 11.11 -12.03 7.49
N GLU D 87 11.75 -12.42 6.38
CA GLU D 87 11.48 -11.77 5.11
C GLU D 87 10.07 -12.11 4.62
N TYR D 88 9.66 -13.37 4.77
CA TYR D 88 8.32 -13.77 4.36
C TYR D 88 7.28 -13.39 5.40
N PHE D 89 7.68 -13.24 6.67
CA PHE D 89 6.73 -12.89 7.72
C PHE D 89 6.34 -11.42 7.65
N THR D 90 7.33 -10.52 7.65
CA THR D 90 7.02 -9.10 7.59
C THR D 90 6.35 -8.72 6.28
N LYS D 91 6.61 -9.47 5.22
CA LYS D 91 5.92 -9.23 3.94
C LYS D 91 4.42 -9.49 4.06
N ILE D 92 4.05 -10.59 4.74
CA ILE D 92 2.64 -10.91 4.90
C ILE D 92 2.01 -9.97 5.93
N ALA D 93 2.72 -9.69 7.02
CA ALA D 93 2.16 -8.83 8.07
C ALA D 93 1.89 -7.42 7.54
N THR D 94 2.75 -6.92 6.66
CA THR D 94 2.51 -5.61 6.07
C THR D 94 1.30 -5.61 5.14
N SER D 95 0.99 -6.77 4.54
CA SER D 95 -0.13 -6.85 3.61
C SER D 95 -1.48 -6.67 4.28
N LEU D 96 -1.55 -6.72 5.61
CA LEU D 96 -2.80 -6.47 6.30
C LEU D 96 -3.16 -5.00 6.35
N PHE D 97 -2.15 -4.11 6.28
CA PHE D 97 -2.38 -2.68 6.46
C PHE D 97 -2.10 -1.86 5.22
N GLU D 98 -1.34 -2.38 4.26
CA GLU D 98 -0.98 -1.60 3.08
C GLU D 98 -2.15 -1.54 2.10
N SER D 99 -2.11 -0.52 1.24
CA SER D 99 -3.14 -0.35 0.24
C SER D 99 -3.06 -1.45 -0.81
N GLY D 100 -4.21 -1.98 -1.18
CA GLY D 100 -4.25 -3.06 -2.15
C GLY D 100 -5.63 -3.69 -2.19
N ILE D 101 -5.74 -4.72 -3.02
CA ILE D 101 -6.99 -5.45 -3.21
C ILE D 101 -6.72 -6.93 -3.07
N ASN D 102 -7.37 -7.56 -2.09
CA ASN D 102 -7.38 -9.00 -1.96
C ASN D 102 -8.83 -9.47 -1.89
N TRP D 103 -9.03 -10.78 -1.93
CA TRP D 103 -10.38 -11.32 -1.98
C TRP D 103 -11.16 -11.00 -0.71
N GLY D 104 -10.48 -10.87 0.43
CA GLY D 104 -11.16 -10.50 1.65
C GLY D 104 -11.73 -9.10 1.61
N ARG D 105 -10.95 -8.13 1.11
CA ARG D 105 -11.42 -6.75 1.05
C ARG D 105 -12.53 -6.60 0.02
N VAL D 106 -12.60 -7.50 -0.97
CA VAL D 106 -13.69 -7.45 -1.95
C VAL D 106 -15.01 -7.86 -1.29
N VAL D 107 -14.96 -8.89 -0.44
CA VAL D 107 -16.17 -9.31 0.28
C VAL D 107 -16.61 -8.21 1.24
N ALA D 108 -15.65 -7.51 1.85
CA ALA D 108 -15.99 -6.41 2.75
C ALA D 108 -16.76 -5.32 2.01
N LEU D 109 -16.41 -5.08 0.74
CA LEU D 109 -17.16 -4.14 -0.07
C LEU D 109 -18.60 -4.62 -0.30
N LEU D 110 -18.77 -5.92 -0.53
CA LEU D 110 -20.11 -6.49 -0.65
C LEU D 110 -20.88 -6.34 0.66
N GLY D 111 -20.24 -6.67 1.78
CA GLY D 111 -20.90 -6.54 3.07
C GLY D 111 -21.27 -5.11 3.39
N PHE D 112 -20.51 -4.15 2.87
CA PHE D 112 -20.89 -2.75 3.03
C PHE D 112 -22.14 -2.43 2.22
N GLY D 113 -22.26 -3.02 1.02
CA GLY D 113 -23.46 -2.84 0.24
C GLY D 113 -24.68 -3.45 0.86
N TYR D 114 -24.52 -4.58 1.56
CA TYR D 114 -25.63 -5.17 2.28
C TYR D 114 -26.10 -4.26 3.42
N ARG D 115 -25.17 -3.78 4.24
CA ARG D 115 -25.53 -2.81 5.27
C ARG D 115 -26.02 -1.51 4.65
N LEU D 116 -25.57 -1.19 3.43
CA LEU D 116 -26.05 0.01 2.76
C LEU D 116 -27.47 -0.16 2.27
N ALA D 117 -27.74 -1.25 1.54
CA ALA D 117 -29.09 -1.51 1.06
C ALA D 117 -30.08 -1.69 2.21
N LEU D 118 -29.60 -2.22 3.35
CA LEU D 118 -30.48 -2.41 4.50
C LEU D 118 -30.77 -1.09 5.20
N HIS D 119 -29.72 -0.47 5.75
CA HIS D 119 -29.89 0.71 6.59
C HIS D 119 -30.55 1.88 5.85
N VAL D 120 -30.42 1.93 4.52
CA VAL D 120 -31.10 2.97 3.76
C VAL D 120 -32.56 2.60 3.47
N TYR D 121 -32.84 1.30 3.32
CA TYR D 121 -34.23 0.88 3.13
C TYR D 121 -35.06 1.09 4.40
N GLN D 122 -34.44 0.93 5.58
CA GLN D 122 -35.18 1.09 6.82
C GLN D 122 -35.64 2.54 6.99
N HIS D 123 -34.72 3.49 6.85
CA HIS D 123 -35.00 4.90 7.04
C HIS D 123 -35.27 5.63 5.73
N GLY D 124 -35.61 4.90 4.67
CA GLY D 124 -35.83 5.49 3.37
C GLY D 124 -37.27 5.42 2.91
N LEU D 125 -37.66 6.28 1.97
CA LEU D 125 -39.05 6.33 1.52
C LEU D 125 -39.39 5.24 0.53
N THR D 126 -38.39 4.56 -0.03
CA THR D 126 -38.62 3.57 -1.08
C THR D 126 -37.79 2.33 -0.80
N GLY D 127 -37.96 1.33 -1.66
CA GLY D 127 -37.12 0.14 -1.62
C GLY D 127 -35.80 0.40 -2.30
N PHE D 128 -34.71 0.28 -1.56
CA PHE D 128 -33.38 0.67 -2.03
C PHE D 128 -32.54 -0.57 -2.32
N LEU D 129 -32.84 -1.23 -3.43
CA LEU D 129 -32.01 -2.33 -3.93
C LEU D 129 -31.41 -2.04 -5.30
N GLY D 130 -32.17 -1.42 -6.20
CA GLY D 130 -31.62 -1.10 -7.51
C GLY D 130 -30.61 0.02 -7.48
N GLN D 131 -30.85 1.04 -6.65
CA GLN D 131 -29.93 2.15 -6.54
C GLN D 131 -28.64 1.79 -5.82
N VAL D 132 -28.61 0.67 -5.09
CA VAL D 132 -27.40 0.26 -4.38
C VAL D 132 -26.52 -0.60 -5.26
N THR D 133 -27.10 -1.45 -6.11
CA THR D 133 -26.30 -2.21 -7.06
C THR D 133 -25.53 -1.30 -7.99
N ARG D 134 -26.08 -0.13 -8.32
CA ARG D 134 -25.33 0.86 -9.07
C ARG D 134 -24.12 1.35 -8.28
N PHE D 135 -24.29 1.50 -6.97
CA PHE D 135 -23.18 1.98 -6.13
C PHE D 135 -22.04 0.97 -6.08
N VAL D 136 -22.35 -0.32 -6.18
CA VAL D 136 -21.32 -1.35 -6.07
C VAL D 136 -20.60 -1.53 -7.40
N VAL D 137 -21.37 -1.65 -8.49
CA VAL D 137 -20.76 -1.91 -9.79
C VAL D 137 -19.93 -0.72 -10.26
N ASP D 138 -20.44 0.50 -10.07
CA ASP D 138 -19.73 1.68 -10.53
C ASP D 138 -18.41 1.88 -9.79
N PHE D 139 -18.41 1.60 -8.49
CA PHE D 139 -17.19 1.76 -7.69
C PHE D 139 -16.13 0.75 -8.11
N MET D 140 -16.54 -0.47 -8.47
CA MET D 140 -15.57 -1.48 -8.88
C MET D 140 -14.95 -1.13 -10.22
N LEU D 141 -15.75 -0.61 -11.15
CA LEU D 141 -15.23 -0.25 -12.47
C LEU D 141 -14.19 0.85 -12.38
N HIS D 142 -14.46 1.89 -11.58
CA HIS D 142 -13.56 3.02 -11.48
C HIS D 142 -12.25 2.63 -10.78
N HIS D 143 -12.36 2.13 -9.55
CA HIS D 143 -11.17 1.87 -8.74
C HIS D 143 -10.50 0.56 -9.11
N SER D 144 -10.63 0.14 -10.37
CA SER D 144 -9.93 -1.00 -10.93
C SER D 144 -10.21 -2.31 -10.19
N ILE D 145 -11.27 -2.35 -9.39
CA ILE D 145 -11.61 -3.56 -8.66
C ILE D 145 -12.16 -4.61 -9.62
N ALA D 146 -13.01 -4.20 -10.57
CA ALA D 146 -13.57 -5.15 -11.52
C ALA D 146 -12.49 -5.76 -12.40
N ARG D 147 -11.48 -4.96 -12.77
CA ARG D 147 -10.37 -5.51 -13.56
C ARG D 147 -9.53 -6.47 -12.74
N TRP D 148 -9.32 -6.16 -11.45
CA TRP D 148 -8.59 -7.08 -10.58
C TRP D 148 -9.31 -8.42 -10.49
N ILE D 149 -10.64 -8.40 -10.43
CA ILE D 149 -11.41 -9.65 -10.42
C ILE D 149 -11.27 -10.36 -11.76
N ALA D 150 -11.30 -9.61 -12.86
CA ALA D 150 -11.19 -10.21 -14.18
C ALA D 150 -9.80 -10.82 -14.40
N GLN D 151 -8.75 -10.13 -13.95
CA GLN D 151 -7.39 -10.64 -14.07
C GLN D 151 -7.14 -11.85 -13.19
N ARG D 152 -8.00 -12.11 -12.21
CA ARG D 152 -7.93 -13.33 -11.42
C ARG D 152 -8.76 -14.46 -12.00
N GLY D 153 -9.55 -14.18 -13.05
CA GLY D 153 -10.41 -15.16 -13.68
C GLY D 153 -11.88 -14.77 -13.66
N GLY D 154 -12.27 -13.94 -12.69
CA GLY D 154 -13.64 -13.51 -12.53
C GLY D 154 -14.15 -13.84 -11.14
N TRP D 155 -15.44 -13.58 -10.93
CA TRP D 155 -16.07 -13.93 -9.65
C TRP D 155 -15.99 -15.42 -9.36
N VAL D 156 -15.82 -16.24 -10.40
CA VAL D 156 -15.75 -17.69 -10.25
C VAL D 156 -14.42 -18.10 -9.62
N ALA D 157 -13.52 -17.13 -9.41
CA ALA D 157 -12.19 -17.39 -8.87
C ALA D 157 -12.04 -16.92 -7.43
N ALA D 158 -13.14 -16.61 -6.75
CA ALA D 158 -13.09 -16.29 -5.33
C ALA D 158 -13.36 -17.50 -4.45
N LEU D 159 -14.05 -18.52 -4.96
CA LEU D 159 -14.36 -19.70 -4.17
C LEU D 159 -13.10 -20.49 -3.85
N ASN D 160 -12.19 -20.62 -4.81
CA ASN D 160 -10.96 -21.37 -4.62
C ASN D 160 -9.90 -20.52 -3.92
N GLY E 1 34.44 36.56 -29.77
CA GLY E 1 34.43 37.24 -28.48
C GLY E 1 33.83 38.64 -28.54
N SER E 2 32.59 38.72 -29.01
CA SER E 2 31.86 39.98 -29.09
C SER E 2 30.81 40.05 -27.98
N ASP E 3 30.23 41.23 -27.86
CA ASP E 3 29.20 41.49 -26.86
C ASP E 3 27.81 41.31 -27.45
N VAL E 4 26.91 40.74 -26.65
CA VAL E 4 25.51 40.64 -27.06
C VAL E 4 24.89 42.03 -27.05
N GLN E 5 24.11 42.33 -28.09
CA GLN E 5 23.49 43.63 -28.25
C GLN E 5 21.99 43.44 -28.31
N MET E 6 21.27 44.13 -27.43
CA MET E 6 19.82 44.04 -27.38
C MET E 6 19.19 45.12 -28.23
N THR E 7 18.28 44.74 -29.11
CA THR E 7 17.57 45.66 -29.99
C THR E 7 16.10 45.65 -29.59
N GLN E 8 15.65 46.76 -29.00
CA GLN E 8 14.28 46.86 -28.54
C GLN E 8 13.42 47.51 -29.63
N SER E 9 12.17 47.07 -29.73
CA SER E 9 11.30 47.56 -30.79
C SER E 9 9.83 47.42 -30.42
N PRO E 10 9.02 48.47 -30.65
CA PRO E 10 9.50 49.75 -31.17
C PRO E 10 10.07 50.64 -30.07
N SER E 11 10.64 51.79 -30.44
CA SER E 11 11.20 52.70 -29.46
C SER E 11 10.12 53.54 -28.79
N TYR E 12 9.11 53.96 -29.55
CA TYR E 12 8.04 54.81 -29.05
C TYR E 12 6.70 54.14 -29.32
N LEU E 13 5.86 54.09 -28.29
CA LEU E 13 4.55 53.47 -28.37
C LEU E 13 3.50 54.39 -27.76
N ALA E 14 2.37 54.55 -28.44
CA ALA E 14 1.27 55.37 -27.97
C ALA E 14 0.04 54.50 -27.84
N ALA E 15 -0.45 54.33 -26.62
CA ALA E 15 -1.62 53.51 -26.37
C ALA E 15 -2.53 54.23 -25.37
N SER E 16 -3.69 53.63 -25.14
CA SER E 16 -4.71 54.15 -24.24
C SER E 16 -5.11 53.04 -23.29
N PRO E 17 -5.67 53.39 -22.12
CA PRO E 17 -6.10 52.34 -21.18
C PRO E 17 -7.11 51.40 -21.82
N GLY E 18 -6.88 50.09 -21.63
CA GLY E 18 -7.69 49.05 -22.19
C GLY E 18 -7.06 48.33 -23.37
N GLU E 19 -6.27 49.02 -24.18
CA GLU E 19 -5.64 48.41 -25.32
C GLU E 19 -4.61 47.38 -24.89
N SER E 20 -4.22 46.52 -25.83
CA SER E 20 -3.11 45.60 -25.66
C SER E 20 -1.92 46.09 -26.46
N VAL E 21 -0.72 45.73 -26.01
CA VAL E 21 0.50 46.22 -26.63
C VAL E 21 1.62 45.25 -26.29
N SER E 22 2.62 45.19 -27.18
CA SER E 22 3.74 44.27 -27.00
C SER E 22 5.03 44.96 -27.43
N ILE E 23 6.13 44.54 -26.81
CA ILE E 23 7.46 45.07 -27.07
C ILE E 23 8.37 43.91 -27.42
N SER E 24 9.16 44.07 -28.48
CA SER E 24 10.09 43.04 -28.90
C SER E 24 11.51 43.41 -28.48
N CYS E 25 12.27 42.40 -28.05
CA CYS E 25 13.66 42.59 -27.65
C CYS E 25 14.47 41.46 -28.28
N LYS E 26 15.30 41.79 -29.26
CA LYS E 26 16.09 40.81 -29.99
C LYS E 26 17.56 40.89 -29.60
N ALA E 27 18.21 39.74 -29.58
CA ALA E 27 19.62 39.62 -29.24
C ALA E 27 20.42 39.19 -30.45
N THR E 28 21.64 39.71 -30.56
CA THR E 28 22.51 39.32 -31.67
C THR E 28 22.94 37.85 -31.54
N GLU E 29 23.31 37.43 -30.33
CA GLU E 29 23.68 36.05 -30.06
C GLU E 29 22.64 35.39 -29.16
N ASN E 30 22.80 34.08 -28.97
CA ASN E 30 21.89 33.33 -28.12
C ASN E 30 22.05 33.75 -26.65
N ILE E 31 20.92 33.93 -25.97
CA ILE E 31 20.93 34.29 -24.56
C ILE E 31 20.07 33.29 -23.79
N ASN E 32 19.76 32.15 -24.42
CA ASN E 32 18.90 31.11 -23.85
C ASN E 32 17.56 31.77 -23.53
N THR E 33 17.06 31.70 -22.30
CA THR E 33 15.84 32.37 -21.91
C THR E 33 16.07 33.47 -20.87
N TYR E 34 17.31 33.88 -20.65
CA TYR E 34 17.65 34.80 -19.57
C TYR E 34 17.54 36.23 -20.06
N LEU E 35 16.32 36.76 -20.03
CA LEU E 35 16.05 38.15 -20.34
C LEU E 35 15.20 38.75 -19.23
N ALA E 36 15.64 39.89 -18.71
CA ALA E 36 14.91 40.63 -17.68
C ALA E 36 14.27 41.88 -18.28
N TRP E 37 13.16 42.31 -17.69
CA TRP E 37 12.47 43.53 -18.10
C TRP E 37 12.37 44.47 -16.91
N TYR E 38 12.64 45.75 -17.15
CA TYR E 38 12.58 46.77 -16.13
C TYR E 38 11.56 47.83 -16.51
N GLN E 39 10.98 48.47 -15.49
CA GLN E 39 10.00 49.54 -15.68
C GLN E 39 10.56 50.80 -15.04
N ALA E 40 10.78 51.83 -15.87
CA ALA E 40 11.40 53.08 -15.44
C ALA E 40 10.40 54.21 -15.58
N LYS E 41 10.13 54.89 -14.46
CA LYS E 41 9.23 56.03 -14.41
C LYS E 41 9.99 57.30 -14.06
N PRO E 42 9.51 58.47 -14.51
CA PRO E 42 10.26 59.72 -14.23
C PRO E 42 10.44 60.02 -12.75
N GLY E 43 9.37 59.91 -11.97
CA GLY E 43 9.45 60.25 -10.56
C GLY E 43 9.93 59.13 -9.67
N LYS E 44 9.29 57.96 -9.79
CA LYS E 44 9.57 56.84 -8.91
C LYS E 44 10.85 56.12 -9.32
N THR E 45 11.21 55.11 -8.54
CA THR E 45 12.40 54.30 -8.79
C THR E 45 12.09 53.18 -9.77
N THR E 46 13.15 52.65 -10.38
CA THR E 46 13.01 51.59 -11.37
C THR E 46 12.56 50.29 -10.72
N LYS E 47 11.66 49.59 -11.39
CA LYS E 47 11.06 48.36 -10.89
C LYS E 47 11.45 47.19 -11.80
N LEU E 48 11.67 46.03 -11.19
CA LEU E 48 11.95 44.81 -11.93
C LEU E 48 10.63 44.13 -12.27
N LEU E 49 10.34 44.02 -13.57
CA LEU E 49 9.09 43.39 -14.02
C LEU E 49 9.25 41.87 -14.12
N LEU E 50 10.08 41.43 -15.07
CA LEU E 50 10.27 40.01 -15.33
C LEU E 50 11.75 39.67 -15.29
N TYR E 51 12.01 38.37 -15.12
CA TYR E 51 13.34 37.81 -15.31
C TYR E 51 13.17 36.42 -15.89
N SER E 52 14.25 35.93 -16.50
CA SER E 52 14.25 34.62 -17.17
C SER E 52 13.14 34.52 -18.21
N GLY E 53 12.95 35.61 -18.96
CA GLY E 53 12.05 35.62 -20.09
C GLY E 53 10.57 35.66 -19.76
N SER E 54 10.14 34.91 -18.76
CA SER E 54 8.71 34.77 -18.49
C SER E 54 8.32 34.80 -17.01
N THR E 55 9.27 34.76 -16.08
CA THR E 55 8.93 34.68 -14.67
C THR E 55 8.65 36.08 -14.13
N LEU E 56 7.41 36.31 -13.70
CA LEU E 56 7.04 37.59 -13.12
C LEU E 56 7.72 37.80 -11.78
N GLN E 57 8.17 39.03 -11.53
CA GLN E 57 8.73 39.39 -10.24
C GLN E 57 7.62 39.64 -9.24
N SER E 58 7.89 39.30 -7.98
CA SER E 58 6.92 39.48 -6.90
C SER E 58 6.35 40.90 -6.88
N GLY E 59 5.07 41.04 -7.20
CA GLY E 59 4.41 42.32 -7.26
C GLY E 59 4.04 42.77 -8.66
N THR E 60 4.47 42.07 -9.70
CA THR E 60 4.10 42.45 -11.06
C THR E 60 2.71 41.93 -11.39
N PRO E 61 1.81 42.77 -11.92
CA PRO E 61 0.45 42.31 -12.22
C PRO E 61 0.43 41.20 -13.25
N SER E 62 -0.69 40.46 -13.26
CA SER E 62 -0.82 39.32 -14.16
C SER E 62 -1.00 39.74 -15.61
N ARG E 63 -1.34 41.01 -15.86
CA ARG E 63 -1.50 41.47 -17.23
C ARG E 63 -0.16 41.60 -17.96
N PHE E 64 0.95 41.47 -17.26
CA PHE E 64 2.28 41.44 -17.87
C PHE E 64 2.63 40.01 -18.22
N SER E 65 3.23 39.82 -19.40
CA SER E 65 3.57 38.50 -19.89
C SER E 65 4.78 38.61 -20.80
N GLY E 66 5.74 37.72 -20.62
CA GLY E 66 6.93 37.71 -21.46
C GLY E 66 7.16 36.38 -22.14
N SER E 67 7.45 36.43 -23.44
CA SER E 67 7.76 35.24 -24.22
C SER E 67 9.10 35.44 -24.91
N GLY E 68 9.86 34.35 -25.03
CA GLY E 68 11.15 34.44 -25.67
C GLY E 68 11.83 33.09 -25.88
N SER E 69 12.30 32.86 -27.10
CA SER E 69 12.97 31.61 -27.44
C SER E 69 14.43 31.67 -27.03
N GLY E 70 15.28 32.17 -27.91
CA GLY E 70 16.71 32.25 -27.66
C GLY E 70 17.30 33.58 -28.03
N THR E 71 16.86 34.14 -29.17
CA THR E 71 17.28 35.46 -29.60
C THR E 71 16.12 36.39 -29.91
N ASP E 72 14.87 35.96 -29.69
CA ASP E 72 13.69 36.73 -30.03
C ASP E 72 12.76 36.69 -28.82
N PHE E 73 12.55 37.84 -28.18
CA PHE E 73 11.76 37.94 -26.96
C PHE E 73 10.67 39.00 -27.14
N THR E 74 9.57 38.82 -26.42
CA THR E 74 8.46 39.76 -26.46
C THR E 74 7.91 39.97 -25.05
N LEU E 75 7.71 41.23 -24.68
CA LEU E 75 6.96 41.60 -23.49
C LEU E 75 5.56 42.04 -23.91
N THR E 76 4.55 41.64 -23.14
CA THR E 76 3.17 41.87 -23.52
C THR E 76 2.38 42.37 -22.33
N ILE E 77 1.79 43.55 -22.45
CA ILE E 77 0.85 44.08 -21.48
C ILE E 77 -0.55 43.87 -22.03
N SER E 78 -1.35 43.08 -21.32
CA SER E 78 -2.67 42.67 -21.81
C SER E 78 -3.67 43.81 -21.75
N SER E 79 -4.27 44.03 -20.59
CA SER E 79 -5.24 45.10 -20.38
C SER E 79 -4.49 46.29 -19.79
N LEU E 80 -4.16 47.26 -20.64
CA LEU E 80 -3.31 48.37 -20.24
C LEU E 80 -4.01 49.25 -19.22
N GLU E 81 -3.36 49.47 -18.08
CA GLU E 81 -3.81 50.34 -17.00
C GLU E 81 -2.95 51.60 -16.96
N PRO E 82 -3.48 52.71 -16.45
CA PRO E 82 -2.69 53.95 -16.40
C PRO E 82 -1.37 53.81 -15.66
N GLU E 83 -1.30 52.94 -14.65
CA GLU E 83 -0.04 52.73 -13.95
C GLU E 83 1.00 52.05 -14.84
N ASP E 84 0.59 51.44 -15.96
CA ASP E 84 1.49 50.75 -16.86
C ASP E 84 2.05 51.67 -17.95
N PHE E 85 2.16 52.96 -17.68
CA PHE E 85 2.75 53.92 -18.61
C PHE E 85 4.12 54.30 -18.09
N ALA E 86 5.17 53.82 -18.76
CA ALA E 86 6.55 54.08 -18.34
C ALA E 86 7.47 53.77 -19.51
N VAL E 87 8.76 53.70 -19.22
CA VAL E 87 9.78 53.31 -20.19
C VAL E 87 10.28 51.93 -19.81
N TYR E 88 10.38 51.03 -20.78
CA TYR E 88 10.72 49.64 -20.53
C TYR E 88 12.08 49.33 -21.14
N TYR E 89 12.92 48.64 -20.37
CA TYR E 89 14.25 48.24 -20.79
C TYR E 89 14.37 46.74 -20.62
N CYS E 90 14.91 46.06 -21.64
CA CYS E 90 15.23 44.65 -21.54
C CYS E 90 16.72 44.48 -21.33
N GLN E 91 17.09 43.49 -20.50
CA GLN E 91 18.48 43.22 -20.19
C GLN E 91 18.69 41.71 -20.17
N GLN E 92 19.71 41.25 -20.90
CA GLN E 92 20.06 39.84 -20.87
C GLN E 92 20.98 39.56 -19.70
N HIS E 93 20.71 38.47 -18.99
CA HIS E 93 21.58 38.03 -17.91
C HIS E 93 22.07 36.62 -18.18
N ASN E 94 22.50 36.37 -19.41
CA ASN E 94 23.02 35.07 -19.83
C ASN E 94 24.54 35.02 -19.87
N GLU E 95 25.21 36.18 -20.00
CA GLU E 95 26.66 36.23 -20.01
C GLU E 95 27.10 37.64 -19.68
N TYR E 96 28.36 37.77 -19.27
CA TYR E 96 28.96 39.07 -19.03
C TYR E 96 29.74 39.53 -20.26
N PRO E 97 29.75 40.84 -20.56
CA PRO E 97 29.11 41.90 -19.77
C PRO E 97 27.59 41.96 -19.94
N LEU E 98 26.88 42.34 -18.88
CA LEU E 98 25.44 42.50 -18.98
C LEU E 98 25.09 43.63 -19.94
N THR E 99 24.03 43.44 -20.72
CA THR E 99 23.66 44.37 -21.77
C THR E 99 22.18 44.70 -21.66
N PHE E 100 21.87 46.00 -21.71
CA PHE E 100 20.50 46.48 -21.69
C PHE E 100 20.08 46.82 -23.12
N GLY E 101 18.85 47.33 -23.24
CA GLY E 101 18.32 47.78 -24.51
C GLY E 101 18.25 49.30 -24.58
N SER E 102 18.00 49.79 -25.79
CA SER E 102 17.86 51.23 -26.00
C SER E 102 16.72 51.79 -25.16
N GLY E 103 15.59 51.11 -25.12
CA GLY E 103 14.44 51.53 -24.33
C GLY E 103 13.20 51.62 -25.21
N THR E 104 12.04 51.46 -24.57
CA THR E 104 10.75 51.57 -25.24
C THR E 104 9.84 52.43 -24.38
N LYS E 105 9.38 53.54 -24.93
CA LYS E 105 8.52 54.48 -24.23
C LYS E 105 7.07 54.19 -24.57
N LEU E 106 6.24 54.03 -23.54
CA LEU E 106 4.81 53.76 -23.70
C LEU E 106 4.10 55.03 -23.25
N GLU E 107 3.69 55.84 -24.23
CA GLU E 107 3.06 57.13 -23.97
C GLU E 107 1.54 57.02 -24.06
N ILE E 108 0.86 58.07 -23.61
CA ILE E 108 -0.59 58.13 -23.65
C ILE E 108 -1.02 58.75 -24.97
N LYS E 109 -1.92 58.08 -25.68
CA LYS E 109 -2.45 58.59 -26.94
C LYS E 109 -3.78 59.29 -26.71
N SER F 2 13.72 47.85 7.04
CA SER F 2 12.35 48.03 6.58
C SER F 2 12.30 48.04 5.07
N GLU F 3 12.13 49.24 4.50
CA GLU F 3 12.08 49.39 3.05
C GLU F 3 13.48 49.60 2.50
N VAL F 4 13.73 49.06 1.31
CA VAL F 4 15.03 49.14 0.68
C VAL F 4 15.17 50.47 -0.03
N GLU F 5 16.34 51.12 0.13
CA GLU F 5 16.61 52.38 -0.53
C GLU F 5 18.09 52.49 -0.85
N LEU F 6 18.40 53.02 -2.03
CA LEU F 6 19.77 53.24 -2.47
C LEU F 6 19.88 54.71 -2.88
N VAL F 7 20.91 55.38 -2.39
CA VAL F 7 21.10 56.81 -2.64
C VAL F 7 22.54 57.06 -3.06
N GLU F 8 22.71 57.68 -4.22
CA GLU F 8 24.02 58.10 -4.73
C GLU F 8 24.25 59.57 -4.43
N SER F 9 25.52 59.98 -4.51
CA SER F 9 25.88 61.33 -4.07
C SER F 9 27.07 61.91 -4.83
N GLY F 10 27.87 61.06 -5.47
CA GLY F 10 29.16 61.48 -5.96
C GLY F 10 29.21 62.21 -7.30
N GLY F 11 28.10 62.81 -7.72
CA GLY F 11 28.07 63.46 -9.02
C GLY F 11 28.70 64.84 -8.99
N ASP F 12 29.22 65.25 -10.15
CA ASP F 12 29.91 66.53 -10.28
C ASP F 12 30.25 66.75 -11.75
N LEU F 13 30.67 67.97 -12.06
CA LEU F 13 31.23 68.32 -13.36
C LEU F 13 32.74 68.26 -13.27
N VAL F 14 33.37 67.53 -14.20
CA VAL F 14 34.79 67.25 -14.11
C VAL F 14 35.44 67.42 -15.48
N GLN F 15 36.73 67.78 -15.47
CA GLN F 15 37.52 67.92 -16.68
C GLN F 15 37.97 66.56 -17.19
N PRO F 16 38.21 66.42 -18.49
CA PRO F 16 38.71 65.14 -19.01
C PRO F 16 40.08 64.81 -18.44
N GLY F 17 40.33 63.52 -18.24
CA GLY F 17 41.57 63.08 -17.67
C GLY F 17 41.67 63.16 -16.17
N ARG F 18 40.66 63.69 -15.50
CA ARG F 18 40.68 63.85 -14.05
C ARG F 18 40.09 62.60 -13.40
N SER F 19 39.85 62.68 -12.10
CA SER F 19 39.29 61.57 -11.33
C SER F 19 38.01 62.01 -10.65
N LEU F 20 37.25 61.02 -10.19
CA LEU F 20 35.98 61.26 -9.52
C LEU F 20 35.47 59.96 -8.88
N LYS F 21 35.10 60.02 -7.61
CA LYS F 21 34.73 58.83 -6.85
C LYS F 21 33.26 58.96 -6.46
N LEU F 22 32.44 58.03 -6.93
CA LEU F 22 31.03 57.97 -6.57
C LEU F 22 30.84 57.19 -5.29
N SER F 23 29.67 57.39 -4.68
CA SER F 23 29.37 56.76 -3.40
C SER F 23 27.87 56.50 -3.34
N CYS F 24 27.50 55.29 -2.93
CA CYS F 24 26.10 54.86 -2.87
C CYS F 24 25.80 54.34 -1.48
N ALA F 25 24.86 54.99 -0.79
CA ALA F 25 24.45 54.58 0.54
C ALA F 25 23.21 53.68 0.44
N ALA F 26 23.18 52.64 1.27
CA ALA F 26 22.15 51.63 1.21
C ALA F 26 21.52 51.45 2.58
N SER F 27 20.24 51.08 2.58
CA SER F 27 19.51 50.78 3.81
C SER F 27 18.32 49.91 3.46
N GLY F 28 17.79 49.24 4.48
CA GLY F 28 16.65 48.36 4.31
C GLY F 28 16.96 46.90 4.11
N PHE F 29 18.24 46.51 4.19
CA PHE F 29 18.62 45.12 4.02
C PHE F 29 20.03 44.94 4.58
N THR F 30 20.43 43.67 4.71
CA THR F 30 21.79 43.35 5.12
C THR F 30 22.73 43.61 3.95
N PHE F 31 23.53 44.67 4.05
CA PHE F 31 24.36 45.09 2.93
C PHE F 31 25.44 44.06 2.61
N SER F 32 26.02 43.43 3.63
CA SER F 32 27.13 42.51 3.45
C SER F 32 26.69 41.13 2.95
N ASN F 33 25.52 41.02 2.34
CA ASN F 33 25.03 39.73 1.86
C ASN F 33 24.70 39.71 0.37
N LEU F 34 24.68 40.85 -0.30
CA LEU F 34 24.26 40.93 -1.69
C LEU F 34 25.30 41.67 -2.52
N ALA F 35 25.41 41.27 -3.78
CA ALA F 35 26.31 41.92 -4.72
C ALA F 35 25.70 43.22 -5.23
N MET F 36 26.55 44.23 -5.40
CA MET F 36 26.12 45.53 -5.88
C MET F 36 26.73 45.80 -7.25
N ALA F 37 26.15 46.78 -7.96
CA ALA F 37 26.59 47.08 -9.31
C ALA F 37 26.37 48.56 -9.62
N TRP F 38 27.01 49.01 -10.69
CA TRP F 38 26.86 50.37 -11.20
C TRP F 38 26.44 50.30 -12.66
N VAL F 39 25.39 51.05 -13.01
CA VAL F 39 24.90 51.15 -14.37
C VAL F 39 24.82 52.62 -14.74
N ARG F 40 25.15 52.95 -15.99
CA ARG F 40 25.16 54.33 -16.45
C ARG F 40 24.30 54.47 -17.71
N GLN F 41 23.67 55.64 -17.83
CA GLN F 41 22.79 55.96 -18.96
C GLN F 41 23.48 57.03 -19.82
N THR F 42 24.03 56.62 -20.95
CA THR F 42 24.77 57.48 -21.86
C THR F 42 23.80 58.26 -22.76
N PRO F 43 24.09 59.52 -23.06
CA PRO F 43 23.23 60.27 -23.99
C PRO F 43 23.05 59.59 -25.34
N THR F 44 24.06 58.84 -25.80
CA THR F 44 23.97 58.13 -27.07
C THR F 44 24.02 56.63 -26.91
N LYS F 45 24.99 56.10 -26.14
CA LYS F 45 25.22 54.67 -26.05
C LYS F 45 24.31 53.96 -25.05
N GLY F 46 23.06 54.42 -24.93
CA GLY F 46 22.05 53.69 -24.19
C GLY F 46 22.42 53.45 -22.74
N LEU F 47 22.17 52.22 -22.29
CA LEU F 47 22.38 51.82 -20.90
C LEU F 47 23.54 50.84 -20.86
N GLU F 48 24.49 51.08 -19.96
CA GLU F 48 25.69 50.27 -19.87
C GLU F 48 25.90 49.81 -18.44
N TRP F 49 26.06 48.51 -18.25
CA TRP F 49 26.55 47.98 -16.99
C TRP F 49 28.03 48.31 -16.86
N VAL F 50 28.40 48.92 -15.73
CA VAL F 50 29.76 49.43 -15.57
C VAL F 50 30.60 48.42 -14.80
N ALA F 51 30.14 48.06 -13.60
CA ALA F 51 30.91 47.15 -12.76
C ALA F 51 29.99 46.51 -11.74
N SER F 52 30.42 45.35 -11.25
CA SER F 52 29.74 44.65 -10.16
C SER F 52 30.79 44.17 -9.17
N ILE F 53 30.37 43.99 -7.93
CA ILE F 53 31.29 43.64 -6.85
C ILE F 53 30.65 42.56 -5.98
N SER F 54 31.48 41.63 -5.49
CA SER F 54 31.00 40.56 -4.64
C SER F 54 30.49 41.12 -3.32
N PRO F 55 29.71 40.32 -2.56
CA PRO F 55 29.22 40.80 -1.26
C PRO F 55 30.33 41.24 -0.32
N ALA F 56 31.43 40.47 -0.23
CA ALA F 56 32.56 40.86 0.60
C ALA F 56 33.55 41.76 -0.13
N GLY F 57 33.39 41.95 -1.44
CA GLY F 57 34.27 42.84 -2.19
C GLY F 57 35.53 42.19 -2.73
N ILE F 58 35.68 40.87 -2.59
CA ILE F 58 36.91 40.22 -3.04
C ILE F 58 36.93 40.09 -4.56
N THR F 59 35.79 39.82 -5.17
CA THR F 59 35.69 39.60 -6.60
C THR F 59 34.96 40.77 -7.25
N THR F 60 35.54 41.32 -8.31
CA THR F 60 34.97 42.45 -9.02
C THR F 60 34.94 42.18 -10.52
N TYR F 61 33.83 42.53 -11.16
CA TYR F 61 33.67 42.43 -12.60
C TYR F 61 33.59 43.83 -13.20
N TYR F 62 34.28 44.05 -14.31
CA TYR F 62 34.26 45.32 -15.01
C TYR F 62 33.95 45.12 -16.49
N ARG F 63 33.37 46.14 -17.10
CA ARG F 63 33.19 46.14 -18.55
C ARG F 63 34.49 46.59 -19.22
N ASP F 64 34.64 46.19 -20.49
CA ASP F 64 35.89 46.42 -21.19
C ASP F 64 36.24 47.89 -21.28
N SER F 65 35.26 48.74 -21.59
CA SER F 65 35.54 50.15 -21.84
C SER F 65 36.02 50.89 -20.59
N VAL F 66 35.77 50.35 -19.39
CA VAL F 66 36.19 50.99 -18.15
C VAL F 66 37.25 50.17 -17.43
N LYS F 67 37.59 48.99 -17.93
CA LYS F 67 38.61 48.17 -17.29
C LYS F 67 39.94 48.90 -17.25
N GLY F 68 40.52 48.99 -16.05
CA GLY F 68 41.78 49.66 -15.84
C GLY F 68 41.65 51.08 -15.32
N ARG F 69 40.54 51.75 -15.61
CA ARG F 69 40.31 53.13 -15.18
C ARG F 69 39.35 53.22 -14.01
N PHE F 70 38.24 52.50 -14.06
CA PHE F 70 37.24 52.53 -12.99
C PHE F 70 37.55 51.47 -11.95
N THR F 71 37.23 51.79 -10.69
CA THR F 71 37.43 50.88 -9.58
C THR F 71 36.16 50.86 -8.73
N ILE F 72 35.60 49.68 -8.54
CA ILE F 72 34.41 49.50 -7.71
C ILE F 72 34.86 48.96 -6.36
N SER F 73 34.28 49.51 -5.29
CA SER F 73 34.65 49.13 -3.94
C SER F 73 33.43 49.23 -3.05
N ARG F 74 33.57 48.75 -1.82
CA ARG F 74 32.46 48.80 -0.87
C ARG F 74 33.01 48.76 0.53
N ASP F 75 32.25 49.35 1.46
CA ASP F 75 32.57 49.35 2.89
C ASP F 75 31.33 48.80 3.60
N ASN F 76 31.32 47.48 3.83
CA ASN F 76 30.18 46.83 4.46
C ASN F 76 29.90 47.39 5.85
N ALA F 77 30.91 47.93 6.53
CA ALA F 77 30.68 48.53 7.84
C ALA F 77 29.79 49.76 7.74
N ARG F 78 29.88 50.52 6.66
CA ARG F 78 29.08 51.72 6.47
C ARG F 78 27.95 51.54 5.48
N ASN F 79 27.70 50.31 5.02
CA ASN F 79 26.60 50.02 4.09
C ASN F 79 26.72 50.87 2.83
N THR F 80 27.94 51.01 2.32
CA THR F 80 28.22 51.90 1.21
C THR F 80 29.12 51.21 0.20
N GLN F 81 28.80 51.39 -1.08
CA GLN F 81 29.67 50.98 -2.18
C GLN F 81 30.14 52.22 -2.92
N TYR F 82 31.27 52.08 -3.61
CA TYR F 82 31.91 53.22 -4.26
C TYR F 82 32.21 52.87 -5.71
N LEU F 83 32.49 53.93 -6.49
CA LEU F 83 32.92 53.78 -7.88
C LEU F 83 33.97 54.86 -8.15
N GLN F 84 35.24 54.49 -8.08
CA GLN F 84 36.35 55.41 -8.30
C GLN F 84 36.63 55.47 -9.81
N MET F 85 36.27 56.59 -10.43
CA MET F 85 36.46 56.77 -11.86
C MET F 85 37.73 57.59 -12.08
N ASP F 86 38.79 56.94 -12.52
CA ASP F 86 40.06 57.57 -12.82
C ASP F 86 40.23 57.68 -14.34
N SER F 87 41.00 58.68 -14.76
CA SER F 87 41.24 58.97 -16.17
C SER F 87 39.92 59.03 -16.95
N LEU F 88 39.13 60.03 -16.59
CA LEU F 88 37.80 60.18 -17.16
C LEU F 88 37.91 60.61 -18.63
N ARG F 89 36.90 60.23 -19.41
CA ARG F 89 36.85 60.50 -20.83
C ARG F 89 35.55 61.21 -21.18
N SER F 90 35.54 61.86 -22.35
CA SER F 90 34.35 62.52 -22.86
C SER F 90 33.23 61.52 -23.17
N GLU F 91 33.51 60.23 -23.03
CA GLU F 91 32.51 59.19 -23.19
C GLU F 91 32.00 58.64 -21.86
N ASP F 92 32.68 58.96 -20.75
CA ASP F 92 32.23 58.51 -19.45
C ASP F 92 31.13 59.37 -18.85
N THR F 93 30.77 60.47 -19.52
CA THR F 93 29.72 61.34 -19.01
C THR F 93 28.36 60.68 -19.21
N ALA F 94 27.65 60.46 -18.11
CA ALA F 94 26.36 59.77 -18.13
C ALA F 94 25.74 59.92 -16.75
N THR F 95 24.51 59.41 -16.61
CA THR F 95 23.86 59.30 -15.32
C THR F 95 24.17 57.93 -14.73
N TYR F 96 24.84 57.89 -13.59
CA TYR F 96 25.31 56.66 -12.98
C TYR F 96 24.35 56.22 -11.88
N TYR F 97 23.80 55.01 -12.03
CA TYR F 97 22.79 54.48 -11.13
C TYR F 97 23.40 53.41 -10.24
N CYS F 98 22.92 53.36 -8.99
CA CYS F 98 23.30 52.31 -8.05
C CYS F 98 22.29 51.18 -8.14
N ALA F 99 22.79 49.95 -8.24
CA ALA F 99 21.91 48.80 -8.44
C ALA F 99 22.34 47.66 -7.53
N ARG F 100 21.35 46.91 -7.04
CA ARG F 100 21.58 45.77 -6.17
C ARG F 100 21.16 44.49 -6.89
N HIS F 101 22.08 43.53 -6.99
CA HIS F 101 21.73 42.23 -7.54
C HIS F 101 20.65 41.58 -6.68
N THR F 102 19.72 40.88 -7.33
CA THR F 102 18.60 40.29 -6.61
C THR F 102 19.11 39.30 -5.56
N GLY F 103 19.89 38.32 -5.97
CA GLY F 103 20.53 37.43 -5.04
C GLY F 103 21.93 37.10 -5.50
N LYS F 104 22.11 35.88 -6.00
CA LYS F 104 23.32 35.50 -6.71
C LYS F 104 23.14 35.58 -8.22
N SER F 105 22.06 36.22 -8.67
CA SER F 105 21.75 36.34 -10.09
C SER F 105 22.28 37.67 -10.61
N SER F 106 22.03 37.94 -11.90
CA SER F 106 22.56 39.12 -12.56
C SER F 106 21.45 40.04 -13.08
N PHE F 107 20.33 40.09 -12.38
CA PHE F 107 19.34 41.14 -12.53
C PHE F 107 19.12 41.79 -11.17
N PHE F 108 18.48 42.96 -11.18
CA PHE F 108 18.60 43.90 -10.08
C PHE F 108 17.24 44.16 -9.42
N ASP F 109 17.16 43.89 -8.11
CA ASP F 109 15.99 44.18 -7.29
C ASP F 109 15.62 45.65 -7.33
N TYR F 110 16.41 46.48 -6.64
CA TYR F 110 16.13 47.89 -6.49
C TYR F 110 17.25 48.72 -7.11
N TRP F 111 16.92 49.97 -7.42
CA TRP F 111 17.85 50.88 -8.07
C TRP F 111 17.95 52.17 -7.28
N GLY F 112 19.00 52.94 -7.58
CA GLY F 112 19.13 54.29 -7.08
C GLY F 112 18.42 55.29 -7.98
N GLN F 113 18.42 56.54 -7.54
CA GLN F 113 17.77 57.60 -8.31
C GLN F 113 18.64 58.12 -9.45
N GLY F 114 19.95 58.03 -9.30
CA GLY F 114 20.83 58.45 -10.37
C GLY F 114 21.65 59.67 -9.99
N VAL F 115 22.92 59.66 -10.39
CA VAL F 115 23.83 60.77 -10.17
C VAL F 115 24.39 61.19 -11.51
N MET F 116 24.55 62.50 -11.70
CA MET F 116 24.99 63.06 -12.97
C MET F 116 26.49 63.28 -12.95
N VAL F 117 27.17 62.75 -13.96
CA VAL F 117 28.61 62.95 -14.16
C VAL F 117 28.79 63.49 -15.57
N THR F 118 29.38 64.68 -15.67
CA THR F 118 29.62 65.33 -16.96
C THR F 118 31.11 65.58 -17.10
N VAL F 119 31.68 65.08 -18.19
CA VAL F 119 33.10 65.27 -18.48
C VAL F 119 33.18 66.19 -19.69
N SER F 120 33.71 67.39 -19.48
CA SER F 120 33.79 68.39 -20.53
C SER F 120 34.74 69.49 -20.10
N SER F 121 35.49 70.03 -21.06
CA SER F 121 36.38 71.15 -20.78
C SER F 121 35.67 72.50 -20.88
N GLY F 122 34.62 72.58 -21.70
CA GLY F 122 33.89 73.82 -21.88
C GLY F 122 32.89 73.78 -23.01
N SER F 123 32.70 74.91 -23.69
CA SER F 123 31.71 75.06 -24.77
C SER F 123 30.32 74.63 -24.31
N GLY G 1 -32.39 -39.93 26.08
CA GLY G 1 -31.96 -39.60 27.43
C GLY G 1 -33.09 -39.08 28.32
N SER G 2 -32.79 -38.04 29.08
CA SER G 2 -33.79 -37.41 29.95
C SER G 2 -34.23 -36.08 29.36
N ASP G 3 -35.31 -35.54 29.92
CA ASP G 3 -35.87 -34.27 29.49
C ASP G 3 -35.43 -33.14 30.42
N VAL G 4 -35.15 -31.98 29.83
CA VAL G 4 -34.88 -30.79 30.63
C VAL G 4 -36.19 -30.32 31.27
N GLN G 5 -36.12 -29.95 32.54
CA GLN G 5 -37.30 -29.52 33.30
C GLN G 5 -37.08 -28.12 33.84
N MET G 6 -38.01 -27.22 33.54
CA MET G 6 -37.92 -25.83 33.99
C MET G 6 -38.66 -25.66 35.31
N THR G 7 -37.98 -25.04 36.28
CA THR G 7 -38.54 -24.77 37.60
C THR G 7 -38.68 -23.26 37.78
N GLN G 8 -39.92 -22.79 37.81
CA GLN G 8 -40.21 -21.37 37.96
C GLN G 8 -40.42 -21.02 39.43
N SER G 9 -40.00 -19.81 39.81
CA SER G 9 -40.08 -19.39 41.20
C SER G 9 -40.07 -17.87 41.29
N PRO G 10 -40.95 -17.26 42.10
CA PRO G 10 -41.97 -17.96 42.87
C PRO G 10 -43.21 -18.26 42.04
N SER G 11 -44.17 -18.99 42.62
CA SER G 11 -45.39 -19.35 41.90
C SER G 11 -46.39 -18.20 41.90
N TYR G 12 -46.52 -17.49 43.03
CA TYR G 12 -47.50 -16.42 43.17
C TYR G 12 -46.78 -15.16 43.64
N LEU G 13 -47.06 -14.05 42.97
CA LEU G 13 -46.47 -12.76 43.29
C LEU G 13 -47.55 -11.68 43.34
N ALA G 14 -47.48 -10.85 44.38
CA ALA G 14 -48.40 -9.74 44.56
C ALA G 14 -47.61 -8.45 44.63
N ALA G 15 -47.83 -7.56 43.66
CA ALA G 15 -47.11 -6.30 43.59
C ALA G 15 -48.10 -5.19 43.28
N SER G 16 -47.59 -3.97 43.26
CA SER G 16 -48.35 -2.75 43.01
C SER G 16 -47.66 -1.96 41.91
N PRO G 17 -48.39 -1.10 41.22
CA PRO G 17 -47.76 -0.29 40.17
C PRO G 17 -46.62 0.56 40.74
N GLY G 18 -45.48 0.53 40.04
CA GLY G 18 -44.31 1.26 40.45
C GLY G 18 -43.22 0.39 41.06
N GLU G 19 -43.61 -0.69 41.74
CA GLU G 19 -42.63 -1.58 42.36
C GLU G 19 -41.79 -2.30 41.31
N SER G 20 -40.68 -2.86 41.77
CA SER G 20 -39.86 -3.74 40.95
C SER G 20 -40.06 -5.18 41.41
N VAL G 21 -39.85 -6.12 40.49
CA VAL G 21 -40.13 -7.53 40.78
C VAL G 21 -39.31 -8.37 39.80
N SER G 22 -38.97 -9.59 40.23
CA SER G 22 -38.18 -10.50 39.42
C SER G 22 -38.72 -11.92 39.58
N ILE G 23 -38.54 -12.72 38.54
CA ILE G 23 -38.98 -14.11 38.51
C ILE G 23 -37.79 -14.98 38.13
N SER G 24 -37.63 -16.10 38.84
CA SER G 24 -36.54 -17.03 38.60
C SER G 24 -37.01 -18.24 37.82
N CYS G 25 -36.18 -18.70 36.89
CA CYS G 25 -36.47 -19.89 36.09
C CYS G 25 -35.18 -20.72 36.00
N LYS G 26 -35.18 -21.90 36.61
CA LYS G 26 -34.03 -22.77 36.64
C LYS G 26 -34.25 -23.98 35.74
N ALA G 27 -33.17 -24.47 35.13
CA ALA G 27 -33.21 -25.64 34.27
C ALA G 27 -32.41 -26.76 34.91
N THR G 28 -32.88 -28.00 34.73
CA THR G 28 -32.17 -29.16 35.27
C THR G 28 -30.85 -29.38 34.54
N GLU G 29 -30.85 -29.26 33.22
CA GLU G 29 -29.66 -29.41 32.40
C GLU G 29 -29.31 -28.06 31.77
N ASN G 30 -28.14 -28.02 31.13
CA ASN G 30 -27.70 -26.80 30.47
C ASN G 30 -28.60 -26.51 29.26
N ILE G 31 -28.99 -25.24 29.13
CA ILE G 31 -29.82 -24.80 28.01
C ILE G 31 -29.13 -23.61 27.34
N ASN G 32 -27.86 -23.40 27.66
CA ASN G 32 -27.06 -22.27 27.16
C ASN G 32 -27.80 -21.00 27.55
N THR G 33 -28.14 -20.11 26.63
CA THR G 33 -28.92 -18.91 26.94
C THR G 33 -30.29 -18.93 26.27
N TYR G 34 -30.73 -20.09 25.79
CA TYR G 34 -31.95 -20.18 24.99
C TYR G 34 -33.15 -20.40 25.92
N LEU G 35 -33.64 -19.30 26.47
CA LEU G 35 -34.84 -19.29 27.29
C LEU G 35 -35.78 -18.20 26.79
N ALA G 36 -37.03 -18.56 26.56
CA ALA G 36 -38.06 -17.60 26.16
C ALA G 36 -39.01 -17.34 27.32
N TRP G 37 -39.59 -16.15 27.32
CA TRP G 37 -40.58 -15.75 28.32
C TRP G 37 -41.88 -15.36 27.62
N TYR G 38 -43.00 -15.82 28.16
CA TYR G 38 -44.31 -15.54 27.62
C TYR G 38 -45.16 -14.80 28.64
N GLN G 39 -46.09 -14.00 28.14
CA GLN G 39 -47.03 -13.25 28.97
C GLN G 39 -48.43 -13.70 28.63
N ALA G 40 -49.12 -14.30 29.60
CA ALA G 40 -50.44 -14.88 29.39
C ALA G 40 -51.48 -14.11 30.19
N LYS G 41 -52.48 -13.57 29.50
CA LYS G 41 -53.56 -12.83 30.11
C LYS G 41 -54.88 -13.59 29.96
N PRO G 42 -55.82 -13.43 30.89
CA PRO G 42 -57.08 -14.19 30.81
C PRO G 42 -57.88 -13.92 29.55
N GLY G 43 -58.06 -12.65 29.18
CA GLY G 43 -58.88 -12.33 28.04
C GLY G 43 -58.15 -12.34 26.72
N LYS G 44 -57.04 -11.63 26.65
CA LYS G 44 -56.32 -11.46 25.39
C LYS G 44 -55.50 -12.72 25.07
N THR G 45 -54.83 -12.69 23.93
CA THR G 45 -53.99 -13.80 23.51
C THR G 45 -52.60 -13.67 24.11
N THR G 46 -51.90 -14.81 24.18
CA THR G 46 -50.57 -14.85 24.78
C THR G 46 -49.54 -14.15 23.89
N LYS G 47 -48.63 -13.42 24.52
CA LYS G 47 -47.61 -12.64 23.84
C LYS G 47 -46.23 -13.16 24.18
N LEU G 48 -45.33 -13.11 23.21
CA LEU G 48 -43.93 -13.49 23.42
C LEU G 48 -43.17 -12.29 23.96
N LEU G 49 -42.63 -12.41 25.17
CA LEU G 49 -41.86 -11.32 25.77
C LEU G 49 -40.41 -11.36 25.31
N LEU G 50 -39.68 -12.40 25.69
CA LEU G 50 -38.26 -12.51 25.40
C LEU G 50 -37.98 -13.83 24.71
N TYR G 51 -36.82 -13.88 24.05
CA TYR G 51 -36.26 -15.13 23.55
C TYR G 51 -34.74 -15.04 23.67
N SER G 52 -34.09 -16.20 23.65
CA SER G 52 -32.64 -16.29 23.81
C SER G 52 -32.19 -15.59 25.10
N GLY G 53 -32.95 -15.77 26.17
CA GLY G 53 -32.56 -15.30 27.49
C GLY G 53 -32.70 -13.82 27.73
N SER G 54 -32.35 -12.99 26.74
CA SER G 54 -32.29 -11.56 26.96
C SER G 54 -32.82 -10.71 25.82
N THR G 55 -33.12 -11.28 24.65
CA THR G 55 -33.53 -10.48 23.50
C THR G 55 -35.02 -10.18 23.60
N LEU G 56 -35.36 -8.90 23.74
CA LEU G 56 -36.74 -8.48 23.79
C LEU G 56 -37.43 -8.67 22.44
N GLN G 57 -38.68 -9.10 22.48
CA GLN G 57 -39.48 -9.22 21.28
C GLN G 57 -40.02 -7.86 20.85
N SER G 58 -40.13 -7.66 19.54
CA SER G 58 -40.64 -6.42 18.97
C SER G 58 -41.98 -6.04 19.60
N GLY G 59 -41.99 -4.95 20.36
CA GLY G 59 -43.18 -4.49 21.04
C GLY G 59 -43.14 -4.64 22.55
N THR G 60 -42.13 -5.33 23.08
CA THR G 60 -42.01 -5.47 24.52
C THR G 60 -41.37 -4.23 25.11
N PRO G 61 -41.94 -3.65 26.17
CA PRO G 61 -41.37 -2.43 26.75
C PRO G 61 -39.95 -2.66 27.27
N SER G 62 -39.22 -1.55 27.40
CA SER G 62 -37.82 -1.63 27.82
C SER G 62 -37.68 -1.99 29.30
N ARG G 63 -38.76 -1.87 30.07
CA ARG G 63 -38.72 -2.23 31.49
C ARG G 63 -38.60 -3.73 31.72
N PHE G 64 -38.78 -4.55 30.68
CA PHE G 64 -38.58 -5.98 30.77
C PHE G 64 -37.12 -6.32 30.46
N SER G 65 -36.54 -7.22 31.24
CA SER G 65 -35.15 -7.59 31.07
C SER G 65 -34.93 -8.99 31.60
N GLY G 66 -34.22 -9.81 30.82
CA GLY G 66 -33.92 -11.17 31.24
C GLY G 66 -32.42 -11.44 31.22
N SER G 67 -31.92 -12.05 32.29
CA SER G 67 -30.52 -12.45 32.40
C SER G 67 -30.45 -13.92 32.76
N GLY G 68 -29.44 -14.60 32.22
CA GLY G 68 -29.30 -16.02 32.47
C GLY G 68 -28.01 -16.63 31.96
N SER G 69 -27.36 -17.42 32.81
CA SER G 69 -26.10 -18.05 32.45
C SER G 69 -26.33 -19.31 31.64
N GLY G 70 -26.52 -20.45 32.31
CA GLY G 70 -26.71 -21.71 31.64
C GLY G 70 -27.87 -22.52 32.20
N THR G 71 -28.00 -22.53 33.53
CA THR G 71 -29.11 -23.21 34.19
C THR G 71 -29.87 -22.31 35.16
N ASP G 72 -29.52 -21.03 35.25
CA ASP G 72 -30.13 -20.12 36.20
C ASP G 72 -30.47 -18.83 35.47
N PHE G 73 -31.77 -18.56 35.33
CA PHE G 73 -32.26 -17.42 34.58
C PHE G 73 -33.21 -16.60 35.45
N THR G 74 -33.29 -15.30 35.15
CA THR G 74 -34.17 -14.39 35.87
C THR G 74 -34.85 -13.45 34.90
N LEU G 75 -36.16 -13.30 35.02
CA LEU G 75 -36.91 -12.25 34.35
C LEU G 75 -37.17 -11.12 35.33
N THR G 76 -37.07 -9.88 34.85
CA THR G 76 -37.15 -8.71 35.72
C THR G 76 -38.02 -7.66 35.07
N ILE G 77 -39.08 -7.24 35.76
CA ILE G 77 -39.89 -6.11 35.36
C ILE G 77 -39.45 -4.92 36.19
N SER G 78 -38.94 -3.88 35.54
CA SER G 78 -38.32 -2.77 36.24
C SER G 78 -39.35 -1.91 36.95
N SER G 79 -39.96 -0.97 36.22
CA SER G 79 -40.99 -0.10 36.77
C SER G 79 -42.33 -0.73 36.41
N LEU G 80 -42.89 -1.48 37.35
CA LEU G 80 -44.09 -2.27 37.07
C LEU G 80 -45.28 -1.36 36.80
N GLU G 81 -45.92 -1.56 35.65
CA GLU G 81 -47.13 -0.86 35.26
C GLU G 81 -48.32 -1.83 35.30
N PRO G 82 -49.55 -1.32 35.46
CA PRO G 82 -50.71 -2.23 35.54
C PRO G 82 -50.87 -3.15 34.34
N GLU G 83 -50.41 -2.74 33.15
CA GLU G 83 -50.48 -3.64 32.01
C GLU G 83 -49.59 -4.85 32.16
N ASP G 84 -48.61 -4.80 33.06
CA ASP G 84 -47.69 -5.90 33.30
C ASP G 84 -48.19 -6.88 34.34
N PHE G 85 -49.50 -7.02 34.50
CA PHE G 85 -50.10 -7.98 35.42
C PHE G 85 -50.66 -9.12 34.59
N ALA G 86 -50.00 -10.27 34.65
CA ALA G 86 -50.40 -11.44 33.88
C ALA G 86 -49.73 -12.67 34.49
N VAL G 87 -49.76 -13.77 33.76
CA VAL G 87 -49.08 -15.00 34.15
C VAL G 87 -47.90 -15.18 33.20
N TYR G 88 -46.73 -15.47 33.74
CA TYR G 88 -45.49 -15.54 32.97
C TYR G 88 -44.98 -16.98 32.97
N TYR G 89 -44.61 -17.45 31.79
CA TYR G 89 -44.07 -18.80 31.60
C TYR G 89 -42.70 -18.70 30.93
N CYS G 90 -41.74 -19.46 31.43
CA CYS G 90 -40.44 -19.58 30.79
C CYS G 90 -40.39 -20.89 30.03
N GLN G 91 -39.78 -20.87 28.86
CA GLN G 91 -39.65 -22.05 28.01
C GLN G 91 -38.25 -22.08 27.41
N GLN G 92 -37.58 -23.22 27.52
CA GLN G 92 -36.28 -23.40 26.91
C GLN G 92 -36.44 -23.80 25.44
N HIS G 93 -35.64 -23.19 24.58
CA HIS G 93 -35.61 -23.56 23.17
C HIS G 93 -34.20 -23.98 22.78
N ASN G 94 -33.58 -24.79 23.63
CA ASN G 94 -32.24 -25.29 23.40
C ASN G 94 -32.20 -26.72 22.86
N GLU G 95 -33.26 -27.50 23.11
CA GLU G 95 -33.32 -28.86 22.61
C GLU G 95 -34.77 -29.34 22.62
N TYR G 96 -35.03 -30.37 21.84
CA TYR G 96 -36.35 -30.99 21.89
C TYR G 96 -36.34 -32.17 22.85
N PRO G 97 -37.43 -32.42 23.59
CA PRO G 97 -38.70 -31.68 23.53
C PRO G 97 -38.65 -30.33 24.22
N LEU G 98 -39.42 -29.38 23.71
CA LEU G 98 -39.52 -28.07 24.35
C LEU G 98 -40.17 -28.21 25.71
N THR G 99 -39.70 -27.45 26.68
CA THR G 99 -40.16 -27.56 28.06
C THR G 99 -40.51 -26.19 28.60
N PHE G 100 -41.69 -26.07 29.20
CA PHE G 100 -42.14 -24.85 29.82
C PHE G 100 -41.93 -24.92 31.33
N GLY G 101 -42.33 -23.86 32.02
CA GLY G 101 -42.28 -23.80 33.46
C GLY G 101 -43.68 -23.91 34.06
N SER G 102 -43.72 -24.11 35.37
CA SER G 102 -44.99 -24.19 36.07
C SER G 102 -45.81 -22.92 35.86
N GLY G 103 -45.17 -21.76 35.99
CA GLY G 103 -45.84 -20.49 35.79
C GLY G 103 -45.70 -19.60 36.99
N THR G 104 -45.76 -18.28 36.77
CA THR G 104 -45.72 -17.31 37.86
C THR G 104 -46.81 -16.28 37.61
N LYS G 105 -47.76 -16.20 38.55
CA LYS G 105 -48.88 -15.29 38.44
C LYS G 105 -48.58 -14.02 39.23
N LEU G 106 -48.77 -12.88 38.57
CA LEU G 106 -48.48 -11.58 39.17
C LEU G 106 -49.81 -10.88 39.44
N GLU G 107 -50.24 -10.90 40.69
CA GLU G 107 -51.50 -10.32 41.12
C GLU G 107 -51.26 -8.94 41.72
N ILE G 108 -52.36 -8.22 41.94
CA ILE G 108 -52.31 -6.88 42.53
C ILE G 108 -52.42 -7.02 44.04
N LYS G 109 -51.51 -6.37 44.76
CA LYS G 109 -51.51 -6.41 46.22
C LYS G 109 -52.24 -5.20 46.79
N GLU H 3 -52.78 -8.89 12.46
CA GLU H 3 -54.17 -9.31 12.30
C GLU H 3 -54.18 -10.84 12.25
N VAL H 4 -53.27 -11.43 13.02
CA VAL H 4 -53.12 -12.89 13.10
C VAL H 4 -54.11 -13.45 14.09
N GLU H 5 -54.75 -14.57 13.74
CA GLU H 5 -55.67 -15.24 14.64
C GLU H 5 -55.63 -16.74 14.40
N LEU H 6 -55.65 -17.50 15.49
CA LEU H 6 -55.66 -18.96 15.45
C LEU H 6 -56.84 -19.45 16.26
N VAL H 7 -57.63 -20.36 15.69
CA VAL H 7 -58.85 -20.85 16.33
C VAL H 7 -58.88 -22.37 16.22
N GLU H 8 -58.98 -23.03 17.37
CA GLU H 8 -59.15 -24.48 17.43
C GLU H 8 -60.63 -24.82 17.64
N SER H 9 -60.98 -26.08 17.36
CA SER H 9 -62.39 -26.45 17.35
C SER H 9 -62.64 -27.90 17.73
N GLY H 10 -61.63 -28.75 17.63
CA GLY H 10 -61.87 -30.18 17.71
C GLY H 10 -62.00 -30.77 19.09
N GLY H 11 -62.32 -29.96 20.08
CA GLY H 11 -62.40 -30.45 21.45
C GLY H 11 -63.73 -31.14 21.73
N ASP H 12 -63.69 -32.07 22.69
CA ASP H 12 -64.85 -32.88 23.05
C ASP H 12 -64.48 -33.72 24.27
N LEU H 13 -65.50 -34.36 24.83
CA LEU H 13 -65.32 -35.38 25.86
C LEU H 13 -65.33 -36.74 25.21
N VAL H 14 -64.30 -37.55 25.50
CA VAL H 14 -64.09 -38.81 24.81
C VAL H 14 -63.71 -39.88 25.83
N GLN H 15 -64.07 -41.12 25.52
CA GLN H 15 -63.74 -42.24 26.38
C GLN H 15 -62.28 -42.66 26.19
N PRO H 16 -61.66 -43.24 27.23
CA PRO H 16 -60.27 -43.69 27.09
C PRO H 16 -60.13 -44.77 26.03
N GLY H 17 -59.00 -44.74 25.34
CA GLY H 17 -58.71 -45.68 24.27
C GLY H 17 -59.35 -45.36 22.94
N ARG H 18 -60.18 -44.32 22.87
CA ARG H 18 -60.84 -43.94 21.63
C ARG H 18 -60.00 -42.88 20.92
N SER H 19 -60.58 -42.24 19.91
CA SER H 19 -59.87 -41.26 19.09
C SER H 19 -60.58 -39.91 19.14
N LEU H 20 -59.87 -38.88 18.70
CA LEU H 20 -60.37 -37.51 18.66
C LEU H 20 -59.40 -36.65 17.86
N LYS H 21 -59.91 -35.88 16.91
CA LYS H 21 -59.07 -35.10 15.99
C LYS H 21 -59.36 -33.62 16.20
N LEU H 22 -58.31 -32.87 16.57
CA LEU H 22 -58.38 -31.43 16.73
C LEU H 22 -58.10 -30.74 15.40
N SER H 23 -58.50 -29.47 15.33
CA SER H 23 -58.36 -28.70 14.10
C SER H 23 -58.14 -27.23 14.46
N CYS H 24 -57.15 -26.61 13.84
CA CYS H 24 -56.79 -25.23 14.12
C CYS H 24 -56.80 -24.44 12.82
N ALA H 25 -57.66 -23.44 12.74
CA ALA H 25 -57.77 -22.59 11.55
C ALA H 25 -56.92 -21.34 11.73
N ALA H 26 -56.26 -20.93 10.66
CA ALA H 26 -55.32 -19.82 10.71
C ALA H 26 -55.64 -18.81 9.61
N SER H 27 -55.34 -17.54 9.91
CA SER H 27 -55.49 -16.47 8.93
C SER H 27 -54.62 -15.29 9.39
N GLY H 28 -54.35 -14.39 8.45
CA GLY H 28 -53.55 -13.22 8.72
C GLY H 28 -52.09 -13.33 8.34
N PHE H 29 -51.68 -14.44 7.72
CA PHE H 29 -50.31 -14.62 7.29
C PHE H 29 -50.28 -15.76 6.28
N THR H 30 -49.13 -15.90 5.61
CA THR H 30 -48.95 -17.01 4.68
C THR H 30 -48.74 -18.29 5.49
N PHE H 31 -49.74 -19.16 5.49
CA PHE H 31 -49.71 -20.34 6.35
C PHE H 31 -48.62 -21.30 5.91
N SER H 32 -48.40 -21.43 4.60
CA SER H 32 -47.44 -22.39 4.06
C SER H 32 -45.99 -21.96 4.19
N ASN H 33 -45.68 -21.02 5.11
CA ASN H 33 -44.32 -20.53 5.27
C ASN H 33 -43.78 -20.72 6.68
N LEU H 34 -44.60 -21.09 7.65
CA LEU H 34 -44.18 -21.18 9.04
C LEU H 34 -44.55 -22.54 9.62
N ALA H 35 -43.73 -23.00 10.55
CA ALA H 35 -44.00 -24.24 11.26
C ALA H 35 -45.04 -24.00 12.35
N MET H 36 -45.91 -24.99 12.54
CA MET H 36 -46.96 -24.91 13.55
C MET H 36 -46.71 -25.97 14.61
N ALA H 37 -47.36 -25.80 15.76
CA ALA H 37 -47.14 -26.70 16.88
C ALA H 37 -48.40 -26.80 17.73
N TRP H 38 -48.42 -27.81 18.60
CA TRP H 38 -49.50 -28.02 19.56
C TRP H 38 -48.92 -28.09 20.97
N VAL H 39 -49.50 -27.31 21.88
CA VAL H 39 -49.11 -27.30 23.29
C VAL H 39 -50.37 -27.53 24.11
N ARG H 40 -50.24 -28.29 25.20
CA ARG H 40 -51.37 -28.60 26.06
C ARG H 40 -51.06 -28.23 27.50
N GLN H 41 -52.10 -27.80 28.21
CA GLN H 41 -52.01 -27.37 29.60
C GLN H 41 -52.70 -28.43 30.47
N THR H 42 -51.90 -29.24 31.15
CA THR H 42 -52.40 -30.35 31.95
C THR H 42 -52.88 -29.85 33.31
N PRO H 43 -54.00 -30.38 33.82
CA PRO H 43 -54.43 -30.00 35.18
C PRO H 43 -53.36 -30.21 36.24
N THR H 44 -52.49 -31.20 36.06
CA THR H 44 -51.43 -31.49 37.02
C THR H 44 -50.04 -31.26 36.44
N LYS H 45 -49.75 -31.83 35.28
CA LYS H 45 -48.39 -31.80 34.72
C LYS H 45 -48.07 -30.53 33.93
N GLY H 46 -48.59 -29.38 34.36
CA GLY H 46 -48.17 -28.11 33.80
C GLY H 46 -48.40 -28.00 32.31
N LEU H 47 -47.39 -27.46 31.61
CA LEU H 47 -47.47 -27.18 30.19
C LEU H 47 -46.55 -28.12 29.43
N GLU H 48 -47.07 -28.77 28.40
CA GLU H 48 -46.33 -29.76 27.62
C GLU H 48 -46.41 -29.42 26.14
N TRP H 49 -45.26 -29.35 25.49
CA TRP H 49 -45.23 -29.32 24.03
C TRP H 49 -45.58 -30.69 23.48
N VAL H 50 -46.54 -30.74 22.57
CA VAL H 50 -47.09 -32.00 22.09
C VAL H 50 -46.42 -32.40 20.77
N ALA H 51 -46.51 -31.53 19.77
CA ALA H 51 -45.98 -31.85 18.45
C ALA H 51 -45.76 -30.57 17.68
N SER H 52 -44.86 -30.65 16.70
CA SER H 52 -44.60 -29.58 15.75
C SER H 52 -44.54 -30.17 14.34
N ILE H 53 -44.80 -29.33 13.35
CA ILE H 53 -44.88 -29.77 11.96
C ILE H 53 -44.18 -28.75 11.07
N SER H 54 -43.52 -29.24 10.02
CA SER H 54 -42.82 -28.38 9.07
C SER H 54 -43.80 -27.51 8.29
N PRO H 55 -43.30 -26.45 7.64
CA PRO H 55 -44.20 -25.61 6.83
C PRO H 55 -44.96 -26.38 5.76
N ALA H 56 -44.28 -27.28 5.05
CA ALA H 56 -44.94 -28.11 4.05
C ALA H 56 -45.49 -29.39 4.65
N GLY H 57 -45.18 -29.71 5.90
CA GLY H 57 -45.71 -30.89 6.54
C GLY H 57 -44.92 -32.16 6.34
N ILE H 58 -43.75 -32.09 5.71
CA ILE H 58 -42.99 -33.31 5.43
C ILE H 58 -42.34 -33.85 6.71
N THR H 59 -41.84 -32.95 7.56
CA THR H 59 -41.15 -33.34 8.78
C THR H 59 -42.00 -32.98 10.00
N THR H 60 -42.16 -33.93 10.90
CA THR H 60 -42.97 -33.75 12.10
C THR H 60 -42.18 -34.18 13.33
N TYR H 61 -42.30 -33.39 14.40
CA TYR H 61 -41.70 -33.70 15.69
C TYR H 61 -42.79 -34.02 16.70
N TYR H 62 -42.56 -35.07 17.50
CA TYR H 62 -43.49 -35.47 18.54
C TYR H 62 -42.75 -35.64 19.86
N ARG H 63 -43.48 -35.45 20.96
CA ARG H 63 -42.93 -35.76 22.26
C ARG H 63 -43.07 -37.26 22.53
N ASP H 64 -42.20 -37.76 23.41
CA ASP H 64 -42.11 -39.21 23.64
C ASP H 64 -43.44 -39.78 24.12
N SER H 65 -44.12 -39.09 25.04
CA SER H 65 -45.33 -39.64 25.65
C SER H 65 -46.48 -39.78 24.66
N VAL H 66 -46.43 -39.08 23.52
CA VAL H 66 -47.48 -39.15 22.51
C VAL H 66 -47.00 -39.81 21.22
N LYS H 67 -45.71 -40.16 21.13
CA LYS H 67 -45.19 -40.79 19.93
C LYS H 67 -45.91 -42.11 19.66
N GLY H 68 -46.41 -42.26 18.44
CA GLY H 68 -47.12 -43.45 18.03
C GLY H 68 -48.63 -43.31 18.09
N ARG H 69 -49.13 -42.46 18.97
CA ARG H 69 -50.57 -42.26 19.14
C ARG H 69 -51.06 -40.95 18.51
N PHE H 70 -50.34 -39.86 18.73
CA PHE H 70 -50.74 -38.56 18.18
C PHE H 70 -50.12 -38.36 16.81
N THR H 71 -50.86 -37.71 15.92
CA THR H 71 -50.40 -37.40 14.58
C THR H 71 -50.72 -35.95 14.28
N ILE H 72 -49.70 -35.17 13.90
CA ILE H 72 -49.87 -33.77 13.52
C ILE H 72 -49.84 -33.68 12.01
N SER H 73 -50.76 -32.90 11.44
CA SER H 73 -50.87 -32.75 10.00
C SER H 73 -51.36 -31.34 9.70
N ARG H 74 -51.35 -30.98 8.41
CA ARG H 74 -51.78 -29.65 8.02
C ARG H 74 -52.26 -29.69 6.57
N ASP H 75 -53.16 -28.76 6.25
CA ASP H 75 -53.67 -28.57 4.90
C ASP H 75 -53.41 -27.10 4.55
N ASN H 76 -52.25 -26.84 3.94
CA ASN H 76 -51.89 -25.47 3.61
C ASN H 76 -52.88 -24.83 2.64
N ALA H 77 -53.58 -25.64 1.84
CA ALA H 77 -54.59 -25.10 0.96
C ALA H 77 -55.78 -24.55 1.73
N ARG H 78 -56.10 -25.14 2.88
CA ARG H 78 -57.23 -24.74 3.69
C ARG H 78 -56.83 -23.95 4.93
N ASN H 79 -55.54 -23.60 5.07
CA ASN H 79 -55.04 -22.82 6.19
C ASN H 79 -55.38 -23.46 7.53
N THR H 80 -55.23 -24.78 7.61
CA THR H 80 -55.62 -25.53 8.79
C THR H 80 -54.57 -26.57 9.13
N GLN H 81 -54.27 -26.68 10.42
CA GLN H 81 -53.43 -27.76 10.95
C GLN H 81 -54.28 -28.64 11.87
N TYR H 82 -53.84 -29.89 12.03
CA TYR H 82 -54.60 -30.88 12.77
C TYR H 82 -53.72 -31.58 13.80
N LEU H 83 -54.39 -32.26 14.73
CA LEU H 83 -53.72 -33.11 15.72
C LEU H 83 -54.61 -34.33 15.92
N GLN H 84 -54.27 -35.43 15.26
CA GLN H 84 -55.04 -36.67 15.35
C GLN H 84 -54.58 -37.45 16.58
N MET H 85 -55.42 -37.48 17.60
CA MET H 85 -55.12 -38.16 18.87
C MET H 85 -55.80 -39.52 18.88
N ASP H 86 -55.02 -40.57 18.73
CA ASP H 86 -55.54 -41.93 18.79
C ASP H 86 -55.18 -42.58 20.13
N SER H 87 -56.05 -43.48 20.57
CA SER H 87 -55.90 -44.20 21.85
C SER H 87 -55.54 -43.25 22.99
N LEU H 88 -56.50 -42.37 23.29
CA LEU H 88 -56.28 -41.35 24.30
C LEU H 88 -56.22 -41.97 25.69
N ARG H 89 -55.52 -41.28 26.59
CA ARG H 89 -55.30 -41.74 27.94
C ARG H 89 -55.78 -40.67 28.92
N SER H 90 -55.96 -41.08 30.19
CA SER H 90 -56.34 -40.13 31.21
C SER H 90 -55.28 -39.06 31.44
N GLU H 91 -54.04 -39.32 31.01
CA GLU H 91 -52.99 -38.31 31.08
C GLU H 91 -53.01 -37.36 29.89
N ASP H 92 -53.91 -37.57 28.93
CA ASP H 92 -54.05 -36.69 27.78
C ASP H 92 -55.09 -35.60 27.97
N THR H 93 -55.81 -35.60 29.08
CA THR H 93 -56.82 -34.58 29.32
C THR H 93 -56.13 -33.27 29.65
N ALA H 94 -56.37 -32.25 28.83
CA ALA H 94 -55.73 -30.95 28.99
C ALA H 94 -56.42 -29.97 28.04
N THR H 95 -56.02 -28.70 28.14
CA THR H 95 -56.42 -27.69 27.18
C THR H 95 -55.36 -27.63 26.08
N TYR H 96 -55.77 -27.88 24.85
CA TYR H 96 -54.83 -28.00 23.74
C TYR H 96 -54.80 -26.68 22.98
N TYR H 97 -53.62 -26.07 22.92
CA TYR H 97 -53.44 -24.76 22.33
C TYR H 97 -52.74 -24.88 20.98
N CYS H 98 -53.14 -24.03 20.04
CA CYS H 98 -52.50 -23.94 18.74
C CYS H 98 -51.42 -22.86 18.80
N ALA H 99 -50.23 -23.20 18.30
CA ALA H 99 -49.08 -22.30 18.42
C ALA H 99 -48.34 -22.23 17.09
N ARG H 100 -47.84 -21.04 16.78
CA ARG H 100 -47.11 -20.78 15.54
C ARG H 100 -45.65 -20.46 15.88
N HIS H 101 -44.73 -21.22 15.30
CA HIS H 101 -43.31 -20.90 15.44
C HIS H 101 -43.02 -19.52 14.86
N THR H 102 -42.14 -18.77 15.55
CA THR H 102 -41.84 -17.41 15.14
C THR H 102 -41.29 -17.38 13.72
N GLY H 103 -40.22 -18.12 13.48
CA GLY H 103 -39.70 -18.27 12.13
C GLY H 103 -39.23 -19.69 11.91
N LYS H 104 -37.91 -19.87 11.90
CA LYS H 104 -37.31 -21.19 11.94
C LYS H 104 -36.89 -21.58 13.35
N SER H 105 -37.32 -20.81 14.36
CA SER H 105 -36.95 -21.04 15.74
C SER H 105 -38.00 -21.89 16.44
N SER H 106 -37.78 -22.12 17.74
CA SER H 106 -38.65 -22.99 18.53
C SER H 106 -39.30 -22.24 19.69
N PHE H 107 -39.61 -20.96 19.49
CA PHE H 107 -40.51 -20.22 20.33
C PHE H 107 -41.63 -19.64 19.47
N PHE H 108 -42.70 -19.18 20.10
CA PHE H 108 -43.99 -19.04 19.44
C PHE H 108 -44.45 -17.59 19.44
N ASP H 109 -44.69 -17.06 18.24
CA ASP H 109 -45.24 -15.73 18.03
C ASP H 109 -46.59 -15.56 18.72
N TYR H 110 -47.63 -16.16 18.13
CA TYR H 110 -48.99 -16.04 18.59
C TYR H 110 -49.52 -17.42 18.97
N TRP H 111 -50.57 -17.41 19.80
CA TRP H 111 -51.18 -18.63 20.30
C TRP H 111 -52.67 -18.60 20.01
N GLY H 112 -53.29 -19.77 20.10
CA GLY H 112 -54.73 -19.86 20.06
C GLY H 112 -55.32 -19.63 21.44
N GLN H 113 -56.65 -19.61 21.49
CA GLN H 113 -57.31 -19.39 22.78
C GLN H 113 -57.38 -20.66 23.61
N GLY H 114 -57.42 -21.81 22.96
CA GLY H 114 -57.39 -23.07 23.67
C GLY H 114 -58.71 -23.82 23.56
N VAL H 115 -58.62 -25.14 23.37
CA VAL H 115 -59.79 -26.01 23.32
C VAL H 115 -59.58 -27.13 24.34
N MET H 116 -60.67 -27.52 25.01
CA MET H 116 -60.60 -28.48 26.09
C MET H 116 -60.90 -29.89 25.59
N VAL H 117 -60.01 -30.83 25.91
CA VAL H 117 -60.18 -32.24 25.61
C VAL H 117 -60.09 -33.00 26.92
N THR H 118 -61.16 -33.72 27.26
CA THR H 118 -61.24 -34.46 28.50
C THR H 118 -61.48 -35.93 28.19
N VAL H 119 -60.61 -36.79 28.71
CA VAL H 119 -60.71 -38.22 28.49
C VAL H 119 -61.07 -38.88 29.81
N SER H 120 -62.28 -39.42 29.88
CA SER H 120 -62.76 -40.10 31.07
C SER H 120 -64.04 -40.84 30.72
N SER H 121 -64.21 -42.04 31.27
CA SER H 121 -65.46 -42.78 31.09
C SER H 121 -66.49 -42.45 32.16
N GLY H 122 -66.43 -41.25 32.74
CA GLY H 122 -67.33 -40.84 33.80
C GLY H 122 -66.58 -40.47 35.06
N SER H 123 -67.36 -40.14 36.09
CA SER H 123 -66.81 -39.83 37.41
C SER H 123 -66.81 -41.10 38.27
N GLU H 124 -65.85 -41.17 39.19
CA GLU H 124 -65.63 -42.40 39.95
C GLU H 124 -65.70 -42.18 41.46
N ASN H 125 -65.15 -43.14 42.21
CA ASN H 125 -65.25 -43.19 43.67
C ASN H 125 -66.70 -43.29 44.12
N GLY I 1 35.91 40.63 -25.17
CA GLY I 1 36.74 41.06 -26.28
C GLY I 1 38.14 40.50 -26.21
N SER I 2 38.61 40.21 -25.00
CA SER I 2 39.91 39.63 -24.76
C SER I 2 39.77 38.16 -24.40
N ASP I 3 40.90 37.48 -24.28
CA ASP I 3 40.91 36.07 -23.97
C ASP I 3 41.01 35.87 -22.47
N VAL I 4 40.26 34.87 -21.97
CA VAL I 4 40.36 34.50 -20.57
C VAL I 4 41.72 33.84 -20.33
N GLN I 5 42.35 34.21 -19.22
CA GLN I 5 43.68 33.70 -18.87
C GLN I 5 43.58 33.01 -17.52
N MET I 6 44.00 31.74 -17.48
CA MET I 6 43.95 30.96 -16.25
C MET I 6 45.26 31.10 -15.50
N THR I 7 45.18 31.44 -14.22
CA THR I 7 46.35 31.59 -13.36
C THR I 7 46.32 30.49 -12.32
N GLN I 8 47.25 29.55 -12.44
CA GLN I 8 47.34 28.42 -11.53
C GLN I 8 48.31 28.73 -10.38
N SER I 9 47.99 28.21 -9.20
CA SER I 9 48.78 28.49 -8.02
C SER I 9 48.59 27.38 -7.01
N PRO I 10 49.66 26.88 -6.38
CA PRO I 10 51.04 27.32 -6.64
C PRO I 10 51.65 26.63 -7.85
N SER I 11 52.86 27.04 -8.22
CA SER I 11 53.53 26.44 -9.38
C SER I 11 54.18 25.11 -9.01
N TYR I 12 54.82 25.05 -7.84
CA TYR I 12 55.52 23.86 -7.39
C TYR I 12 55.01 23.48 -6.00
N LEU I 13 54.63 22.21 -5.84
CA LEU I 13 54.12 21.73 -4.57
C LEU I 13 54.72 20.37 -4.25
N ALA I 14 55.13 20.19 -3.00
CA ALA I 14 55.71 18.94 -2.51
C ALA I 14 54.88 18.43 -1.34
N ALA I 15 54.30 17.24 -1.49
CA ALA I 15 53.46 16.64 -0.46
C ALA I 15 53.85 15.18 -0.28
N SER I 16 53.20 14.52 0.67
CA SER I 16 53.47 13.14 1.02
C SER I 16 52.19 12.32 0.98
N PRO I 17 52.30 11.00 0.78
CA PRO I 17 51.10 10.16 0.76
C PRO I 17 50.30 10.24 2.05
N GLY I 18 48.98 10.42 1.91
CA GLY I 18 48.07 10.54 3.03
C GLY I 18 47.61 11.95 3.30
N GLU I 19 48.46 12.94 3.05
CA GLU I 19 48.13 14.33 3.31
C GLU I 19 47.01 14.80 2.37
N SER I 20 46.40 15.92 2.74
CA SER I 20 45.44 16.61 1.88
C SER I 20 46.10 17.85 1.31
N VAL I 21 45.64 18.26 0.12
CA VAL I 21 46.26 19.37 -0.59
C VAL I 21 45.25 19.92 -1.59
N SER I 22 45.39 21.20 -1.93
CA SER I 22 44.49 21.86 -2.87
C SER I 22 45.29 22.78 -3.79
N ILE I 23 44.78 22.96 -5.00
CA ILE I 23 45.40 23.81 -6.01
C ILE I 23 44.36 24.81 -6.50
N SER I 24 44.75 26.07 -6.63
CA SER I 24 43.86 27.14 -7.03
C SER I 24 44.06 27.49 -8.51
N CYS I 25 42.96 27.76 -9.19
CA CYS I 25 42.97 28.14 -10.61
C CYS I 25 42.03 29.32 -10.78
N LYS I 26 42.58 30.49 -11.09
CA LYS I 26 41.82 31.72 -11.21
C LYS I 26 41.68 32.12 -12.68
N ALA I 27 40.54 32.71 -13.02
CA ALA I 27 40.24 33.17 -14.36
C ALA I 27 40.16 34.69 -14.38
N THR I 28 40.63 35.29 -15.48
CA THR I 28 40.56 36.75 -15.62
C THR I 28 39.12 37.20 -15.79
N GLU I 29 38.35 36.51 -16.62
CA GLU I 29 36.94 36.79 -16.83
C GLU I 29 36.10 35.65 -16.28
N ASN I 30 34.79 35.86 -16.23
CA ASN I 30 33.89 34.82 -15.74
C ASN I 30 33.85 33.66 -16.73
N ILE I 31 33.91 32.44 -16.19
CA ILE I 31 33.82 31.24 -17.01
C ILE I 31 32.72 30.35 -16.46
N ASN I 32 31.85 30.93 -15.62
CA ASN I 32 30.77 30.21 -14.94
C ASN I 32 31.40 29.07 -14.15
N THR I 33 31.00 27.82 -14.35
CA THR I 33 31.60 26.69 -13.66
C THR I 33 32.32 25.75 -14.62
N TYR I 34 32.59 26.20 -15.85
CA TYR I 34 33.14 25.32 -16.88
C TYR I 34 34.66 25.38 -16.82
N LEU I 35 35.22 24.58 -15.91
CA LEU I 35 36.65 24.39 -15.78
C LEU I 35 36.96 22.90 -15.74
N ALA I 36 37.90 22.47 -16.57
CA ALA I 36 38.36 21.09 -16.59
C ALA I 36 39.74 20.99 -15.97
N TRP I 37 40.05 19.83 -15.41
CA TRP I 37 41.35 19.54 -14.83
C TRP I 37 41.97 18.33 -15.51
N TYR I 38 43.26 18.43 -15.82
CA TYR I 38 44.01 17.36 -16.47
C TYR I 38 45.17 16.92 -15.59
N GLN I 39 45.55 15.65 -15.72
CA GLN I 39 46.67 15.08 -14.99
C GLN I 39 47.71 14.60 -15.99
N ALA I 40 48.91 15.19 -15.92
CA ALA I 40 49.98 14.91 -16.87
C ALA I 40 51.13 14.21 -16.14
N LYS I 41 51.49 13.03 -16.61
CA LYS I 41 52.57 12.25 -16.05
C LYS I 41 53.73 12.17 -17.05
N PRO I 42 54.96 12.03 -16.58
CA PRO I 42 56.10 11.99 -17.52
C PRO I 42 56.02 10.84 -18.51
N GLY I 43 55.71 9.64 -18.04
CA GLY I 43 55.67 8.48 -18.91
C GLY I 43 54.34 8.25 -19.60
N LYS I 44 53.25 8.21 -18.84
CA LYS I 44 51.94 7.88 -19.37
C LYS I 44 51.32 9.08 -20.09
N THR I 45 50.14 8.86 -20.66
CA THR I 45 49.41 9.89 -21.38
C THR I 45 48.56 10.69 -20.40
N THR I 46 48.23 11.92 -20.80
CA THR I 46 47.45 12.82 -19.97
C THR I 46 46.02 12.32 -19.82
N LYS I 47 45.48 12.42 -18.61
CA LYS I 47 44.16 11.93 -18.28
C LYS I 47 43.25 13.08 -17.88
N LEU I 48 41.98 12.97 -18.24
CA LEU I 48 40.98 13.96 -17.86
C LEU I 48 40.46 13.64 -16.46
N LEU I 49 40.71 14.56 -15.51
CA LEU I 49 40.26 14.36 -14.14
C LEU I 49 38.82 14.81 -13.94
N LEU I 50 38.58 16.11 -14.06
CA LEU I 50 37.26 16.68 -13.84
C LEU I 50 36.84 17.53 -15.04
N TYR I 51 35.54 17.77 -15.13
CA TYR I 51 35.02 18.75 -16.06
C TYR I 51 33.81 19.42 -15.42
N SER I 52 33.47 20.60 -15.94
CA SER I 52 32.38 21.42 -15.41
C SER I 52 32.59 21.70 -13.92
N GLY I 53 33.84 21.98 -13.55
CA GLY I 53 34.17 22.42 -12.20
C GLY I 53 34.19 21.33 -11.15
N SER I 54 33.22 20.42 -11.19
CA SER I 54 33.07 19.44 -10.11
C SER I 54 32.72 18.04 -10.58
N THR I 55 32.40 17.82 -11.85
CA THR I 55 31.97 16.51 -12.32
C THR I 55 33.19 15.63 -12.59
N LEU I 56 33.32 14.54 -11.83
CA LEU I 56 34.42 13.61 -12.04
C LEU I 56 34.28 12.87 -13.36
N GLN I 57 35.40 12.69 -14.05
CA GLN I 57 35.42 11.91 -15.27
C GLN I 57 35.41 10.41 -14.93
N SER I 58 34.74 9.64 -15.79
CA SER I 58 34.61 8.20 -15.61
C SER I 58 35.98 7.54 -15.40
N GLY I 59 36.21 7.03 -14.19
CA GLY I 59 37.47 6.41 -13.83
C GLY I 59 38.31 7.21 -12.85
N THR I 60 37.92 8.44 -12.54
CA THR I 60 38.69 9.25 -11.59
C THR I 60 38.35 8.84 -10.16
N PRO I 61 39.35 8.60 -9.32
CA PRO I 61 39.08 8.17 -7.94
C PRO I 61 38.29 9.23 -7.17
N SER I 62 37.66 8.79 -6.09
CA SER I 62 36.82 9.67 -5.29
C SER I 62 37.62 10.67 -4.47
N ARG I 63 38.92 10.46 -4.31
CA ARG I 63 39.74 11.41 -3.56
C ARG I 63 39.94 12.73 -4.29
N PHE I 64 39.59 12.81 -5.57
CA PHE I 64 39.64 14.06 -6.31
C PHE I 64 38.30 14.80 -6.17
N SER I 65 38.38 16.11 -5.96
CA SER I 65 37.18 16.91 -5.78
C SER I 65 37.49 18.34 -6.21
N GLY I 66 36.59 18.93 -7.00
CA GLY I 66 36.76 20.29 -7.45
C GLY I 66 35.61 21.21 -7.11
N SER I 67 35.92 22.39 -6.58
CA SER I 67 34.93 23.42 -6.28
C SER I 67 35.36 24.71 -6.96
N GLY I 68 34.39 25.48 -7.45
CA GLY I 68 34.69 26.71 -8.13
C GLY I 68 33.46 27.54 -8.46
N SER I 69 33.51 28.84 -8.15
CA SER I 69 32.37 29.72 -8.38
C SER I 69 32.32 30.18 -9.82
N GLY I 70 33.01 31.27 -10.14
CA GLY I 70 32.99 31.84 -11.47
C GLY I 70 34.36 32.20 -11.99
N THR I 71 35.20 32.78 -11.13
CA THR I 71 36.57 33.11 -11.47
C THR I 71 37.58 32.54 -10.48
N ASP I 72 37.12 31.75 -9.51
CA ASP I 72 37.98 31.20 -8.47
C ASP I 72 37.63 29.72 -8.31
N PHE I 73 38.57 28.85 -8.68
CA PHE I 73 38.35 27.42 -8.66
C PHE I 73 39.44 26.73 -7.84
N THR I 74 39.11 25.57 -7.30
CA THR I 74 40.04 24.79 -6.50
C THR I 74 39.94 23.31 -6.87
N LEU I 75 41.10 22.69 -7.09
CA LEU I 75 41.19 21.24 -7.18
C LEU I 75 41.69 20.70 -5.85
N THR I 76 41.13 19.57 -5.42
CA THR I 76 41.41 19.05 -4.09
C THR I 76 41.63 17.55 -4.16
N ILE I 77 42.81 17.10 -3.75
CA ILE I 77 43.12 15.69 -3.57
C ILE I 77 43.02 15.37 -2.09
N SER I 78 42.08 14.50 -1.73
CA SER I 78 41.79 14.23 -0.32
C SER I 78 42.87 13.40 0.33
N SER I 79 42.81 12.07 0.15
CA SER I 79 43.79 11.14 0.72
C SER I 79 44.82 10.86 -0.38
N LEU I 80 45.95 11.54 -0.30
CA LEU I 80 46.96 11.48 -1.36
C LEU I 80 47.56 10.08 -1.45
N GLU I 81 47.55 9.53 -2.67
CA GLU I 81 48.13 8.23 -2.98
C GLU I 81 49.45 8.40 -3.73
N PRO I 82 50.37 7.44 -3.64
CA PRO I 82 51.65 7.58 -4.34
C PRO I 82 51.52 7.74 -5.85
N GLU I 83 50.50 7.13 -6.47
CA GLU I 83 50.28 7.30 -7.90
C GLU I 83 49.86 8.71 -8.28
N ASP I 84 49.41 9.52 -7.30
CA ASP I 84 48.90 10.86 -7.55
C ASP I 84 49.97 11.93 -7.57
N PHE I 85 51.19 11.60 -7.98
CA PHE I 85 52.27 12.58 -8.10
C PHE I 85 52.48 12.87 -9.58
N ALA I 86 52.07 14.06 -10.02
CA ALA I 86 52.16 14.44 -11.42
C ALA I 86 52.02 15.96 -11.53
N VAL I 87 51.80 16.44 -12.75
CA VAL I 87 51.56 17.86 -13.03
C VAL I 87 50.11 18.03 -13.45
N TYR I 88 49.45 19.02 -12.87
CA TYR I 88 48.02 19.24 -13.08
C TYR I 88 47.80 20.57 -13.80
N TYR I 89 46.92 20.56 -14.80
CA TYR I 89 46.58 21.73 -15.59
C TYR I 89 45.07 21.96 -15.54
N CYS I 90 44.67 23.21 -15.36
CA CYS I 90 43.26 23.59 -15.44
C CYS I 90 42.99 24.28 -16.77
N GLN I 91 41.83 24.01 -17.34
CA GLN I 91 41.43 24.56 -18.64
C GLN I 91 39.97 24.97 -18.59
N GLN I 92 39.67 26.19 -19.01
CA GLN I 92 38.29 26.63 -19.09
C GLN I 92 37.67 26.18 -20.40
N HIS I 93 36.43 25.70 -20.32
CA HIS I 93 35.66 25.35 -21.50
C HIS I 93 34.35 26.14 -21.53
N ASN I 94 34.45 27.44 -21.25
CA ASN I 94 33.29 28.32 -21.26
C ASN I 94 33.20 29.17 -22.52
N GLU I 95 34.31 29.40 -23.21
CA GLU I 95 34.29 30.18 -24.44
C GLU I 95 35.55 29.89 -25.23
N TYR I 96 35.51 30.20 -26.52
CA TYR I 96 36.68 30.09 -27.37
C TYR I 96 37.39 31.45 -27.48
N PRO I 97 38.73 31.47 -27.54
CA PRO I 97 39.61 30.29 -27.56
C PRO I 97 39.78 29.63 -26.20
N LEU I 98 39.92 28.31 -26.20
CA LEU I 98 40.14 27.57 -24.97
C LEU I 98 41.49 27.96 -24.37
N THR I 99 41.53 28.04 -23.04
CA THR I 99 42.72 28.51 -22.33
C THR I 99 43.08 27.55 -21.21
N PHE I 100 44.36 27.18 -21.16
CA PHE I 100 44.90 26.33 -20.11
C PHE I 100 45.63 27.17 -19.08
N GLY I 101 46.21 26.50 -18.08
CA GLY I 101 46.98 27.17 -17.06
C GLY I 101 48.48 26.88 -17.22
N SER I 102 49.26 27.66 -16.45
CA SER I 102 50.71 27.47 -16.46
C SER I 102 51.08 26.06 -16.02
N GLY I 103 50.47 25.58 -14.94
CA GLY I 103 50.73 24.24 -14.44
C GLY I 103 51.15 24.21 -13.00
N THR I 104 50.87 23.08 -12.34
CA THR I 104 51.27 22.83 -10.96
C THR I 104 51.88 21.45 -10.87
N LYS I 105 53.15 21.38 -10.49
CA LYS I 105 53.88 20.13 -10.40
C LYS I 105 53.84 19.62 -8.97
N LEU I 106 53.44 18.36 -8.80
CA LEU I 106 53.29 17.73 -7.49
C LEU I 106 54.37 16.66 -7.30
N GLU I 107 55.40 17.00 -6.54
CA GLU I 107 56.52 16.12 -6.28
C GLU I 107 56.35 15.40 -4.94
N ILE I 108 57.23 14.43 -4.69
CA ILE I 108 57.18 13.65 -3.47
C ILE I 108 57.99 14.32 -2.37
N LYS I 109 57.38 14.46 -1.19
CA LYS I 109 58.07 15.04 -0.04
C LYS I 109 58.61 13.93 0.85
N GLU J 3 40.72 0.96 -25.80
CA GLU J 3 42.05 0.91 -26.38
C GLU J 3 42.30 2.09 -27.31
N VAL J 4 42.01 3.30 -26.82
CA VAL J 4 42.18 4.50 -27.62
C VAL J 4 43.64 4.94 -27.54
N GLU J 5 44.21 5.30 -28.69
CA GLU J 5 45.58 5.82 -28.74
C GLU J 5 45.69 6.79 -29.91
N LEU J 6 46.41 7.88 -29.67
CA LEU J 6 46.63 8.92 -30.67
C LEU J 6 48.14 9.14 -30.82
N VAL J 7 48.62 9.17 -32.06
CA VAL J 7 50.03 9.31 -32.36
C VAL J 7 50.20 10.37 -33.45
N GLU J 8 51.00 11.39 -33.17
CA GLU J 8 51.37 12.41 -34.13
C GLU J 8 52.75 12.12 -34.71
N SER J 9 53.05 12.75 -35.85
CA SER J 9 54.26 12.34 -36.58
C SER J 9 54.95 13.42 -37.39
N GLY J 10 54.26 14.50 -37.74
CA GLY J 10 54.78 15.40 -38.76
C GLY J 10 55.79 16.44 -38.32
N GLY J 11 56.47 16.21 -37.21
CA GLY J 11 57.39 17.20 -36.69
C GLY J 11 58.77 17.17 -37.35
N ASP J 12 59.45 18.31 -37.27
CA ASP J 12 60.78 18.49 -37.86
C ASP J 12 61.29 19.86 -37.43
N LEU J 13 62.58 20.10 -37.71
CA LEU J 13 63.20 21.40 -37.52
C LEU J 13 63.17 22.16 -38.84
N VAL J 14 62.64 23.38 -38.81
CA VAL J 14 62.38 24.14 -40.03
C VAL J 14 62.76 25.60 -39.81
N GLN J 15 63.13 26.27 -40.91
CA GLN J 15 63.44 27.68 -40.91
C GLN J 15 62.16 28.50 -40.90
N PRO J 16 62.20 29.72 -40.38
CA PRO J 16 60.99 30.56 -40.35
C PRO J 16 60.49 30.85 -41.75
N GLY J 17 59.16 30.97 -41.86
CA GLY J 17 58.51 31.23 -43.12
C GLY J 17 58.27 30.03 -44.00
N ARG J 18 58.74 28.85 -43.61
CA ARG J 18 58.56 27.66 -44.41
C ARG J 18 57.28 26.94 -44.00
N SER J 19 57.09 25.72 -44.48
CA SER J 19 55.87 24.96 -44.24
C SER J 19 56.19 23.63 -43.56
N LEU J 20 55.14 23.04 -42.99
CA LEU J 20 55.25 21.78 -42.26
C LEU J 20 53.85 21.26 -41.94
N LYS J 21 53.59 19.98 -42.24
CA LYS J 21 52.27 19.39 -42.09
C LYS J 21 52.30 18.30 -41.03
N LEU J 22 51.51 18.46 -39.99
CA LEU J 22 51.37 17.47 -38.93
C LEU J 22 50.29 16.46 -39.28
N SER J 23 50.36 15.31 -38.61
CA SER J 23 49.43 14.21 -38.88
C SER J 23 49.21 13.42 -37.60
N CYS J 24 47.96 13.10 -37.30
CA CYS J 24 47.60 12.37 -36.09
C CYS J 24 46.76 11.15 -36.45
N ALA J 25 47.26 9.96 -36.11
CA ALA J 25 46.55 8.71 -36.36
C ALA J 25 45.77 8.30 -35.13
N ALA J 26 44.56 7.78 -35.35
CA ALA J 26 43.64 7.46 -34.27
C ALA J 26 43.13 6.03 -34.39
N SER J 27 42.83 5.43 -33.24
CA SER J 27 42.23 4.11 -33.19
C SER J 27 41.55 3.95 -31.83
N GLY J 28 40.64 2.97 -31.77
CA GLY J 28 39.90 2.68 -30.56
C GLY J 28 38.53 3.30 -30.49
N PHE J 29 38.08 3.98 -31.55
CA PHE J 29 36.77 4.59 -31.57
C PHE J 29 36.42 4.92 -33.02
N THR J 30 35.15 5.27 -33.23
CA THR J 30 34.70 5.71 -34.54
C THR J 30 35.21 7.12 -34.80
N PHE J 31 36.18 7.24 -35.71
CA PHE J 31 36.85 8.52 -35.93
C PHE J 31 35.87 9.55 -36.50
N SER J 32 34.99 9.14 -37.40
CA SER J 32 34.08 10.04 -38.08
C SER J 32 32.91 10.50 -37.23
N ASN J 33 33.01 10.41 -35.90
CA ASN J 33 31.91 10.79 -35.02
C ASN J 33 32.29 11.85 -33.98
N LEU J 34 33.57 12.17 -33.82
CA LEU J 34 34.02 13.09 -32.79
C LEU J 34 34.89 14.17 -33.38
N ALA J 35 34.81 15.36 -32.78
CA ALA J 35 35.65 16.48 -33.17
C ALA J 35 37.06 16.31 -32.60
N MET J 36 38.05 16.71 -33.40
CA MET J 36 39.45 16.61 -33.00
C MET J 36 40.04 18.01 -32.85
N ALA J 37 41.18 18.09 -32.16
CA ALA J 37 41.78 19.37 -31.87
C ALA J 37 43.30 19.23 -31.78
N TRP J 38 43.98 20.37 -31.83
CA TRP J 38 45.43 20.46 -31.67
C TRP J 38 45.74 21.43 -30.54
N VAL J 39 46.58 21.01 -29.61
CA VAL J 39 47.05 21.84 -28.51
C VAL J 39 48.57 21.79 -28.50
N ARG J 40 49.20 22.93 -28.21
CA ARG J 40 50.65 23.02 -28.21
C ARG J 40 51.16 23.57 -26.89
N GLN J 41 52.33 23.09 -26.48
CA GLN J 41 52.98 23.50 -25.23
C GLN J 41 54.20 24.35 -25.59
N THR J 42 54.07 25.66 -25.39
CA THR J 42 55.13 26.60 -25.76
C THR J 42 56.19 26.63 -24.68
N PRO J 43 57.47 26.72 -25.05
CA PRO J 43 58.52 26.86 -24.02
C PRO J 43 58.31 28.05 -23.10
N THR J 44 57.70 29.12 -23.60
CA THR J 44 57.43 30.31 -22.80
C THR J 44 55.94 30.58 -22.62
N LYS J 45 55.17 30.56 -23.71
CA LYS J 45 53.77 30.97 -23.67
C LYS J 45 52.82 29.86 -23.19
N GLY J 46 53.27 29.01 -22.26
CA GLY J 46 52.40 28.05 -21.61
C GLY J 46 51.72 27.10 -22.58
N LEU J 47 50.43 26.86 -22.35
CA LEU J 47 49.64 25.92 -23.13
C LEU J 47 48.58 26.67 -23.92
N GLU J 48 48.51 26.40 -25.22
CA GLU J 48 47.59 27.10 -26.12
C GLU J 48 46.79 26.10 -26.94
N TRP J 49 45.47 26.26 -26.94
CA TRP J 49 44.64 25.57 -27.90
C TRP J 49 44.84 26.18 -29.28
N VAL J 50 45.14 25.34 -30.27
CA VAL J 50 45.52 25.83 -31.59
C VAL J 50 44.31 25.84 -32.53
N ALA J 51 43.69 24.68 -32.73
CA ALA J 51 42.60 24.57 -33.67
C ALA J 51 41.75 23.35 -33.35
N SER J 52 40.50 23.39 -33.78
CA SER J 52 39.59 22.26 -33.68
C SER J 52 38.84 22.11 -34.99
N ILE J 53 38.35 20.89 -35.24
CA ILE J 53 37.66 20.58 -36.49
C ILE J 53 36.43 19.73 -36.17
N SER J 54 35.36 19.95 -36.94
CA SER J 54 34.13 19.20 -36.76
C SER J 54 34.32 17.73 -37.14
N PRO J 55 33.40 16.85 -36.72
CA PRO J 55 33.54 15.43 -37.08
C PRO J 55 33.63 15.17 -38.58
N ALA J 56 32.79 15.82 -39.38
CA ALA J 56 32.87 15.66 -40.84
C ALA J 56 33.86 16.61 -41.49
N GLY J 57 34.42 17.56 -40.74
CA GLY J 57 35.40 18.48 -41.28
C GLY J 57 34.85 19.73 -41.91
N ILE J 58 33.54 19.95 -41.85
CA ILE J 58 32.95 21.12 -42.51
C ILE J 58 33.25 22.38 -41.71
N THR J 59 33.24 22.28 -40.38
CA THR J 59 33.44 23.42 -39.50
C THR J 59 34.79 23.33 -38.82
N THR J 60 35.56 24.41 -38.87
CA THR J 60 36.89 24.47 -38.28
C THR J 60 37.01 25.74 -37.43
N TYR J 61 37.61 25.58 -36.25
CA TYR J 61 37.90 26.71 -35.37
C TYR J 61 39.41 26.89 -35.28
N TYR J 62 39.87 28.13 -35.34
CA TYR J 62 41.28 28.45 -35.23
C TYR J 62 41.47 29.54 -34.18
N ARG J 63 42.65 29.54 -33.56
CA ARG J 63 43.00 30.64 -32.68
C ARG J 63 43.51 31.82 -33.49
N ASP J 64 43.41 33.02 -32.90
CA ASP J 64 43.70 34.24 -33.64
C ASP J 64 45.15 34.25 -34.16
N SER J 65 46.09 33.82 -33.32
CA SER J 65 47.50 33.89 -33.71
C SER J 65 47.86 32.96 -34.87
N VAL J 66 47.03 31.96 -35.15
CA VAL J 66 47.29 31.01 -36.23
C VAL J 66 46.30 31.14 -37.38
N LYS J 67 45.30 32.00 -37.26
CA LYS J 67 44.33 32.18 -38.34
C LYS J 67 45.03 32.66 -39.61
N GLY J 68 44.78 31.97 -40.72
CA GLY J 68 45.34 32.30 -42.00
C GLY J 68 46.56 31.47 -42.37
N ARG J 69 47.31 30.99 -41.38
CA ARG J 69 48.50 30.19 -41.64
C ARG J 69 48.29 28.71 -41.39
N PHE J 70 47.64 28.34 -40.29
CA PHE J 70 47.40 26.95 -39.98
C PHE J 70 46.08 26.50 -40.58
N THR J 71 46.04 25.25 -41.04
CA THR J 71 44.84 24.65 -41.60
C THR J 71 44.67 23.25 -41.02
N ILE J 72 43.53 23.01 -40.39
CA ILE J 72 43.21 21.71 -39.82
C ILE J 72 42.28 20.97 -40.77
N SER J 73 42.55 19.68 -40.99
CA SER J 73 41.77 18.87 -41.89
C SER J 73 41.76 17.45 -41.36
N ARG J 74 40.94 16.61 -41.98
CA ARG J 74 40.85 15.22 -41.55
C ARG J 74 40.35 14.36 -42.70
N ASP J 75 40.73 13.09 -42.67
CA ASP J 75 40.29 12.08 -43.63
C ASP J 75 39.67 10.96 -42.80
N ASN J 76 38.35 11.05 -42.59
CA ASN J 76 37.67 10.07 -41.78
C ASN J 76 37.79 8.67 -42.36
N ALA J 77 37.98 8.57 -43.68
CA ALA J 77 38.22 7.28 -44.29
C ALA J 77 39.57 6.70 -43.87
N ARG J 78 40.55 7.57 -43.58
CA ARG J 78 41.89 7.14 -43.23
C ARG J 78 42.16 7.22 -41.73
N ASN J 79 41.16 7.57 -40.92
CA ASN J 79 41.30 7.68 -39.47
C ASN J 79 42.44 8.60 -39.09
N THR J 80 42.57 9.71 -39.82
CA THR J 80 43.71 10.61 -39.65
C THR J 80 43.24 12.06 -39.73
N GLN J 81 43.77 12.89 -38.83
CA GLN J 81 43.60 14.32 -38.90
C GLN J 81 44.96 14.98 -39.13
N TYR J 82 44.93 16.19 -39.69
CA TYR J 82 46.14 16.88 -40.10
C TYR J 82 46.14 18.31 -39.57
N LEU J 83 47.33 18.91 -39.59
CA LEU J 83 47.50 20.33 -39.26
C LEU J 83 48.56 20.89 -40.21
N GLN J 84 48.10 21.59 -41.25
CA GLN J 84 48.98 22.18 -42.24
C GLN J 84 49.43 23.55 -41.75
N MET J 85 50.70 23.64 -41.34
CA MET J 85 51.27 24.88 -40.81
C MET J 85 52.06 25.57 -41.90
N ASP J 86 51.53 26.67 -42.43
CA ASP J 86 52.20 27.45 -43.46
C ASP J 86 52.82 28.70 -42.85
N SER J 87 53.92 29.14 -43.46
CA SER J 87 54.67 30.33 -43.04
C SER J 87 54.91 30.32 -41.53
N LEU J 88 55.72 29.35 -41.11
CA LEU J 88 55.97 29.17 -39.68
C LEU J 88 56.79 30.32 -39.13
N ARG J 89 56.60 30.60 -37.84
CA ARG J 89 57.24 31.71 -37.16
C ARG J 89 57.98 31.20 -35.95
N SER J 90 58.91 32.02 -35.45
CA SER J 90 59.65 31.69 -34.24
C SER J 90 58.76 31.59 -33.01
N GLU J 91 57.48 31.97 -33.12
CA GLU J 91 56.53 31.84 -32.02
C GLU J 91 55.69 30.57 -32.10
N ASP J 92 55.81 29.80 -33.19
CA ASP J 92 55.02 28.60 -33.39
C ASP J 92 55.75 27.34 -32.95
N THR J 93 57.01 27.44 -32.56
CA THR J 93 57.77 26.27 -32.12
C THR J 93 57.29 25.82 -30.76
N ALA J 94 56.82 24.58 -30.67
CA ALA J 94 56.26 24.01 -29.45
C ALA J 94 56.07 22.52 -29.67
N THR J 95 55.63 21.83 -28.62
CA THR J 95 55.23 20.43 -28.74
C THR J 95 53.73 20.39 -29.01
N TYR J 96 53.35 19.83 -30.16
CA TYR J 96 51.97 19.84 -30.62
C TYR J 96 51.31 18.50 -30.29
N TYR J 97 50.22 18.57 -29.52
CA TYR J 97 49.52 17.39 -29.04
C TYR J 97 48.22 17.20 -29.80
N CYS J 98 47.87 15.94 -30.03
CA CYS J 98 46.60 15.57 -30.63
C CYS J 98 45.58 15.32 -29.54
N ALA J 99 44.39 15.89 -29.68
CA ALA J 99 43.37 15.81 -28.65
C ALA J 99 42.02 15.49 -29.26
N ARG J 100 41.23 14.70 -28.54
CA ARG J 100 39.89 14.31 -28.97
C ARG J 100 38.86 14.94 -28.03
N HIS J 101 37.92 15.67 -28.60
CA HIS J 101 36.82 16.21 -27.82
C HIS J 101 36.03 15.07 -27.18
N THR J 102 35.60 15.28 -25.93
CA THR J 102 34.90 14.24 -25.19
C THR J 102 33.64 13.81 -25.91
N GLY J 103 32.76 14.75 -26.18
CA GLY J 103 31.58 14.49 -26.99
C GLY J 103 31.30 15.67 -27.89
N LYS J 104 30.29 16.45 -27.55
CA LYS J 104 30.06 17.75 -28.18
C LYS J 104 30.62 18.89 -27.34
N SER J 105 31.44 18.57 -26.33
CA SER J 105 32.00 19.56 -25.42
C SER J 105 33.38 20.00 -25.89
N SER J 106 34.00 20.89 -25.10
CA SER J 106 35.29 21.48 -25.44
C SER J 106 36.36 21.15 -24.39
N PHE J 107 36.26 19.98 -23.78
CA PHE J 107 37.35 19.37 -23.04
C PHE J 107 37.63 18.01 -23.67
N PHE J 108 38.78 17.43 -23.33
CA PHE J 108 39.39 16.41 -24.18
C PHE J 108 39.52 15.08 -23.44
N ASP J 109 38.90 14.04 -24.01
CA ASP J 109 39.00 12.67 -23.52
C ASP J 109 40.44 12.18 -23.47
N TYR J 110 41.01 11.91 -24.64
CA TYR J 110 42.33 11.33 -24.76
C TYR J 110 43.24 12.30 -25.51
N TRP J 111 44.54 12.11 -25.33
CA TRP J 111 45.53 12.98 -25.94
C TRP J 111 46.51 12.14 -26.75
N GLY J 112 47.27 12.81 -27.60
CA GLY J 112 48.34 12.18 -28.33
C GLY J 112 49.61 12.13 -27.50
N GLN J 113 50.63 11.49 -28.08
CA GLN J 113 51.89 11.34 -27.36
C GLN J 113 52.73 12.62 -27.44
N GLY J 114 52.56 13.40 -28.49
CA GLY J 114 53.24 14.67 -28.65
C GLY J 114 54.24 14.60 -29.79
N VAL J 115 54.29 15.67 -30.59
CA VAL J 115 55.23 15.80 -31.69
C VAL J 115 55.97 17.12 -31.55
N MET J 116 57.26 17.10 -31.85
CA MET J 116 58.13 18.25 -31.64
C MET J 116 58.29 19.04 -32.93
N VAL J 117 58.00 20.34 -32.87
CA VAL J 117 58.20 21.26 -33.99
C VAL J 117 59.05 22.42 -33.50
N THR J 118 60.20 22.63 -34.13
CA THR J 118 61.14 23.67 -33.74
C THR J 118 61.38 24.61 -34.90
N VAL J 119 61.17 25.90 -34.67
CA VAL J 119 61.35 26.96 -35.67
C VAL J 119 62.51 27.84 -35.25
N SER J 120 63.51 27.95 -36.12
CA SER J 120 64.72 28.72 -35.81
C SER J 120 65.41 29.10 -37.10
N SER J 121 66.02 30.29 -37.10
CA SER J 121 66.72 30.81 -38.27
C SER J 121 68.15 30.28 -38.36
N GLY J 122 68.38 29.07 -37.85
CA GLY J 122 69.71 28.49 -37.87
C GLY J 122 70.26 28.17 -36.50
N GLY K 1 -36.17 -40.45 25.67
CA GLY K 1 -36.35 -41.76 26.25
C GLY K 1 -35.92 -42.87 25.34
N SER K 2 -36.04 -42.63 24.03
CA SER K 2 -35.63 -43.58 23.01
C SER K 2 -34.32 -43.13 22.37
N ASP K 3 -33.76 -44.01 21.55
CA ASP K 3 -32.51 -43.72 20.87
C ASP K 3 -32.79 -43.17 19.48
N VAL K 4 -31.97 -42.20 19.06
CA VAL K 4 -32.06 -41.69 17.70
C VAL K 4 -31.61 -42.78 16.75
N GLN K 5 -32.34 -42.97 15.66
CA GLN K 5 -32.05 -44.03 14.70
C GLN K 5 -31.80 -43.43 13.33
N MET K 6 -30.65 -43.74 12.74
CA MET K 6 -30.28 -43.23 11.43
C MET K 6 -30.69 -44.23 10.35
N THR K 7 -31.40 -43.75 9.33
CA THR K 7 -31.84 -44.55 8.21
C THR K 7 -31.10 -44.09 6.95
N GLN K 8 -30.22 -44.92 6.44
CA GLN K 8 -29.43 -44.60 5.27
C GLN K 8 -30.12 -45.13 4.02
N SER K 9 -29.99 -44.38 2.92
CA SER K 9 -30.68 -44.72 1.68
C SER K 9 -29.95 -44.09 0.51
N PRO K 10 -29.74 -44.83 -0.60
CA PRO K 10 -30.13 -46.23 -0.76
C PRO K 10 -29.12 -47.20 -0.16
N SER K 11 -29.44 -48.50 -0.16
CA SER K 11 -28.52 -49.47 0.40
C SER K 11 -27.41 -49.84 -0.59
N TYR K 12 -27.76 -50.00 -1.86
CA TYR K 12 -26.81 -50.38 -2.90
C TYR K 12 -26.89 -49.38 -4.03
N LEU K 13 -25.75 -48.86 -4.47
CA LEU K 13 -25.71 -47.90 -5.56
C LEU K 13 -24.60 -48.27 -6.52
N ALA K 14 -24.91 -48.23 -7.81
CA ALA K 14 -23.97 -48.57 -8.88
C ALA K 14 -23.84 -47.38 -9.81
N ALA K 15 -22.63 -46.83 -9.91
CA ALA K 15 -22.34 -45.66 -10.73
C ALA K 15 -21.05 -45.92 -11.51
N SER K 16 -20.68 -44.94 -12.33
CA SER K 16 -19.50 -45.00 -13.18
C SER K 16 -18.62 -43.80 -12.92
N PRO K 17 -17.32 -43.92 -13.19
CA PRO K 17 -16.42 -42.78 -12.97
C PRO K 17 -16.83 -41.55 -13.76
N GLY K 18 -16.84 -40.40 -13.07
CA GLY K 18 -17.22 -39.13 -13.65
C GLY K 18 -18.60 -38.67 -13.26
N GLU K 19 -19.53 -39.60 -13.03
CA GLU K 19 -20.90 -39.28 -12.68
C GLU K 19 -20.97 -38.61 -11.30
N SER K 20 -22.12 -38.00 -11.03
CA SER K 20 -22.46 -37.46 -9.73
C SER K 20 -23.43 -38.39 -9.02
N VAL K 21 -23.43 -38.35 -7.70
CA VAL K 21 -24.20 -39.29 -6.90
C VAL K 21 -24.47 -38.68 -5.54
N SER K 22 -25.57 -39.10 -4.91
CA SER K 22 -25.97 -38.59 -3.61
C SER K 22 -26.48 -39.73 -2.73
N ILE K 23 -26.29 -39.58 -1.42
CA ILE K 23 -26.72 -40.55 -0.43
C ILE K 23 -27.55 -39.83 0.63
N SER K 24 -28.67 -40.43 1.02
CA SER K 24 -29.57 -39.86 2.01
C SER K 24 -29.39 -40.55 3.36
N CYS K 25 -29.43 -39.76 4.42
CA CYS K 25 -29.34 -40.27 5.79
C CYS K 25 -30.38 -39.53 6.63
N LYS K 26 -31.43 -40.25 7.06
CA LYS K 26 -32.52 -39.67 7.81
C LYS K 26 -32.46 -40.11 9.28
N ALA K 27 -32.86 -39.21 10.17
CA ALA K 27 -32.88 -39.47 11.60
C ALA K 27 -34.30 -39.47 12.13
N THR K 28 -34.57 -40.37 13.08
CA THR K 28 -35.90 -40.41 13.70
C THR K 28 -36.16 -39.18 14.55
N GLU K 29 -35.16 -38.74 15.31
CA GLU K 29 -35.26 -37.56 16.15
C GLU K 29 -34.37 -36.46 15.60
N ASN K 30 -34.51 -35.27 16.17
CA ASN K 30 -33.68 -34.15 15.76
C ASN K 30 -32.24 -34.37 16.20
N ILE K 31 -31.30 -34.08 15.29
CA ILE K 31 -29.88 -34.19 15.60
C ILE K 31 -29.19 -32.88 15.25
N ASN K 32 -29.99 -31.83 15.04
CA ASN K 32 -29.50 -30.51 14.63
C ASN K 32 -28.73 -30.69 13.33
N THR K 33 -27.47 -30.27 13.23
CA THR K 33 -26.66 -30.48 12.04
C THR K 33 -25.48 -31.40 12.31
N TYR K 34 -25.49 -32.12 13.43
CA TYR K 34 -24.33 -32.92 13.85
C TYR K 34 -24.47 -34.33 13.27
N LEU K 35 -24.05 -34.46 12.02
CA LEU K 35 -23.96 -35.75 11.35
C LEU K 35 -22.58 -35.90 10.73
N ALA K 36 -21.93 -37.02 11.02
CA ALA K 36 -20.63 -37.34 10.45
C ALA K 36 -20.78 -38.41 9.38
N TRP K 37 -19.86 -38.40 8.41
CA TRP K 37 -19.84 -39.39 7.34
C TRP K 37 -18.50 -40.11 7.36
N TYR K 38 -18.55 -41.43 7.20
CA TYR K 38 -17.36 -42.25 7.20
C TYR K 38 -17.24 -43.00 5.87
N GLN K 39 -15.99 -43.27 5.48
CA GLN K 39 -15.70 -44.03 4.26
C GLN K 39 -14.97 -45.30 4.65
N ALA K 40 -15.59 -46.45 4.37
CA ALA K 40 -15.06 -47.74 4.77
C ALA K 40 -14.70 -48.54 3.52
N LYS K 41 -13.43 -48.92 3.42
CA LYS K 41 -12.94 -49.73 2.31
C LYS K 41 -12.49 -51.09 2.80
N PRO K 42 -12.57 -52.12 1.94
CA PRO K 42 -12.16 -53.47 2.38
C PRO K 42 -10.71 -53.53 2.82
N GLY K 43 -9.79 -52.92 2.06
CA GLY K 43 -8.39 -53.00 2.37
C GLY K 43 -7.92 -51.96 3.36
N LYS K 44 -8.24 -50.69 3.11
CA LYS K 44 -7.75 -49.60 3.94
C LYS K 44 -8.60 -49.49 5.20
N THR K 45 -8.20 -48.56 6.07
CA THR K 45 -8.90 -48.29 7.31
C THR K 45 -10.02 -47.27 7.07
N THR K 46 -10.96 -47.22 8.01
CA THR K 46 -12.09 -46.32 7.87
C THR K 46 -11.62 -44.87 7.98
N LYS K 47 -12.16 -44.01 7.11
CA LYS K 47 -11.76 -42.62 7.00
C LYS K 47 -12.94 -41.72 7.34
N LEU K 48 -12.66 -40.61 8.00
CA LEU K 48 -13.67 -39.61 8.31
C LEU K 48 -13.80 -38.64 7.14
N LEU K 49 -14.98 -38.62 6.53
CA LEU K 49 -15.24 -37.72 5.39
C LEU K 49 -15.69 -36.36 5.89
N LEU K 50 -16.87 -36.29 6.50
CA LEU K 50 -17.46 -35.04 6.95
C LEU K 50 -17.83 -35.15 8.42
N TYR K 51 -17.99 -33.99 9.05
CA TYR K 51 -18.60 -33.90 10.36
C TYR K 51 -19.38 -32.60 10.43
N SER K 52 -20.32 -32.55 11.38
CA SER K 52 -21.21 -31.41 11.54
C SER K 52 -21.94 -31.11 10.22
N GLY K 53 -22.35 -32.17 9.53
CA GLY K 53 -23.17 -32.05 8.35
C GLY K 53 -22.46 -31.59 7.09
N SER K 54 -21.54 -30.62 7.22
CA SER K 54 -20.95 -30.00 6.04
C SER K 54 -19.45 -29.73 6.13
N THR K 55 -18.83 -29.90 7.29
CA THR K 55 -17.42 -29.55 7.46
C THR K 55 -16.53 -30.68 6.95
N LEU K 56 -15.74 -30.41 5.92
CA LEU K 56 -14.82 -31.39 5.39
C LEU K 56 -13.71 -31.69 6.40
N GLN K 57 -13.36 -32.97 6.51
CA GLN K 57 -12.24 -33.37 7.36
C GLN K 57 -10.93 -33.13 6.62
N SER K 58 -9.90 -32.75 7.38
CA SER K 58 -8.57 -32.50 6.83
C SER K 58 -8.09 -33.67 5.97
N GLY K 59 -8.00 -33.46 4.67
CA GLY K 59 -7.60 -34.49 3.74
C GLY K 59 -8.72 -35.01 2.85
N THR K 60 -9.96 -34.64 3.11
CA THR K 60 -11.07 -35.08 2.27
C THR K 60 -11.14 -34.24 1.01
N PRO K 61 -11.25 -34.85 -0.17
CA PRO K 61 -11.29 -34.08 -1.42
C PRO K 61 -12.47 -33.12 -1.46
N SER K 62 -12.34 -32.10 -2.31
CA SER K 62 -13.36 -31.06 -2.40
C SER K 62 -14.62 -31.53 -3.10
N ARG K 63 -14.56 -32.67 -3.82
CA ARG K 63 -15.75 -33.18 -4.48
C ARG K 63 -16.78 -33.74 -3.52
N PHE K 64 -16.43 -33.92 -2.24
CA PHE K 64 -17.38 -34.34 -1.22
C PHE K 64 -18.05 -33.13 -0.60
N SER K 65 -19.37 -33.25 -0.40
CA SER K 65 -20.15 -32.15 0.16
C SER K 65 -21.37 -32.72 0.86
N GLY K 66 -21.65 -32.23 2.06
CA GLY K 66 -22.80 -32.67 2.82
C GLY K 66 -23.74 -31.56 3.21
N SER K 67 -25.04 -31.76 3.01
CA SER K 67 -26.06 -30.81 3.42
C SER K 67 -27.10 -31.53 4.27
N GLY K 68 -27.64 -30.84 5.27
CA GLY K 68 -28.61 -31.46 6.15
C GLY K 68 -29.26 -30.50 7.11
N SER K 69 -30.59 -30.56 7.21
CA SER K 69 -31.34 -29.66 8.07
C SER K 69 -31.31 -30.15 9.51
N GLY K 70 -32.24 -31.03 9.88
CA GLY K 70 -32.33 -31.51 11.24
C GLY K 70 -32.52 -33.02 11.31
N THR K 71 -33.34 -33.56 10.42
CA THR K 71 -33.54 -35.00 10.33
C THR K 71 -33.33 -35.55 8.93
N ASP K 72 -32.93 -34.71 7.97
CA ASP K 72 -32.78 -35.10 6.58
C ASP K 72 -31.45 -34.57 6.08
N PHE K 73 -30.52 -35.47 5.78
CA PHE K 73 -29.17 -35.13 5.36
C PHE K 73 -28.83 -35.79 4.04
N THR K 74 -27.91 -35.18 3.30
CA THR K 74 -27.49 -35.72 2.00
C THR K 74 -25.97 -35.61 1.88
N LEU K 75 -25.35 -36.71 1.45
CA LEU K 75 -23.95 -36.73 1.04
C LEU K 75 -23.88 -36.71 -0.48
N THR K 76 -22.93 -35.96 -1.03
CA THR K 76 -22.85 -35.76 -2.47
C THR K 76 -21.40 -35.88 -2.93
N ILE K 77 -21.15 -36.83 -3.83
CA ILE K 77 -19.86 -36.98 -4.49
C ILE K 77 -19.96 -36.36 -5.88
N SER K 78 -19.16 -35.34 -6.14
CA SER K 78 -19.28 -34.57 -7.38
C SER K 78 -18.73 -35.33 -8.58
N SER K 79 -17.42 -35.28 -8.79
CA SER K 79 -16.77 -35.96 -9.90
C SER K 79 -16.28 -37.30 -9.38
N LEU K 80 -17.07 -38.35 -9.62
CA LEU K 80 -16.78 -39.66 -9.05
C LEU K 80 -15.49 -40.23 -9.66
N GLU K 81 -14.54 -40.58 -8.80
CA GLU K 81 -13.27 -41.21 -9.16
C GLU K 81 -13.25 -42.66 -8.72
N PRO K 82 -12.44 -43.51 -9.36
CA PRO K 82 -12.38 -44.93 -8.94
C PRO K 82 -12.01 -45.11 -7.49
N GLU K 83 -11.22 -44.20 -6.92
CA GLU K 83 -10.87 -44.28 -5.50
C GLU K 83 -12.08 -44.03 -4.60
N ASP K 84 -13.14 -43.41 -5.13
CA ASP K 84 -14.33 -43.09 -4.33
C ASP K 84 -15.36 -44.22 -4.33
N PHE K 85 -14.93 -45.46 -4.47
CA PHE K 85 -15.81 -46.63 -4.41
C PHE K 85 -15.59 -47.34 -3.09
N ALA K 86 -16.58 -47.25 -2.19
CA ALA K 86 -16.46 -47.85 -0.87
C ALA K 86 -17.85 -47.96 -0.26
N VAL K 87 -17.90 -48.24 1.04
CA VAL K 87 -19.14 -48.28 1.81
C VAL K 87 -19.14 -47.10 2.75
N TYR K 88 -20.25 -46.36 2.79
CA TYR K 88 -20.35 -45.13 3.56
C TYR K 88 -21.34 -45.26 4.69
N TYR K 89 -20.97 -44.76 5.87
CA TYR K 89 -21.80 -44.80 7.06
C TYR K 89 -21.98 -43.39 7.59
N CYS K 90 -23.21 -43.04 7.96
CA CYS K 90 -23.50 -41.77 8.62
C CYS K 90 -23.71 -42.00 10.11
N GLN K 91 -23.21 -41.06 10.91
CA GLN K 91 -23.31 -41.14 12.37
C GLN K 91 -23.64 -39.77 12.93
N GLN K 92 -24.65 -39.71 13.80
CA GLN K 92 -24.98 -38.47 14.48
C GLN K 92 -24.10 -38.30 15.71
N HIS K 93 -23.61 -37.08 15.91
CA HIS K 93 -22.84 -36.76 17.11
C HIS K 93 -23.51 -35.62 17.87
N ASN K 94 -24.82 -35.70 18.03
CA ASN K 94 -25.58 -34.67 18.75
C ASN K 94 -25.92 -35.07 20.17
N GLU K 95 -25.98 -36.38 20.46
CA GLU K 95 -26.27 -36.83 21.81
C GLU K 95 -25.84 -38.30 21.94
N TYR K 96 -25.68 -38.74 23.19
CA TYR K 96 -25.37 -40.13 23.46
C TYR K 96 -26.65 -40.91 23.73
N PRO K 97 -26.73 -42.18 23.31
CA PRO K 97 -25.67 -42.94 22.65
C PRO K 97 -25.48 -42.57 21.18
N LEU K 98 -24.25 -42.63 20.71
CA LEU K 98 -23.97 -42.38 19.31
C LEU K 98 -24.62 -43.45 18.44
N THR K 99 -25.12 -43.03 17.28
CA THR K 99 -25.89 -43.92 16.41
C THR K 99 -25.36 -43.84 14.99
N PHE K 100 -25.09 -44.99 14.39
CA PHE K 100 -24.66 -45.08 13.00
C PHE K 100 -25.83 -45.48 12.12
N GLY K 101 -25.56 -45.61 10.83
CA GLY K 101 -26.54 -46.06 9.85
C GLY K 101 -26.26 -47.47 9.38
N SER K 102 -27.24 -48.02 8.66
CA SER K 102 -27.09 -49.35 8.10
C SER K 102 -25.90 -49.41 7.15
N GLY K 103 -25.77 -48.42 6.28
CA GLY K 103 -24.66 -48.34 5.36
C GLY K 103 -25.12 -48.21 3.91
N THR K 104 -24.27 -47.59 3.10
CA THR K 104 -24.53 -47.44 1.67
C THR K 104 -23.25 -47.77 0.91
N LYS K 105 -23.32 -48.82 0.09
CA LYS K 105 -22.16 -49.27 -0.68
C LYS K 105 -22.22 -48.73 -2.10
N LEU K 106 -21.11 -48.13 -2.54
CA LEU K 106 -21.01 -47.53 -3.88
C LEU K 106 -20.07 -48.39 -4.71
N GLU K 107 -20.65 -49.24 -5.57
CA GLU K 107 -19.90 -50.14 -6.42
C GLU K 107 -19.82 -49.58 -7.85
N ILE K 108 -18.96 -50.21 -8.65
CA ILE K 108 -18.80 -49.84 -10.06
C ILE K 108 -19.72 -50.71 -10.91
N LYS K 109 -20.50 -50.05 -11.77
CA LYS K 109 -21.39 -50.75 -12.70
C LYS K 109 -20.71 -50.89 -14.07
N SER L 2 4.00 -39.11 14.77
CA SER L 2 4.37 -40.03 13.71
C SER L 2 3.12 -40.48 12.95
N GLU L 3 2.91 -41.79 12.85
CA GLU L 3 1.74 -42.36 12.19
C GLU L 3 0.84 -43.07 13.20
N VAL L 4 -0.44 -42.76 13.17
CA VAL L 4 -1.40 -43.34 14.09
C VAL L 4 -1.86 -44.69 13.56
N GLU L 5 -1.90 -45.70 14.45
CA GLU L 5 -2.40 -47.03 14.11
C GLU L 5 -3.00 -47.65 15.36
N LEU L 6 -4.13 -48.35 15.19
CA LEU L 6 -4.83 -49.02 16.28
C LEU L 6 -5.05 -50.48 15.94
N VAL L 7 -4.72 -51.37 16.89
CA VAL L 7 -4.82 -52.81 16.71
C VAL L 7 -5.52 -53.42 17.91
N GLU L 8 -6.58 -54.18 17.66
CA GLU L 8 -7.29 -54.93 18.69
C GLU L 8 -6.84 -56.40 18.66
N SER L 9 -7.11 -57.11 19.76
CA SER L 9 -6.53 -58.45 19.90
C SER L 9 -7.36 -59.43 20.72
N GLY L 10 -8.28 -58.94 21.54
CA GLY L 10 -8.90 -59.81 22.54
C GLY L 10 -10.04 -60.68 22.10
N GLY L 11 -10.15 -60.97 20.81
CA GLY L 11 -11.28 -61.73 20.30
C GLY L 11 -11.11 -63.24 20.49
N ASP L 12 -12.26 -63.92 20.55
CA ASP L 12 -12.30 -65.37 20.74
C ASP L 12 -13.76 -65.81 20.61
N LEU L 13 -13.95 -67.13 20.55
CA LEU L 13 -15.27 -67.75 20.61
C LEU L 13 -15.54 -68.20 22.04
N VAL L 14 -16.66 -67.75 22.61
CA VAL L 14 -16.96 -67.99 24.01
C VAL L 14 -18.45 -68.32 24.16
N GLN L 15 -18.77 -69.11 25.18
CA GLN L 15 -20.16 -69.43 25.50
C GLN L 15 -20.81 -68.28 26.28
N PRO L 16 -22.14 -68.17 26.20
CA PRO L 16 -22.83 -67.08 26.90
C PRO L 16 -22.62 -67.13 28.40
N GLY L 17 -22.61 -65.94 29.01
CA GLY L 17 -22.40 -65.77 30.42
C GLY L 17 -20.96 -65.77 30.88
N ARG L 18 -20.00 -66.00 29.98
CA ARG L 18 -18.61 -66.03 30.35
C ARG L 18 -17.98 -64.64 30.17
N SER L 19 -16.67 -64.56 30.24
CA SER L 19 -15.96 -63.29 30.18
C SER L 19 -14.99 -63.29 29.00
N LEU L 20 -14.54 -62.07 28.65
CA LEU L 20 -13.62 -61.85 27.55
C LEU L 20 -13.13 -60.40 27.59
N LYS L 21 -11.83 -60.19 27.51
CA LYS L 21 -11.24 -58.87 27.66
C LYS L 21 -10.56 -58.46 26.36
N LEU L 22 -11.02 -57.37 25.77
CA LEU L 22 -10.42 -56.82 24.57
C LEU L 22 -9.29 -55.85 24.94
N SER L 23 -8.42 -55.60 23.98
CA SER L 23 -7.26 -54.75 24.20
C SER L 23 -6.90 -54.06 22.90
N CYS L 24 -6.67 -52.74 22.97
CA CYS L 24 -6.36 -51.94 21.79
C CYS L 24 -5.06 -51.17 22.04
N ALA L 25 -4.06 -51.43 21.21
CA ALA L 25 -2.76 -50.77 21.31
C ALA L 25 -2.71 -49.58 20.34
N ALA L 26 -2.12 -48.48 20.81
CA ALA L 26 -2.10 -47.23 20.07
C ALA L 26 -0.68 -46.69 19.98
N SER L 27 -0.41 -45.98 18.88
CA SER L 27 0.86 -45.30 18.68
C SER L 27 0.65 -44.20 17.64
N GLY L 28 1.58 -43.25 17.61
CA GLY L 28 1.52 -42.16 16.66
C GLY L 28 0.92 -40.88 17.19
N PHE L 29 0.58 -40.82 18.48
CA PHE L 29 0.01 -39.62 19.07
C PHE L 29 0.15 -39.73 20.59
N THR L 30 -0.12 -38.63 21.27
CA THR L 30 -0.12 -38.63 22.73
C THR L 30 -1.38 -39.33 23.21
N PHE L 31 -1.21 -40.55 23.75
CA PHE L 31 -2.36 -41.37 24.11
C PHE L 31 -3.14 -40.75 25.27
N SER L 32 -2.42 -40.16 26.24
CA SER L 32 -3.04 -39.61 27.43
C SER L 32 -3.71 -38.25 27.21
N ASN L 33 -4.02 -37.91 25.96
CA ASN L 33 -4.63 -36.63 25.63
C ASN L 33 -5.95 -36.74 24.90
N LEU L 34 -6.34 -37.94 24.44
CA LEU L 34 -7.53 -38.11 23.63
C LEU L 34 -8.42 -39.20 24.22
N ALA L 35 -9.73 -39.02 24.04
CA ALA L 35 -10.69 -40.01 24.46
C ALA L 35 -10.78 -41.14 23.44
N MET L 36 -10.95 -42.36 23.93
CA MET L 36 -11.05 -43.55 23.10
C MET L 36 -12.45 -44.16 23.23
N ALA L 37 -12.78 -45.03 22.27
CA ALA L 37 -14.12 -45.61 22.23
C ALA L 37 -14.06 -47.00 21.62
N TRP L 38 -15.16 -47.74 21.81
CA TRP L 38 -15.34 -49.06 21.24
C TRP L 38 -16.64 -49.07 20.44
N VAL L 39 -16.56 -49.55 19.20
CA VAL L 39 -17.70 -49.67 18.31
C VAL L 39 -17.76 -51.11 17.81
N ARG L 40 -18.98 -51.64 17.69
CA ARG L 40 -19.17 -53.02 17.23
C ARG L 40 -20.13 -53.04 16.06
N GLN L 41 -19.90 -54.00 15.15
CA GLN L 41 -20.72 -54.19 13.96
C GLN L 41 -21.53 -55.46 14.15
N THR L 42 -22.83 -55.31 14.43
CA THR L 42 -23.69 -56.44 14.73
C THR L 42 -24.15 -57.12 13.44
N PRO L 43 -24.22 -58.46 13.42
CA PRO L 43 -24.73 -59.14 12.23
C PRO L 43 -26.14 -58.72 11.83
N THR L 44 -26.98 -58.34 12.78
CA THR L 44 -28.35 -57.92 12.49
C THR L 44 -28.60 -56.46 12.81
N LYS L 45 -28.29 -56.01 14.03
CA LYS L 45 -28.58 -54.62 14.43
C LYS L 45 -27.52 -53.63 14.00
N GLY L 46 -26.93 -53.82 12.82
CA GLY L 46 -26.07 -52.79 12.24
C GLY L 46 -24.86 -52.45 13.10
N LEU L 47 -24.62 -51.15 13.24
CA LEU L 47 -23.44 -50.62 13.92
C LEU L 47 -23.86 -49.97 15.23
N GLU L 48 -23.16 -50.32 16.31
CA GLU L 48 -23.50 -49.84 17.65
C GLU L 48 -22.28 -49.26 18.32
N TRP L 49 -22.41 -48.04 18.83
CA TRP L 49 -21.41 -47.50 19.75
C TRP L 49 -21.54 -48.19 21.09
N VAL L 50 -20.43 -48.71 21.62
CA VAL L 50 -20.47 -49.51 22.83
C VAL L 50 -20.13 -48.67 24.05
N ALA L 51 -18.95 -48.05 24.04
CA ALA L 51 -18.50 -47.30 25.20
C ALA L 51 -17.43 -46.30 24.80
N SER L 52 -17.27 -45.26 25.62
CA SER L 52 -16.20 -44.28 25.46
C SER L 52 -15.60 -44.00 26.83
N ILE L 53 -14.34 -43.54 26.83
CA ILE L 53 -13.62 -43.30 28.07
C ILE L 53 -12.85 -41.98 27.95
N SER L 54 -12.77 -41.25 29.06
CA SER L 54 -12.04 -39.99 29.10
C SER L 54 -10.54 -40.20 28.91
N PRO L 55 -9.79 -39.14 28.58
CA PRO L 55 -8.34 -39.30 28.41
C PRO L 55 -7.62 -39.87 29.62
N ALA L 56 -7.94 -39.43 30.82
CA ALA L 56 -7.34 -39.99 32.03
C ALA L 56 -8.08 -41.20 32.56
N GLY L 57 -9.25 -41.52 32.01
CA GLY L 57 -10.00 -42.69 32.39
C GLY L 57 -10.94 -42.51 33.56
N ILE L 58 -11.08 -41.30 34.10
CA ILE L 58 -11.95 -41.10 35.25
C ILE L 58 -13.41 -41.13 34.84
N THR L 59 -13.73 -40.61 33.67
CA THR L 59 -15.11 -40.52 33.18
C THR L 59 -15.30 -41.52 32.06
N THR L 60 -16.34 -42.35 32.17
CA THR L 60 -16.64 -43.39 31.20
C THR L 60 -18.11 -43.31 30.80
N TYR L 61 -18.37 -43.48 29.51
CA TYR L 61 -19.73 -43.55 28.98
C TYR L 61 -19.98 -44.97 28.47
N TYR L 62 -21.16 -45.51 28.80
CA TYR L 62 -21.55 -46.84 28.35
C TYR L 62 -22.93 -46.77 27.71
N ARG L 63 -23.18 -47.68 26.77
CA ARG L 63 -24.52 -47.82 26.24
C ARG L 63 -25.38 -48.67 27.17
N ASP L 64 -26.70 -48.47 27.09
CA ASP L 64 -27.61 -49.11 28.04
C ASP L 64 -27.51 -50.63 27.97
N SER L 65 -27.43 -51.19 26.76
CA SER L 65 -27.46 -52.64 26.60
C SER L 65 -26.23 -53.32 27.20
N VAL L 66 -25.14 -52.59 27.40
CA VAL L 66 -23.93 -53.16 27.97
C VAL L 66 -23.61 -52.58 29.34
N LYS L 67 -24.37 -51.59 29.82
CA LYS L 67 -24.12 -51.00 31.12
C LYS L 67 -24.26 -52.04 32.23
N GLY L 68 -23.23 -52.14 33.07
CA GLY L 68 -23.20 -53.08 34.16
C GLY L 68 -22.38 -54.32 33.88
N ARG L 69 -22.28 -54.71 32.61
CA ARG L 69 -21.52 -55.89 32.20
C ARG L 69 -20.18 -55.54 31.58
N PHE L 70 -20.14 -54.55 30.70
CA PHE L 70 -18.90 -54.14 30.06
C PHE L 70 -18.21 -53.07 30.89
N THR L 71 -16.87 -53.11 30.89
CA THR L 71 -16.07 -52.13 31.59
C THR L 71 -14.96 -51.66 30.65
N ILE L 72 -14.88 -50.35 30.43
CA ILE L 72 -13.85 -49.75 29.61
C ILE L 72 -12.78 -49.14 30.52
N SER L 73 -11.52 -49.37 30.17
CA SER L 73 -10.41 -48.88 30.97
C SER L 73 -9.25 -48.58 30.03
N ARG L 74 -8.20 -47.96 30.58
CA ARG L 74 -7.04 -47.61 29.79
C ARG L 74 -5.83 -47.47 30.70
N ASP L 75 -4.66 -47.71 30.13
CA ASP L 75 -3.37 -47.54 30.80
C ASP L 75 -2.55 -46.60 29.92
N ASN L 76 -2.64 -45.30 30.20
CA ASN L 76 -1.92 -44.30 29.41
C ASN L 76 -0.42 -44.50 29.44
N ALA L 77 0.11 -45.13 30.49
CA ALA L 77 1.53 -45.41 30.53
C ALA L 77 1.94 -46.42 29.46
N ARG L 78 1.06 -47.35 29.12
CA ARG L 78 1.33 -48.37 28.12
C ARG L 78 0.63 -48.11 26.80
N ASN L 79 -0.02 -46.96 26.65
CA ASN L 79 -0.69 -46.58 25.40
C ASN L 79 -1.72 -47.63 24.98
N THR L 80 -2.48 -48.14 25.95
CA THR L 80 -3.40 -49.23 25.70
C THR L 80 -4.73 -48.96 26.39
N GLN L 81 -5.82 -49.22 25.69
CA GLN L 81 -7.15 -49.22 26.28
C GLN L 81 -7.72 -50.63 26.22
N TYR L 82 -8.68 -50.90 27.11
CA TYR L 82 -9.23 -52.23 27.27
C TYR L 82 -10.75 -52.17 27.26
N LEU L 83 -11.37 -53.34 27.05
CA LEU L 83 -12.82 -53.49 27.13
C LEU L 83 -13.11 -54.85 27.77
N GLN L 84 -13.40 -54.83 29.07
CA GLN L 84 -13.68 -56.04 29.83
C GLN L 84 -15.16 -56.39 29.65
N MET L 85 -15.45 -57.42 28.88
CA MET L 85 -16.81 -57.84 28.59
C MET L 85 -17.16 -59.03 29.48
N ASP L 86 -17.99 -58.80 30.49
CA ASP L 86 -18.42 -59.83 31.41
C ASP L 86 -19.85 -60.26 31.11
N SER L 87 -20.15 -61.52 31.43
CA SER L 87 -21.48 -62.12 31.23
C SER L 87 -22.00 -61.83 29.81
N LEU L 88 -21.31 -62.42 28.84
CA LEU L 88 -21.61 -62.17 27.45
C LEU L 88 -22.93 -62.82 27.05
N ARG L 89 -23.58 -62.23 26.05
CA ARG L 89 -24.88 -62.65 25.57
C ARG L 89 -24.82 -63.01 24.09
N SER L 90 -25.83 -63.74 23.64
CA SER L 90 -25.93 -64.11 22.23
C SER L 90 -26.09 -62.89 21.33
N GLU L 91 -26.36 -61.71 21.88
CA GLU L 91 -26.44 -60.49 21.10
C GLU L 91 -25.13 -59.71 21.06
N ASP L 92 -24.23 -59.95 22.02
CA ASP L 92 -22.95 -59.26 22.07
C ASP L 92 -22.00 -59.71 20.96
N THR L 93 -22.38 -60.68 20.14
CA THR L 93 -21.51 -61.16 19.07
C THR L 93 -21.44 -60.12 17.96
N ALA L 94 -20.23 -59.64 17.67
CA ALA L 94 -20.02 -58.61 16.66
C ALA L 94 -18.52 -58.47 16.42
N THR L 95 -18.16 -57.65 15.45
CA THR L 95 -16.78 -57.25 15.24
C THR L 95 -16.53 -55.95 15.99
N TYR L 96 -15.61 -55.99 16.94
CA TYR L 96 -15.39 -54.86 17.84
C TYR L 96 -14.21 -54.03 17.34
N TYR L 97 -14.48 -52.75 17.07
CA TYR L 97 -13.49 -51.85 16.50
C TYR L 97 -13.00 -50.85 17.55
N CYS L 98 -11.72 -50.52 17.46
CA CYS L 98 -11.12 -49.49 18.31
C CYS L 98 -11.20 -48.15 17.57
N ALA L 99 -11.65 -47.12 18.28
CA ALA L 99 -11.87 -45.81 17.66
C ALA L 99 -11.30 -44.73 18.56
N ARG L 100 -10.78 -43.68 17.93
CA ARG L 100 -10.21 -42.53 18.63
C ARG L 100 -11.08 -41.31 18.37
N HIS L 101 -11.55 -40.67 19.44
CA HIS L 101 -12.26 -39.41 19.31
C HIS L 101 -11.35 -38.37 18.68
N THR L 102 -11.92 -37.55 17.80
CA THR L 102 -11.11 -36.55 17.09
C THR L 102 -10.44 -35.59 18.05
N GLY L 103 -11.23 -34.92 18.87
CA GLY L 103 -10.71 -34.07 19.93
C GLY L 103 -11.58 -34.20 21.16
N LYS L 104 -12.39 -33.18 21.41
CA LYS L 104 -13.46 -33.25 22.40
C LYS L 104 -14.80 -33.57 21.76
N SER L 105 -14.80 -34.02 20.51
CA SER L 105 -16.02 -34.31 19.77
C SER L 105 -16.37 -35.80 19.90
N SER L 106 -17.47 -36.19 19.26
CA SER L 106 -17.97 -37.56 19.32
C SER L 106 -18.04 -38.21 17.94
N PHE L 107 -17.12 -37.84 17.06
CA PHE L 107 -16.82 -38.58 15.85
C PHE L 107 -15.35 -38.95 15.87
N PHE L 108 -14.95 -39.87 15.01
CA PHE L 108 -13.73 -40.65 15.21
C PHE L 108 -12.75 -40.42 14.09
N ASP L 109 -11.55 -39.95 14.45
CA ASP L 109 -10.43 -39.77 13.52
C ASP L 109 -10.07 -41.06 12.81
N TYR L 110 -9.41 -41.97 13.52
CA TYR L 110 -8.92 -43.22 12.96
C TYR L 110 -9.56 -44.41 13.67
N TRP L 111 -9.54 -45.55 12.99
CA TRP L 111 -10.15 -46.77 13.47
C TRP L 111 -9.13 -47.89 13.49
N GLY L 112 -9.46 -48.97 14.21
CA GLY L 112 -8.70 -50.20 14.15
C GLY L 112 -9.17 -51.07 13.00
N GLN L 113 -8.48 -52.19 12.83
CA GLN L 113 -8.83 -53.10 11.74
C GLN L 113 -10.03 -53.98 12.10
N GLY L 114 -10.22 -54.25 13.37
CA GLY L 114 -11.38 -55.02 13.81
C GLY L 114 -11.01 -56.38 14.37
N VAL L 115 -11.67 -56.76 15.46
CA VAL L 115 -11.48 -58.05 16.09
C VAL L 115 -12.84 -58.72 16.23
N MET L 116 -12.88 -60.04 16.02
CA MET L 116 -14.12 -60.80 16.02
C MET L 116 -14.36 -61.43 17.39
N VAL L 117 -15.54 -61.20 17.94
CA VAL L 117 -15.98 -61.82 19.19
C VAL L 117 -17.30 -62.52 18.90
N THR L 118 -17.34 -63.83 19.13
CA THR L 118 -18.52 -64.64 18.87
C THR L 118 -18.98 -65.32 20.14
N VAL L 119 -20.23 -65.09 20.51
CA VAL L 119 -20.86 -65.67 21.70
C VAL L 119 -21.96 -66.63 21.22
N SER L 120 -21.86 -67.89 21.63
CA SER L 120 -22.83 -68.88 21.18
C SER L 120 -22.80 -70.07 22.12
N SER L 121 -23.98 -70.66 22.31
CA SER L 121 -24.15 -71.83 23.20
C SER L 121 -23.78 -73.09 22.42
N GLY L 122 -22.52 -73.49 22.54
CA GLY L 122 -22.02 -74.66 21.85
C GLY L 122 -21.90 -74.47 20.36
C1 MPD M . 5.14 57.65 -20.32
C2 MPD M . 6.07 58.60 -19.55
O2 MPD M . 7.04 57.80 -18.81
CM MPD M . 6.82 59.50 -20.52
C3 MPD M . 5.27 59.46 -18.58
C4 MPD M . 4.73 58.65 -17.40
O4 MPD M . 5.60 57.58 -17.12
C5 MPD M . 4.61 59.54 -16.16
C1 MPD N . 14.23 57.60 -26.10
C2 MPD N . 14.04 56.12 -25.75
O2 MPD N . 14.25 55.93 -24.33
CM MPD N . 12.61 55.73 -26.09
C3 MPD N . 15.02 55.22 -26.50
C4 MPD N . 16.04 55.99 -27.33
O4 MPD N . 17.29 56.02 -26.67
C5 MPD N . 16.19 55.33 -28.69
C1 MPD O . 18.09 53.21 -14.11
C2 MPD O . 17.28 52.94 -15.37
O2 MPD O . 18.14 53.10 -16.52
CM MPD O . 16.76 51.51 -15.37
C3 MPD O . 16.11 53.92 -15.47
C4 MPD O . 16.50 55.26 -16.09
O4 MPD O . 17.49 55.08 -17.07
C5 MPD O . 15.30 55.95 -16.71
C1 MPD P . -52.82 -12.39 36.47
C2 MPD P . -54.06 -11.52 36.64
O2 MPD P . -55.17 -12.40 36.93
CM MPD P . -53.87 -10.56 37.81
C3 MPD P . -54.35 -10.75 35.36
C4 MPD P . -55.55 -9.82 35.52
O4 MPD P . -55.31 -8.62 34.82
C5 MPD P . -56.86 -10.44 35.01
C1 MPD Q . -51.25 -21.75 27.33
C2 MPD Q . -50.69 -20.34 27.35
O2 MPD Q . -49.47 -20.31 28.13
CM MPD Q . -50.35 -19.92 25.93
C3 MPD Q . -51.70 -19.36 27.93
C4 MPD Q . -52.49 -19.95 29.10
O4 MPD Q . -51.75 -19.85 30.29
C5 MPD Q . -53.82 -19.23 29.24
C1 MPD R . -49.63 -22.16 38.97
C2 MPD R . -49.94 -20.79 38.37
O2 MPD R . -51.13 -20.26 39.00
CM MPD R . -48.79 -19.83 38.62
C3 MPD R . -50.21 -20.92 36.87
C4 MPD R . -51.68 -21.23 36.61
O4 MPD R . -52.39 -20.02 36.45
C5 MPD R . -51.83 -22.08 35.36
C1 MPD S . -65.26 -35.85 33.81
C2 MPD S . -66.78 -35.71 33.79
O2 MPD S . -67.23 -35.66 32.41
CM MPD S . -67.42 -36.92 34.47
C3 MPD S . -67.20 -34.42 34.50
C4 MPD S . -67.08 -33.22 33.57
O4 MPD S . -68.38 -32.75 33.25
C5 MPD S . -66.28 -32.10 34.23
#